data_6C8O
# 
_entry.id   6C8O 
# 
_audit_conform.dict_name       mmcif_pdbx.dic 
_audit_conform.dict_version    5.379 
_audit_conform.dict_location   http://mmcif.pdb.org/dictionaries/ascii/mmcif_pdbx.dic 
# 
loop_
_database_2.database_id 
_database_2.database_code 
_database_2.pdbx_database_accession 
_database_2.pdbx_DOI 
PDB   6C8O         pdb_00006c8o 10.2210/pdb6c8o/pdb 
WWPDB D_1000232285 ?            ?                   
# 
_pdbx_database_status.status_code                     REL 
_pdbx_database_status.status_code_sf                  REL 
_pdbx_database_status.status_code_mr                  ? 
_pdbx_database_status.entry_id                        6C8O 
_pdbx_database_status.recvd_initial_deposition_date   2018-01-25 
_pdbx_database_status.SG_entry                        N 
_pdbx_database_status.deposit_site                    RCSB 
_pdbx_database_status.process_site                    RCSB 
_pdbx_database_status.status_code_cs                  ? 
_pdbx_database_status.methods_development_category    ? 
_pdbx_database_status.pdb_format_compatible           Y 
_pdbx_database_status.status_code_nmr_data            ? 
# 
loop_
_audit_author.name 
_audit_author.pdbx_ordinal 
_audit_author.identifier_ORCID 
'Zhang, W.'     1 ? 
'Szostak, J.W.' 2 ? 
# 
_citation.abstract                  ? 
_citation.abstract_id_CAS           ? 
_citation.book_id_ISBN              ? 
_citation.book_publisher            ? 
_citation.book_publisher_city       ? 
_citation.book_title                ? 
_citation.coordinate_linkage        ? 
_citation.country                   US 
_citation.database_id_Medline       ? 
_citation.details                   ? 
_citation.id                        primary 
_citation.journal_abbrev            Elife 
_citation.journal_id_ASTM           ? 
_citation.journal_id_CSD            ? 
_citation.journal_id_ISSN           2050-084X 
_citation.journal_full              ? 
_citation.journal_issue             ? 
_citation.journal_volume            7 
_citation.language                  ? 
_citation.page_first                ? 
_citation.page_last                 ? 
_citation.title                     'Crystallographic observation of nonenzymatic RNA primer extension.' 
_citation.year                      2018 
_citation.database_id_CSD           ? 
_citation.pdbx_database_id_DOI      10.7554/eLife.36422 
_citation.pdbx_database_id_PubMed   29851379 
_citation.unpublished_flag          ? 
# 
loop_
_citation_author.citation_id 
_citation_author.name 
_citation_author.ordinal 
_citation_author.identifier_ORCID 
primary 'Zhang, W.'     1 0000-0003-4811-4384 
primary 'Walton, T.'    2 0000-0001-6812-1579 
primary 'Li, L.'        3 0000-0003-4766-5782 
primary 'Szostak, J.W.' 4 0000-0003-4131-1203 
# 
_cell.angle_alpha                  90.00 
_cell.angle_alpha_esd              ? 
_cell.angle_beta                   90.00 
_cell.angle_beta_esd               ? 
_cell.angle_gamma                  120.00 
_cell.angle_gamma_esd              ? 
_cell.entry_id                     6C8O 
_cell.details                      ? 
_cell.formula_units_Z              ? 
_cell.length_a                     46.557 
_cell.length_a_esd                 ? 
_cell.length_b                     46.557 
_cell.length_b_esd                 ? 
_cell.length_c                     83.343 
_cell.length_c_esd                 ? 
_cell.volume                       ? 
_cell.volume_esd                   ? 
_cell.Z_PDB                        12 
_cell.reciprocal_angle_alpha       ? 
_cell.reciprocal_angle_beta        ? 
_cell.reciprocal_angle_gamma       ? 
_cell.reciprocal_angle_alpha_esd   ? 
_cell.reciprocal_angle_beta_esd    ? 
_cell.reciprocal_angle_gamma_esd   ? 
_cell.reciprocal_length_a          ? 
_cell.reciprocal_length_b          ? 
_cell.reciprocal_length_c          ? 
_cell.reciprocal_length_a_esd      ? 
_cell.reciprocal_length_b_esd      ? 
_cell.reciprocal_length_c_esd      ? 
_cell.pdbx_unique_axis             ? 
# 
_symmetry.entry_id                         6C8O 
_symmetry.cell_setting                     ? 
_symmetry.Int_Tables_number                150 
_symmetry.space_group_name_Hall            ? 
_symmetry.space_group_name_H-M             'P 3 2 1' 
_symmetry.pdbx_full_space_group_name_H-M   ? 
# 
loop_
_entity.id 
_entity.type 
_entity.src_method 
_entity.pdbx_description 
_entity.formula_weight 
_entity.pdbx_number_of_molecules 
_entity.pdbx_ec 
_entity.pdbx_mutation 
_entity.pdbx_fragment 
_entity.details 
1 polymer     syn 
;RNA (5'-R(*(LCC)P*(LCC)P*(LCC)P*(LCG)P*AP*CP*UP*UP*AP*AP*GP*UP*CP*GP*G)-3')
;
4858.010 2  ? ? ? ? 
2 non-polymer syn "5'-O-[(R)-(2-amino-1H-imidazol-1-yl)(hydroxy)phosphoryl]guanosine"           428.297  2  ? ? ? ? 
3 non-polymer syn 'MAGNESIUM ION'                                                               24.305   4  ? ? ? ? 
4 water       nat water                                                                         18.015   35 ? ? ? ? 
# 
_entity_poly.entity_id                      1 
_entity_poly.type                           polyribonucleotide 
_entity_poly.nstd_linkage                   no 
_entity_poly.nstd_monomer                   yes 
_entity_poly.pdbx_seq_one_letter_code       '(LCC)(LCC)(LCC)(LCG)ACUUAAGUCGG' 
_entity_poly.pdbx_seq_one_letter_code_can   NNNGACUUAAGUCGG 
_entity_poly.pdbx_strand_id                 A,B 
_entity_poly.pdbx_target_identifier         ? 
# 
loop_
_entity_poly_seq.entity_id 
_entity_poly_seq.num 
_entity_poly_seq.mon_id 
_entity_poly_seq.hetero 
1 1  LCC n 
1 2  LCC n 
1 3  LCC n 
1 4  LCG n 
1 5  A   n 
1 6  C   n 
1 7  U   n 
1 8  U   n 
1 9  A   n 
1 10 A   n 
1 11 G   n 
1 12 U   n 
1 13 C   n 
1 14 G   n 
1 15 G   n 
# 
_pdbx_entity_src_syn.entity_id              1 
_pdbx_entity_src_syn.pdbx_src_id            1 
_pdbx_entity_src_syn.pdbx_alt_source_flag   sample 
_pdbx_entity_src_syn.pdbx_beg_seq_num       1 
_pdbx_entity_src_syn.pdbx_end_seq_num       15 
_pdbx_entity_src_syn.organism_scientific    'synthetic construct' 
_pdbx_entity_src_syn.organism_common_name   ? 
_pdbx_entity_src_syn.ncbi_taxonomy_id       32630 
_pdbx_entity_src_syn.details                ? 
# 
_struct_ref.id                         1 
_struct_ref.db_name                    PDB 
_struct_ref.db_code                    6C8O 
_struct_ref.pdbx_db_accession          6C8O 
_struct_ref.pdbx_db_isoform            ? 
_struct_ref.entity_id                  1 
_struct_ref.pdbx_seq_one_letter_code   ? 
_struct_ref.pdbx_align_begin           1 
# 
loop_
_struct_ref_seq.align_id 
_struct_ref_seq.ref_id 
_struct_ref_seq.pdbx_PDB_id_code 
_struct_ref_seq.pdbx_strand_id 
_struct_ref_seq.seq_align_beg 
_struct_ref_seq.pdbx_seq_align_beg_ins_code 
_struct_ref_seq.seq_align_end 
_struct_ref_seq.pdbx_seq_align_end_ins_code 
_struct_ref_seq.pdbx_db_accession 
_struct_ref_seq.db_align_beg 
_struct_ref_seq.pdbx_db_align_beg_ins_code 
_struct_ref_seq.db_align_end 
_struct_ref_seq.pdbx_db_align_end_ins_code 
_struct_ref_seq.pdbx_auth_seq_align_beg 
_struct_ref_seq.pdbx_auth_seq_align_end 
1 1 6C8O A 1 ? 15 ? 6C8O 1 ? 15 ? 1 15 
2 1 6C8O B 1 ? 15 ? 6C8O 1 ? 15 ? 1 15 
# 
loop_
_chem_comp.id 
_chem_comp.type 
_chem_comp.mon_nstd_flag 
_chem_comp.name 
_chem_comp.pdbx_synonyms 
_chem_comp.formula 
_chem_comp.formula_weight 
A   'RNA linking' y "ADENOSINE-5'-MONOPHOSPHATE" ? 'C10 H14 N5 O7 P' 347.221 
C   'RNA linking' y "CYTIDINE-5'-MONOPHOSPHATE" ? 'C9 H14 N3 O8 P'  323.197 
EQ4 'RNA linking' n "5'-O-[(R)-(2-amino-1H-imidazol-1-yl)(hydroxy)phosphoryl]guanosine" ? 'C13 H17 N8 O7 P' 428.297 
G   'RNA linking' y "GUANOSINE-5'-MONOPHOSPHATE" ? 'C10 H14 N5 O8 P' 363.221 
HOH non-polymer   . WATER ? 'H2 O'            18.015  
LCC 'RNA linking' . 
'[(1R,3R,4R,7S)-7-HYDROXY-3-(5-METHYLCYTOSIN-1-YL)-2,5-DIOXABICYCLO[2.2.1]HEPT-1-YL]METHYL DIHYDROGEN PHOSPHATE' ? 
'C11 H16 N3 O8 P' 349.234 
LCG 'RNA linking' n '[(1R,3R,4R,7S)-7-HYDROXY-3-(GUANIN-9-YL)-2,5-DIOXABICYCLO[2.2.1]HEPT-1-YL]METHYL DIHYDROGEN PHOSPHATE' ? 
'C11 H14 N5 O8 P' 375.231 
MG  non-polymer   . 'MAGNESIUM ION' ? 'Mg 2'            24.305  
U   'RNA linking' y "URIDINE-5'-MONOPHOSPHATE" ? 'C9 H13 N2 O9 P'  324.181 
# 
_exptl.absorpt_coefficient_mu     ? 
_exptl.absorpt_correction_T_max   ? 
_exptl.absorpt_correction_T_min   ? 
_exptl.absorpt_correction_type    ? 
_exptl.absorpt_process_details    ? 
_exptl.entry_id                   6C8O 
_exptl.crystals_number            1 
_exptl.details                    ? 
_exptl.method                     'X-RAY DIFFRACTION' 
_exptl.method_details             ? 
# 
_exptl_crystal.colour                      ? 
_exptl_crystal.density_diffrn              ? 
_exptl_crystal.density_Matthews            2.78 
_exptl_crystal.density_method              ? 
_exptl_crystal.density_percent_sol         55.79 
_exptl_crystal.description                 ? 
_exptl_crystal.F_000                       ? 
_exptl_crystal.id                          1 
_exptl_crystal.preparation                 ? 
_exptl_crystal.size_max                    ? 
_exptl_crystal.size_mid                    ? 
_exptl_crystal.size_min                    ? 
_exptl_crystal.size_rad                    ? 
_exptl_crystal.colour_lustre               ? 
_exptl_crystal.colour_modifier             ? 
_exptl_crystal.colour_primary              ? 
_exptl_crystal.density_meas                ? 
_exptl_crystal.density_meas_esd            ? 
_exptl_crystal.density_meas_gt             ? 
_exptl_crystal.density_meas_lt             ? 
_exptl_crystal.density_meas_temp           ? 
_exptl_crystal.density_meas_temp_esd       ? 
_exptl_crystal.density_meas_temp_gt        ? 
_exptl_crystal.density_meas_temp_lt        ? 
_exptl_crystal.pdbx_crystal_image_url      ? 
_exptl_crystal.pdbx_crystal_image_format   ? 
_exptl_crystal.pdbx_mosaicity              ? 
_exptl_crystal.pdbx_mosaicity_esd          ? 
# 
_exptl_crystal_grow.apparatus       ? 
_exptl_crystal_grow.atmosphere      ? 
_exptl_crystal_grow.crystal_id      1 
_exptl_crystal_grow.details         ? 
_exptl_crystal_grow.method          'VAPOR DIFFUSION, HANGING DROP' 
_exptl_crystal_grow.method_ref      ? 
_exptl_crystal_grow.pH              7.0 
_exptl_crystal_grow.pressure        ? 
_exptl_crystal_grow.pressure_esd    ? 
_exptl_crystal_grow.seeding         ? 
_exptl_crystal_grow.seeding_ref     ? 
_exptl_crystal_grow.temp            291 
_exptl_crystal_grow.temp_details    ? 
_exptl_crystal_grow.temp_esd        ? 
_exptl_crystal_grow.time            ? 
_exptl_crystal_grow.pdbx_details    
;10% v/v (+/-)-2-Methyl-2,4-pentanediol, 0.040 M Sodium cacodylate trihydrate pH 7.0, 0.012 M Spermine tetrahydrochloride, 0.080 M Sodium chloride, 0.020 M Magnesium chloride
;
_exptl_crystal_grow.pdbx_pH_range   ? 
# 
_diffrn.ambient_environment    ? 
_diffrn.ambient_temp           99 
_diffrn.ambient_temp_details   ? 
_diffrn.ambient_temp_esd       ? 
_diffrn.crystal_id             1 
_diffrn.crystal_support        ? 
_diffrn.crystal_treatment      ? 
_diffrn.details                ? 
_diffrn.id                     1 
_diffrn.ambient_pressure       ? 
_diffrn.ambient_pressure_esd   ? 
_diffrn.ambient_pressure_gt    ? 
_diffrn.ambient_pressure_lt    ? 
_diffrn.ambient_temp_gt        ? 
_diffrn.ambient_temp_lt        ? 
# 
_diffrn_detector.details                      ? 
_diffrn_detector.detector                     CCD 
_diffrn_detector.diffrn_id                    1 
_diffrn_detector.type                         'MAR CCD 130 mm' 
_diffrn_detector.area_resol_mean              ? 
_diffrn_detector.dtime                        ? 
_diffrn_detector.pdbx_frames_total            ? 
_diffrn_detector.pdbx_collection_time_total   ? 
_diffrn_detector.pdbx_collection_date         2016-05-19 
# 
_diffrn_radiation.collimation                      ? 
_diffrn_radiation.diffrn_id                        1 
_diffrn_radiation.filter_edge                      ? 
_diffrn_radiation.inhomogeneity                    ? 
_diffrn_radiation.monochromator                    ? 
_diffrn_radiation.polarisn_norm                    ? 
_diffrn_radiation.polarisn_ratio                   ? 
_diffrn_radiation.probe                            ? 
_diffrn_radiation.type                             ? 
_diffrn_radiation.xray_symbol                      ? 
_diffrn_radiation.wavelength_id                    1 
_diffrn_radiation.pdbx_monochromatic_or_laue_m_l   M 
_diffrn_radiation.pdbx_wavelength_list             ? 
_diffrn_radiation.pdbx_wavelength                  ? 
_diffrn_radiation.pdbx_diffrn_protocol             'SINGLE WAVELENGTH' 
_diffrn_radiation.pdbx_analyzer                    ? 
_diffrn_radiation.pdbx_scattering_type             x-ray 
# 
_diffrn_radiation_wavelength.id           1 
_diffrn_radiation_wavelength.wavelength   1 
_diffrn_radiation_wavelength.wt           1.0 
# 
_diffrn_source.current                     ? 
_diffrn_source.details                     ? 
_diffrn_source.diffrn_id                   1 
_diffrn_source.power                       ? 
_diffrn_source.size                        ? 
_diffrn_source.source                      SYNCHROTRON 
_diffrn_source.target                      ? 
_diffrn_source.type                        'ALS BEAMLINE 8.2.2' 
_diffrn_source.voltage                     ? 
_diffrn_source.take-off_angle              ? 
_diffrn_source.pdbx_wavelength_list        1 
_diffrn_source.pdbx_wavelength             ? 
_diffrn_source.pdbx_synchrotron_beamline   8.2.2 
_diffrn_source.pdbx_synchrotron_site       ALS 
# 
_reflns.B_iso_Wilson_estimate            ? 
_reflns.entry_id                         6C8O 
_reflns.data_reduction_details           ? 
_reflns.data_reduction_method            ? 
_reflns.d_resolution_high                1.85 
_reflns.d_resolution_low                 50 
_reflns.details                          ? 
_reflns.limit_h_max                      ? 
_reflns.limit_h_min                      ? 
_reflns.limit_k_max                      ? 
_reflns.limit_k_min                      ? 
_reflns.limit_l_max                      ? 
_reflns.limit_l_min                      ? 
_reflns.number_all                       ? 
_reflns.number_obs                       9369 
_reflns.observed_criterion               ? 
_reflns.observed_criterion_F_max         ? 
_reflns.observed_criterion_F_min         ? 
_reflns.observed_criterion_I_max         ? 
_reflns.observed_criterion_I_min         ? 
_reflns.observed_criterion_sigma_F       ? 
_reflns.observed_criterion_sigma_I       ? 
_reflns.percent_possible_obs             99.7 
_reflns.R_free_details                   ? 
_reflns.Rmerge_F_all                     ? 
_reflns.Rmerge_F_obs                     ? 
_reflns.Friedel_coverage                 ? 
_reflns.number_gt                        ? 
_reflns.threshold_expression             ? 
_reflns.pdbx_redundancy                  8.6 
_reflns.pdbx_Rmerge_I_obs                0.091 
_reflns.pdbx_Rmerge_I_all                ? 
_reflns.pdbx_Rsym_value                  ? 
_reflns.pdbx_netI_over_av_sigmaI         ? 
_reflns.pdbx_netI_over_sigmaI            21.91 
_reflns.pdbx_res_netI_over_av_sigmaI_2   ? 
_reflns.pdbx_res_netI_over_sigmaI_2      ? 
_reflns.pdbx_chi_squared                 0.875 
_reflns.pdbx_scaling_rejects             ? 
_reflns.pdbx_d_res_high_opt              ? 
_reflns.pdbx_d_res_low_opt               ? 
_reflns.pdbx_d_res_opt_method            ? 
_reflns.phase_calculation_details        ? 
_reflns.pdbx_Rrim_I_all                  0.097 
_reflns.pdbx_Rpim_I_all                  0.033 
_reflns.pdbx_d_opt                       ? 
_reflns.pdbx_number_measured_all         ? 
_reflns.pdbx_diffrn_id                   1 
_reflns.pdbx_ordinal                     1 
_reflns.pdbx_CC_half                     0.957 
_reflns.pdbx_R_split                     ? 
# 
_reflns_shell.d_res_high                  1.85 
_reflns_shell.d_res_low                   1.92 
_reflns_shell.meanI_over_sigI_all         ? 
_reflns_shell.meanI_over_sigI_obs         2.38 
_reflns_shell.number_measured_all         ? 
_reflns_shell.number_measured_obs         ? 
_reflns_shell.number_possible             ? 
_reflns_shell.number_unique_all           ? 
_reflns_shell.number_unique_obs           888 
_reflns_shell.percent_possible_all        97.7 
_reflns_shell.percent_possible_obs        ? 
_reflns_shell.Rmerge_F_all                ? 
_reflns_shell.Rmerge_F_obs                ? 
_reflns_shell.Rmerge_I_all                ? 
_reflns_shell.Rmerge_I_obs                0.539 
_reflns_shell.meanI_over_sigI_gt          ? 
_reflns_shell.meanI_over_uI_all           ? 
_reflns_shell.meanI_over_uI_gt            ? 
_reflns_shell.number_measured_gt          ? 
_reflns_shell.number_unique_gt            ? 
_reflns_shell.percent_possible_gt         ? 
_reflns_shell.Rmerge_F_gt                 ? 
_reflns_shell.Rmerge_I_gt                 ? 
_reflns_shell.pdbx_redundancy             5.5 
_reflns_shell.pdbx_Rsym_value             ? 
_reflns_shell.pdbx_chi_squared            0.533 
_reflns_shell.pdbx_netI_over_sigmaI_all   ? 
_reflns_shell.pdbx_netI_over_sigmaI_obs   ? 
_reflns_shell.pdbx_Rrim_I_all             0.587 
_reflns_shell.pdbx_Rpim_I_all             0.225 
_reflns_shell.pdbx_rejects                ? 
_reflns_shell.pdbx_ordinal                1 
_reflns_shell.pdbx_diffrn_id              1 
_reflns_shell.pdbx_CC_half                0.916 
_reflns_shell.pdbx_R_split                ? 
# 
_refine.aniso_B[1][1]                            0.01 
_refine.aniso_B[1][2]                            0.00 
_refine.aniso_B[1][3]                            0.00 
_refine.aniso_B[2][2]                            0.01 
_refine.aniso_B[2][3]                            0.00 
_refine.aniso_B[3][3]                            -0.03 
_refine.B_iso_max                                ? 
_refine.B_iso_mean                               36.809 
_refine.B_iso_min                                ? 
_refine.correlation_coeff_Fo_to_Fc               0.959 
_refine.correlation_coeff_Fo_to_Fc_free          0.930 
_refine.details                                  'HYDROGENS HAVE BEEN ADDED IN THE RIDING POSITIONS' 
_refine.diff_density_max                         ? 
_refine.diff_density_max_esd                     ? 
_refine.diff_density_min                         ? 
_refine.diff_density_min_esd                     ? 
_refine.diff_density_rms                         ? 
_refine.diff_density_rms_esd                     ? 
_refine.entry_id                                 6C8O 
_refine.pdbx_refine_id                           'X-RAY DIFFRACTION' 
_refine.ls_abs_structure_details                 ? 
_refine.ls_abs_structure_Flack                   ? 
_refine.ls_abs_structure_Flack_esd               ? 
_refine.ls_abs_structure_Rogers                  ? 
_refine.ls_abs_structure_Rogers_esd              ? 
_refine.ls_d_res_high                            1.85 
_refine.ls_d_res_low                             50 
_refine.ls_extinction_coef                       ? 
_refine.ls_extinction_coef_esd                   ? 
_refine.ls_extinction_expression                 ? 
_refine.ls_extinction_method                     ? 
_refine.ls_goodness_of_fit_all                   ? 
_refine.ls_goodness_of_fit_all_esd               ? 
_refine.ls_goodness_of_fit_obs                   ? 
_refine.ls_goodness_of_fit_obs_esd               ? 
_refine.ls_hydrogen_treatment                    ? 
_refine.ls_matrix_type                           ? 
_refine.ls_number_constraints                    ? 
_refine.ls_number_parameters                     ? 
_refine.ls_number_reflns_all                     ? 
_refine.ls_number_reflns_obs                     8840 
_refine.ls_number_reflns_R_free                  456 
_refine.ls_number_reflns_R_work                  ? 
_refine.ls_number_restraints                     ? 
_refine.ls_percent_reflns_obs                    98.61 
_refine.ls_percent_reflns_R_free                 4.9 
_refine.ls_R_factor_all                          ? 
_refine.ls_R_factor_obs                          0.23384 
_refine.ls_R_factor_R_free                       0.28186 
_refine.ls_R_factor_R_free_error                 ? 
_refine.ls_R_factor_R_free_error_details         ? 
_refine.ls_R_factor_R_work                       0.23143 
_refine.ls_R_Fsqd_factor_obs                     ? 
_refine.ls_R_I_factor_obs                        ? 
_refine.ls_redundancy_reflns_all                 ? 
_refine.ls_redundancy_reflns_obs                 ? 
_refine.ls_restrained_S_all                      ? 
_refine.ls_restrained_S_obs                      ? 
_refine.ls_shift_over_esd_max                    ? 
_refine.ls_shift_over_esd_mean                   ? 
_refine.ls_structure_factor_coef                 ? 
_refine.ls_weighting_details                     ? 
_refine.ls_weighting_scheme                      ? 
_refine.ls_wR_factor_all                         ? 
_refine.ls_wR_factor_obs                         ? 
_refine.ls_wR_factor_R_free                      ? 
_refine.ls_wR_factor_R_work                      ? 
_refine.occupancy_max                            ? 
_refine.occupancy_min                            ? 
_refine.solvent_model_details                    ? 
_refine.solvent_model_param_bsol                 ? 
_refine.solvent_model_param_ksol                 ? 
_refine.ls_R_factor_gt                           ? 
_refine.ls_goodness_of_fit_gt                    ? 
_refine.ls_goodness_of_fit_ref                   ? 
_refine.ls_shift_over_su_max                     ? 
_refine.ls_shift_over_su_max_lt                  ? 
_refine.ls_shift_over_su_mean                    ? 
_refine.ls_shift_over_su_mean_lt                 ? 
_refine.pdbx_ls_sigma_I                          ? 
_refine.pdbx_ls_sigma_F                          ? 
_refine.pdbx_ls_sigma_Fsqd                       ? 
_refine.pdbx_data_cutoff_high_absF               ? 
_refine.pdbx_data_cutoff_high_rms_absF           ? 
_refine.pdbx_data_cutoff_low_absF                ? 
_refine.pdbx_isotropic_thermal_model             ? 
_refine.pdbx_ls_cross_valid_method               THROUGHOUT 
_refine.pdbx_method_to_determine_struct          'MOLECULAR REPLACEMENT' 
_refine.pdbx_starting_model                      5dhc 
_refine.pdbx_stereochemistry_target_values       ? 
_refine.pdbx_R_Free_selection_details            RANDOM 
_refine.pdbx_stereochem_target_val_spec_case     ? 
_refine.pdbx_overall_ESU_R                       0.155 
_refine.pdbx_overall_ESU_R_Free                  0.154 
_refine.pdbx_solvent_vdw_probe_radii             1.20 
_refine.pdbx_solvent_ion_probe_radii             0.80 
_refine.pdbx_solvent_shrinkage_radii             0.80 
_refine.pdbx_real_space_R                        ? 
_refine.pdbx_density_correlation                 ? 
_refine.pdbx_pd_number_of_powder_patterns        ? 
_refine.pdbx_pd_number_of_points                 ? 
_refine.pdbx_pd_meas_number_of_points            ? 
_refine.pdbx_pd_proc_ls_prof_R_factor            ? 
_refine.pdbx_pd_proc_ls_prof_wR_factor           ? 
_refine.pdbx_pd_Marquardt_correlation_coeff      ? 
_refine.pdbx_pd_Fsqrd_R_factor                   ? 
_refine.pdbx_pd_ls_matrix_band_width             ? 
_refine.pdbx_overall_phase_error                 ? 
_refine.pdbx_overall_SU_R_free_Cruickshank_DPI   ? 
_refine.pdbx_overall_SU_R_free_Blow_DPI          ? 
_refine.pdbx_overall_SU_R_Blow_DPI               ? 
_refine.pdbx_TLS_residual_ADP_flag               ? 
_refine.pdbx_diffrn_id                           1 
_refine.overall_SU_B                             4.032 
_refine.overall_SU_ML                            0.114 
_refine.overall_SU_R_Cruickshank_DPI             ? 
_refine.overall_SU_R_free                        ? 
_refine.overall_FOM_free_R_set                   ? 
_refine.overall_FOM_work_R_set                   ? 
_refine.pdbx_average_fsc_overall                 ? 
_refine.pdbx_average_fsc_work                    ? 
_refine.pdbx_average_fsc_free                    ? 
# 
_refine_hist.pdbx_refine_id                   'X-RAY DIFFRACTION' 
_refine_hist.cycle_id                         1 
_refine_hist.pdbx_number_atoms_protein        0 
_refine_hist.pdbx_number_atoms_nucleic_acid   644 
_refine_hist.pdbx_number_atoms_ligand         62 
_refine_hist.number_atoms_solvent             35 
_refine_hist.number_atoms_total               741 
_refine_hist.d_res_high                       1.85 
_refine_hist.d_res_low                        50 
# 
loop_
_refine_ls_restr.pdbx_refine_id 
_refine_ls_restr.criterion 
_refine_ls_restr.dev_ideal 
_refine_ls_restr.dev_ideal_target 
_refine_ls_restr.number 
_refine_ls_restr.rejects 
_refine_ls_restr.type 
_refine_ls_restr.weight 
_refine_ls_restr.pdbx_restraint_function 
'X-RAY DIFFRACTION' ? 0.024 0.016  780  ? r_bond_refined_d             ? ? 
'X-RAY DIFFRACTION' ? 0.071 0.024  324  ? r_bond_other_d               ? ? 
'X-RAY DIFFRACTION' ? 2.783 1.865  1208 ? r_angle_refined_deg          ? ? 
'X-RAY DIFFRACTION' ? 3.947 3.194  798  ? r_angle_other_deg            ? ? 
'X-RAY DIFFRACTION' ? ?     ?      ?    ? r_dihedral_angle_1_deg       ? ? 
'X-RAY DIFFRACTION' ? ?     ?      ?    ? r_dihedral_angle_2_deg       ? ? 
'X-RAY DIFFRACTION' ? ?     ?      ?    ? r_dihedral_angle_3_deg       ? ? 
'X-RAY DIFFRACTION' ? ?     ?      ?    ? r_dihedral_angle_4_deg       ? ? 
'X-RAY DIFFRACTION' ? 0.142 0.200  136  ? r_chiral_restr               ? ? 
'X-RAY DIFFRACTION' ? 0.015 0.020  382  ? r_gen_planes_refined         ? ? 
'X-RAY DIFFRACTION' ? 0.002 0.020  132  ? r_gen_planes_other           ? ? 
'X-RAY DIFFRACTION' ? ?     ?      ?    ? r_nbd_refined                ? ? 
'X-RAY DIFFRACTION' ? ?     ?      ?    ? r_nbd_other                  ? ? 
'X-RAY DIFFRACTION' ? ?     ?      ?    ? r_nbtor_refined              ? ? 
'X-RAY DIFFRACTION' ? ?     ?      ?    ? r_nbtor_other                ? ? 
'X-RAY DIFFRACTION' ? ?     ?      ?    ? r_xyhbond_nbd_refined        ? ? 
'X-RAY DIFFRACTION' ? ?     ?      ?    ? r_xyhbond_nbd_other          ? ? 
'X-RAY DIFFRACTION' ? ?     ?      ?    ? r_metal_ion_refined          ? ? 
'X-RAY DIFFRACTION' ? ?     ?      ?    ? r_metal_ion_other            ? ? 
'X-RAY DIFFRACTION' ? ?     ?      ?    ? r_symmetry_vdw_refined       ? ? 
'X-RAY DIFFRACTION' ? ?     ?      ?    ? r_symmetry_vdw_other         ? ? 
'X-RAY DIFFRACTION' ? ?     ?      ?    ? r_symmetry_hbond_refined     ? ? 
'X-RAY DIFFRACTION' ? ?     ?      ?    ? r_symmetry_hbond_other       ? ? 
'X-RAY DIFFRACTION' ? ?     ?      ?    ? r_symmetry_metal_ion_refined ? ? 
'X-RAY DIFFRACTION' ? ?     ?      ?    ? r_symmetry_metal_ion_other   ? ? 
'X-RAY DIFFRACTION' ? ?     ?      ?    ? r_mcbond_it                  ? ? 
'X-RAY DIFFRACTION' ? ?     ?      ?    ? r_mcbond_other               ? ? 
'X-RAY DIFFRACTION' ? ?     ?      ?    ? r_mcangle_it                 ? ? 
'X-RAY DIFFRACTION' ? ?     ?      ?    ? r_mcangle_other              ? ? 
'X-RAY DIFFRACTION' ? 3.871 3.999  778  ? r_scbond_it                  ? ? 
'X-RAY DIFFRACTION' ? 3.781 3.981  776  ? r_scbond_other               ? ? 
'X-RAY DIFFRACTION' ? ?     ?      ?    ? r_scangle_it                 ? ? 
'X-RAY DIFFRACTION' ? 5.435 5.987  1208 ? r_scangle_other              ? ? 
'X-RAY DIFFRACTION' ? 5.700 37.035 1130 ? r_long_range_B_refined       ? ? 
'X-RAY DIFFRACTION' ? 5.533 36.855 1121 ? r_long_range_B_other         ? ? 
'X-RAY DIFFRACTION' ? ?     ?      ?    ? r_rigid_bond_restr           ? ? 
'X-RAY DIFFRACTION' ? ?     ?      ?    ? r_sphericity_free            ? ? 
'X-RAY DIFFRACTION' ? ?     ?      ?    ? r_sphericity_bonded          ? ? 
# 
_refine_ls_shell.pdbx_refine_id                   'X-RAY DIFFRACTION' 
_refine_ls_shell.d_res_high                       1.850 
_refine_ls_shell.d_res_low                        1.898 
_refine_ls_shell.number_reflns_all                ? 
_refine_ls_shell.number_reflns_obs                ? 
_refine_ls_shell.number_reflns_R_free             43 
_refine_ls_shell.number_reflns_R_work             609 
_refine_ls_shell.percent_reflns_obs               96.59 
_refine_ls_shell.percent_reflns_R_free            ? 
_refine_ls_shell.R_factor_all                     ? 
_refine_ls_shell.R_factor_obs                     ? 
_refine_ls_shell.R_factor_R_free                  0.382 
_refine_ls_shell.R_factor_R_free_error            ? 
_refine_ls_shell.R_factor_R_work                  0.294 
_refine_ls_shell.redundancy_reflns_all            ? 
_refine_ls_shell.redundancy_reflns_obs            ? 
_refine_ls_shell.wR_factor_all                    ? 
_refine_ls_shell.wR_factor_obs                    ? 
_refine_ls_shell.wR_factor_R_free                 ? 
_refine_ls_shell.wR_factor_R_work                 ? 
_refine_ls_shell.pdbx_total_number_of_bins_used   20 
_refine_ls_shell.pdbx_phase_error                 ? 
_refine_ls_shell.pdbx_fsc_work                    ? 
_refine_ls_shell.pdbx_fsc_free                    ? 
# 
_struct.entry_id                     6C8O 
_struct.title                        'RNA-activated 2-AIpG monomer, 3h soaking' 
_struct.pdbx_model_details           ? 
_struct.pdbx_formula_weight          ? 
_struct.pdbx_formula_weight_method   ? 
_struct.pdbx_model_type_details      ? 
_struct.pdbx_CASP_flag               N 
# 
_struct_keywords.entry_id        6C8O 
_struct_keywords.text            'RNA, activated monomer' 
_struct_keywords.pdbx_keywords   RNA 
# 
loop_
_struct_asym.id 
_struct_asym.pdbx_blank_PDB_chainid_flag 
_struct_asym.pdbx_modified 
_struct_asym.entity_id 
_struct_asym.details 
A N N 1 ? 
B N N 1 ? 
C N N 2 ? 
D N N 3 ? 
E N N 3 ? 
F N N 3 ? 
G N N 2 ? 
H N N 3 ? 
I N N 4 ? 
J N N 4 ? 
# 
loop_
_struct_conn.id 
_struct_conn.conn_type_id 
_struct_conn.pdbx_leaving_atom_flag 
_struct_conn.pdbx_PDB_id 
_struct_conn.ptnr1_label_asym_id 
_struct_conn.ptnr1_label_comp_id 
_struct_conn.ptnr1_label_seq_id 
_struct_conn.ptnr1_label_atom_id 
_struct_conn.pdbx_ptnr1_label_alt_id 
_struct_conn.pdbx_ptnr1_PDB_ins_code 
_struct_conn.pdbx_ptnr1_standard_comp_id 
_struct_conn.ptnr1_symmetry 
_struct_conn.ptnr2_label_asym_id 
_struct_conn.ptnr2_label_comp_id 
_struct_conn.ptnr2_label_seq_id 
_struct_conn.ptnr2_label_atom_id 
_struct_conn.pdbx_ptnr2_label_alt_id 
_struct_conn.pdbx_ptnr2_PDB_ins_code 
_struct_conn.ptnr1_auth_asym_id 
_struct_conn.ptnr1_auth_comp_id 
_struct_conn.ptnr1_auth_seq_id 
_struct_conn.ptnr2_auth_asym_id 
_struct_conn.ptnr2_auth_comp_id 
_struct_conn.ptnr2_auth_seq_id 
_struct_conn.ptnr2_symmetry 
_struct_conn.pdbx_ptnr3_label_atom_id 
_struct_conn.pdbx_ptnr3_label_seq_id 
_struct_conn.pdbx_ptnr3_label_comp_id 
_struct_conn.pdbx_ptnr3_label_asym_id 
_struct_conn.pdbx_ptnr3_label_alt_id 
_struct_conn.pdbx_ptnr3_PDB_ins_code 
_struct_conn.details 
_struct_conn.pdbx_dist_value 
_struct_conn.pdbx_value_order 
_struct_conn.pdbx_role 
covale1  covale both ? A LCC 1  "O3'" ? ? ? 1_555 A LCC 2  P  ? ? A LCC 1   A LCC 2   1_555 ? ? ? ? ? ? ?            1.651 ? ? 
covale2  covale both ? A LCC 2  "O3'" ? ? ? 1_555 A LCC 3  P  ? ? A LCC 2   A LCC 3   1_555 ? ? ? ? ? ? ?            1.681 ? ? 
covale3  covale both ? A LCC 3  "O3'" ? ? ? 1_555 A LCG 4  P  ? ? A LCC 3   A LCG 4   1_555 ? ? ? ? ? ? ?            1.663 ? ? 
covale4  covale both ? A LCG 4  "O3'" ? ? ? 1_555 A A   5  P  ? ? A LCG 4   A A   5   1_555 ? ? ? ? ? ? ?            1.561 ? ? 
covale5  covale both ? B LCC 1  "O3'" ? ? ? 1_555 B LCC 2  P  ? ? B LCC 1   B LCC 2   1_555 ? ? ? ? ? ? ?            1.660 ? ? 
covale6  covale both ? B LCC 2  "O3'" ? ? ? 1_555 B LCC 3  P  ? ? B LCC 2   B LCC 3   1_555 ? ? ? ? ? ? ?            1.636 ? ? 
covale7  covale both ? B LCC 3  "O3'" ? ? ? 1_555 B LCG 4  P  ? ? B LCC 3   B LCG 4   1_555 ? ? ? ? ? ? ?            1.709 ? ? 
covale8  covale both ? B LCG 4  "O3'" ? ? ? 1_555 B A   5  P  ? ? B LCG 4   B A   5   1_555 ? ? ? ? ? ? ?            1.602 ? ? 
metalc1  metalc ?    ? A G   15 "O3'" ? ? ? 1_555 F MG  .  MG ? ? A G   15  A MG  104 1_555 ? ? ? ? ? ? ?            2.501 ? ? 
metalc2  metalc ?    ? A G   15 "O2'" ? ? ? 1_555 F MG  .  MG ? ? A G   15  A MG  104 1_555 ? ? ? ? ? ? ?            2.351 ? ? 
metalc3  metalc ?    ? A G   15 "O3'" ? ? ? 1_555 F MG  .  MG ? ? A G   15  A MG  104 2_655 ? ? ? ? ? ? ?            2.498 ? ? 
metalc4  metalc ?    ? A G   15 "O2'" ? ? ? 1_555 F MG  .  MG ? ? A G   15  A MG  104 2_655 ? ? ? ? ? ? ?            2.346 ? ? 
metalc5  metalc ?    ? D MG  .  MG    ? ? ? 1_555 I HOH .  O  ? ? A MG  102 A HOH 202 1_555 ? ? ? ? ? ? ?            2.110 ? ? 
metalc6  metalc ?    ? D MG  .  MG    ? ? ? 1_555 I HOH .  O  ? ? A MG  102 A HOH 211 1_555 ? ? ? ? ? ? ?            1.997 ? ? 
metalc7  metalc ?    ? D MG  .  MG    ? ? ? 1_555 I HOH .  O  ? ? A MG  102 A HOH 214 3_665 ? ? ? ? ? ? ?            2.062 ? ? 
metalc8  metalc ?    ? D MG  .  MG    ? ? ? 1_555 J HOH .  O  ? ? A MG  102 B HOH 207 1_555 ? ? ? ? ? ? ?            2.028 ? ? 
metalc9  metalc ?    ? D MG  .  MG    ? ? ? 1_555 J HOH .  O  ? ? A MG  102 B HOH 208 1_555 ? ? ? ? ? ? ?            2.095 ? ? 
metalc10 metalc ?    ? D MG  .  MG    ? ? ? 1_555 J HOH .  O  ? ? A MG  102 B HOH 215 1_555 ? ? ? ? ? ? ?            1.878 ? ? 
metalc11 metalc ?    ? E MG  .  MG    ? ? ? 1_555 I HOH .  O  ? ? A MG  103 A HOH 212 1_555 ? ? ? ? ? ? ?            2.110 ? ? 
metalc12 metalc ?    ? E MG  .  MG    ? ? ? 1_555 I HOH .  O  ? ? A MG  103 A HOH 213 1_555 ? ? ? ? ? ? ?            2.037 ? ? 
metalc13 metalc ?    ? E MG  .  MG    ? ? ? 1_555 I HOH .  O  ? ? A MG  103 A HOH 217 1_555 ? ? ? ? ? ? ?            1.861 ? ? 
metalc14 metalc ?    ? E MG  .  MG    ? ? ? 1_555 J HOH .  O  ? ? A MG  103 B HOH 202 1_555 ? ? ? ? ? ? ?            2.125 ? ? 
metalc15 metalc ?    ? E MG  .  MG    ? ? ? 1_555 J HOH .  O  ? ? A MG  103 B HOH 209 1_555 ? ? ? ? ? ? ?            1.944 ? ? 
metalc16 metalc ?    ? E MG  .  MG    ? ? ? 1_555 J HOH .  O  ? ? A MG  103 B HOH 211 2_655 ? ? ? ? ? ? ?            2.048 ? ? 
metalc17 metalc ?    ? B G   15 "O3'" ? ? ? 1_555 H MG  .  MG ? ? B G   15  B MG  102 1_555 ? ? ? ? ? ? ?            2.510 ? ? 
metalc18 metalc ?    ? B G   15 "O2'" ? ? ? 1_555 H MG  .  MG ? ? B G   15  B MG  102 1_555 ? ? ? ? ? ? ?            2.350 ? ? 
metalc19 metalc ?    ? B G   15 "O3'" ? ? ? 1_555 H MG  .  MG ? ? B G   15  B MG  102 3_665 ? ? ? ? ? ? ?            2.461 ? ? 
metalc20 metalc ?    ? B G   15 "O2'" ? ? ? 1_555 H MG  .  MG ? ? B G   15  B MG  102 2_655 ? ? ? ? ? ? ?            2.308 ? ? 
hydrog1  hydrog ?    ? A LCG 4  N1    ? ? ? 1_555 B C   13 N3 ? ? A LCG 4   B C   13  1_555 ? ? ? ? ? ? WATSON-CRICK ?     ? ? 
hydrog2  hydrog ?    ? A LCG 4  N2    ? ? ? 1_555 B C   13 O2 ? ? A LCG 4   B C   13  1_555 ? ? ? ? ? ? WATSON-CRICK ?     ? ? 
hydrog3  hydrog ?    ? A LCG 4  O6    ? ? ? 1_555 B C   13 N4 ? ? A LCG 4   B C   13  1_555 ? ? ? ? ? ? WATSON-CRICK ?     ? ? 
hydrog4  hydrog ?    ? A A   5  N1    ? ? ? 1_555 B U   12 N3 ? ? A A   5   B U   12  1_555 ? ? ? ? ? ? WATSON-CRICK ?     ? ? 
hydrog5  hydrog ?    ? A A   5  N6    ? ? ? 1_555 B U   12 O4 ? ? A A   5   B U   12  1_555 ? ? ? ? ? ? WATSON-CRICK ?     ? ? 
hydrog6  hydrog ?    ? A C   6  N3    ? ? ? 1_555 B G   11 N1 ? ? A C   6   B G   11  1_555 ? ? ? ? ? ? WATSON-CRICK ?     ? ? 
hydrog7  hydrog ?    ? A C   6  N4    ? ? ? 1_555 B G   11 O6 ? ? A C   6   B G   11  1_555 ? ? ? ? ? ? WATSON-CRICK ?     ? ? 
hydrog8  hydrog ?    ? A C   6  O2    ? ? ? 1_555 B G   11 N2 ? ? A C   6   B G   11  1_555 ? ? ? ? ? ? WATSON-CRICK ?     ? ? 
hydrog9  hydrog ?    ? A U   7  N3    ? ? ? 1_555 B A   10 N1 ? ? A U   7   B A   10  1_555 ? ? ? ? ? ? WATSON-CRICK ?     ? ? 
hydrog10 hydrog ?    ? A U   7  O4    ? ? ? 1_555 B A   10 N6 ? ? A U   7   B A   10  1_555 ? ? ? ? ? ? WATSON-CRICK ?     ? ? 
hydrog11 hydrog ?    ? A U   8  N3    ? ? ? 1_555 B A   9  N1 ? ? A U   8   B A   9   1_555 ? ? ? ? ? ? WATSON-CRICK ?     ? ? 
hydrog12 hydrog ?    ? A U   8  O4    ? ? ? 1_555 B A   9  N6 ? ? A U   8   B A   9   1_555 ? ? ? ? ? ? WATSON-CRICK ?     ? ? 
hydrog13 hydrog ?    ? A A   9  N1    ? ? ? 1_555 B U   8  N3 ? ? A A   9   B U   8   1_555 ? ? ? ? ? ? WATSON-CRICK ?     ? ? 
hydrog14 hydrog ?    ? A A   9  N6    ? ? ? 1_555 B U   8  O4 ? ? A A   9   B U   8   1_555 ? ? ? ? ? ? WATSON-CRICK ?     ? ? 
hydrog15 hydrog ?    ? A A   10 N1    ? ? ? 1_555 B U   7  N3 ? ? A A   10  B U   7   1_555 ? ? ? ? ? ? WATSON-CRICK ?     ? ? 
hydrog16 hydrog ?    ? A A   10 N6    ? ? ? 1_555 B U   7  O4 ? ? A A   10  B U   7   1_555 ? ? ? ? ? ? WATSON-CRICK ?     ? ? 
hydrog17 hydrog ?    ? A G   11 N1    ? ? ? 1_555 B C   6  N3 ? ? A G   11  B C   6   1_555 ? ? ? ? ? ? WATSON-CRICK ?     ? ? 
hydrog18 hydrog ?    ? A G   11 N2    ? ? ? 1_555 B C   6  O2 ? ? A G   11  B C   6   1_555 ? ? ? ? ? ? WATSON-CRICK ?     ? ? 
hydrog19 hydrog ?    ? A G   11 O6    ? ? ? 1_555 B C   6  N4 ? ? A G   11  B C   6   1_555 ? ? ? ? ? ? WATSON-CRICK ?     ? ? 
hydrog20 hydrog ?    ? A U   12 N3    ? ? ? 1_555 B A   5  N1 ? ? A U   12  B A   5   1_555 ? ? ? ? ? ? WATSON-CRICK ?     ? ? 
hydrog21 hydrog ?    ? A U   12 O4    ? ? ? 1_555 B A   5  N6 ? ? A U   12  B A   5   1_555 ? ? ? ? ? ? WATSON-CRICK ?     ? ? 
hydrog22 hydrog ?    ? A C   13 N3    ? ? ? 1_555 B LCG 4  N1 ? ? A C   13  B LCG 4   1_555 ? ? ? ? ? ? WATSON-CRICK ?     ? ? 
hydrog23 hydrog ?    ? A C   13 N4    ? ? ? 1_555 B LCG 4  O6 ? ? A C   13  B LCG 4   1_555 ? ? ? ? ? ? WATSON-CRICK ?     ? ? 
hydrog24 hydrog ?    ? A C   13 O2    ? ? ? 1_555 B LCG 4  N2 ? ? A C   13  B LCG 4   1_555 ? ? ? ? ? ? WATSON-CRICK ?     ? ? 
# 
loop_
_struct_conn_type.id 
_struct_conn_type.criteria 
_struct_conn_type.reference 
covale ? ? 
metalc ? ? 
hydrog ? ? 
# 
loop_
_struct_site.id 
_struct_site.pdbx_evidence_code 
_struct_site.pdbx_auth_asym_id 
_struct_site.pdbx_auth_comp_id 
_struct_site.pdbx_auth_seq_id 
_struct_site.pdbx_auth_ins_code 
_struct_site.pdbx_num_residues 
_struct_site.details 
AC1 Software A EQ4 101 ? 5 'binding site for residue EQ4 A 101' 
AC2 Software A MG  102 ? 6 'binding site for residue MG A 102'  
AC3 Software A MG  103 ? 6 'binding site for residue MG A 103'  
AC4 Software A MG  104 ? 3 'binding site for residue MG A 104'  
AC5 Software B EQ4 101 ? 5 'binding site for residue EQ4 B 101' 
AC6 Software B MG  102 ? 3 'binding site for residue MG B 102'  
# 
loop_
_struct_site_gen.id 
_struct_site_gen.site_id 
_struct_site_gen.pdbx_num_res 
_struct_site_gen.label_comp_id 
_struct_site_gen.label_asym_id 
_struct_site_gen.label_seq_id 
_struct_site_gen.pdbx_auth_ins_code 
_struct_site_gen.auth_comp_id 
_struct_site_gen.auth_asym_id 
_struct_site_gen.auth_seq_id 
_struct_site_gen.label_atom_id 
_struct_site_gen.label_alt_id 
_struct_site_gen.symmetry 
_struct_site_gen.details 
1  AC1 5 LCC A 1  ? LCC A 1   . ? 1_555 ? 
2  AC1 5 LCC A 1  ? LCC A 1   . ? 5_557 ? 
3  AC1 5 LCC A 2  ? LCC A 2   . ? 1_555 ? 
4  AC1 5 G   B 15 ? G   B 15  . ? 3_665 ? 
5  AC1 5 G   B 15 ? G   B 15  . ? 1_555 ? 
6  AC2 6 HOH I .  ? HOH A 202 . ? 1_555 ? 
7  AC2 6 HOH I .  ? HOH A 211 . ? 1_555 ? 
8  AC2 6 HOH I .  ? HOH A 214 . ? 3_665 ? 
9  AC2 6 HOH J .  ? HOH B 207 . ? 1_555 ? 
10 AC2 6 HOH J .  ? HOH B 208 . ? 1_555 ? 
11 AC2 6 HOH J .  ? HOH B 215 . ? 1_555 ? 
12 AC3 6 HOH I .  ? HOH A 212 . ? 1_555 ? 
13 AC3 6 HOH I .  ? HOH A 213 . ? 1_555 ? 
14 AC3 6 HOH I .  ? HOH A 217 . ? 1_555 ? 
15 AC3 6 HOH J .  ? HOH B 202 . ? 1_555 ? 
16 AC3 6 HOH J .  ? HOH B 209 . ? 1_555 ? 
17 AC3 6 HOH J .  ? HOH B 211 . ? 2_655 ? 
18 AC4 3 G   A 15 ? G   A 15  . ? 1_555 ? 
19 AC4 3 G   A 15 ? G   A 15  . ? 3_665 ? 
20 AC4 3 G   A 15 ? G   A 15  . ? 2_655 ? 
21 AC5 5 G   A 15 ? G   A 15  . ? 1_555 ? 
22 AC5 5 G   A 15 ? G   A 15  . ? 2_655 ? 
23 AC5 5 LCC B 1  ? LCC B 1   . ? 6_766 ? 
24 AC5 5 LCC B 1  ? LCC B 1   . ? 1_555 ? 
25 AC5 5 LCC B 2  ? LCC B 2   . ? 1_555 ? 
26 AC6 3 G   B 15 ? G   B 15  . ? 1_555 ? 
27 AC6 3 G   B 15 ? G   B 15  . ? 3_665 ? 
28 AC6 3 G   B 15 ? G   B 15  . ? 2_655 ? 
# 
_atom_sites.entry_id                    6C8O 
_atom_sites.fract_transf_matrix[1][1]   0.00849701 
_atom_sites.fract_transf_matrix[1][2]   -0.00693632 
_atom_sites.fract_transf_matrix[1][3]   0.02224456 
_atom_sites.fract_transf_matrix[2][1]   0.00226245 
_atom_sites.fract_transf_matrix[2][2]   -0.02408959 
_atom_sites.fract_transf_matrix[2][3]   0.00545087 
_atom_sites.fract_transf_matrix[3][1]   0.01121812 
_atom_sites.fract_transf_matrix[3][2]   0.00009035 
_atom_sites.fract_transf_matrix[3][3]   -0.00425694 
_atom_sites.fract_transf_vector[1]      0.802359 
_atom_sites.fract_transf_vector[2]      0.197773 
_atom_sites.fract_transf_vector[3]      0.750274 
# 
loop_
_atom_type.symbol 
C  
MG 
N  
O  
P  
# 
loop_
_atom_site.group_PDB 
_atom_site.id 
_atom_site.type_symbol 
_atom_site.label_atom_id 
_atom_site.label_alt_id 
_atom_site.label_comp_id 
_atom_site.label_asym_id 
_atom_site.label_entity_id 
_atom_site.label_seq_id 
_atom_site.pdbx_PDB_ins_code 
_atom_site.Cartn_x 
_atom_site.Cartn_y 
_atom_site.Cartn_z 
_atom_site.occupancy 
_atom_site.B_iso_or_equiv 
_atom_site.pdbx_formal_charge 
_atom_site.auth_seq_id 
_atom_site.auth_comp_id 
_atom_site.auth_asym_id 
_atom_site.auth_atom_id 
_atom_site.pdbx_PDB_model_num 
HETATM 1   O  "O5'" . LCC A 1 1  ? 14.453  12.554  -10.615 1.00 45.46  ?  1   LCC A "O5'" 1 
HETATM 2   C  "C5'" . LCC A 1 1  ? 13.900  12.620  -11.967 1.00 38.81  ?  1   LCC A "C5'" 1 
HETATM 3   C  "C4'" . LCC A 1 1  ? 14.098  11.197  -12.554 1.00 38.85  ?  1   LCC A "C4'" 1 
HETATM 4   O  "O4'" . LCC A 1 1  ? 15.396  10.597  -12.391 1.00 40.53  ?  1   LCC A "O4'" 1 
HETATM 5   C  "C1'" . LCC A 1 1  ? 15.192  9.157   -12.543 1.00 38.16  ?  1   LCC A "C1'" 1 
HETATM 6   N  N1    . LCC A 1 1  ? 15.781  8.398   -11.391 1.00 34.33  ?  1   LCC A N1    1 
HETATM 7   C  C6    . LCC A 1 1  ? 16.109  9.045   -10.172 1.00 34.22  ?  1   LCC A C6    1 
HETATM 8   C  C5    . LCC A 1 1  ? 16.697  8.306   -9.159  1.00 41.22  ?  1   LCC A C5    1 
HETATM 9   C  C5M   . LCC A 1 1  ? 17.032  8.907   -7.930  1.00 45.21  ?  1   LCC A C5M   1 
HETATM 10  C  C4    . LCC A 1 1  ? 16.923  6.940   -9.412  1.00 39.68  ?  1   LCC A C4    1 
HETATM 11  N  N4    . LCC A 1 1  ? 17.485  6.208   -8.462  1.00 43.69  ?  1   LCC A N4    1 
HETATM 12  N  N3    . LCC A 1 1  ? 16.572  6.385   -10.606 1.00 38.87  ?  1   LCC A N3    1 
HETATM 13  C  C2    . LCC A 1 1  ? 16.019  7.095   -11.598 1.00 33.89  ?  1   LCC A C2    1 
HETATM 14  O  O2    . LCC A 1 1  ? 15.689  6.548   -12.676 1.00 34.02  ?  1   LCC A O2    1 
HETATM 15  C  "C3'" . LCC A 1 1  ? 13.255  10.187  -11.874 1.00 41.42  ?  1   LCC A "C3'" 1 
HETATM 16  C  "C2'" . LCC A 1 1  ? 13.705  9.105   -12.744 1.00 39.87  ?  1   LCC A "C2'" 1 
HETATM 17  O  "O2'" . LCC A 1 1  ? 13.408  9.638   -14.097 1.00 39.13  ?  1   LCC A "O2'" 1 
HETATM 18  O  "O3'" . LCC A 1 1  ? 11.905  10.571  -12.181 1.00 44.09  ?  1   LCC A "O3'" 1 
HETATM 19  C  "C6'" . LCC A 1 1  ? 13.659  11.092  -14.032 1.00 40.12  ?  1   LCC A "C6'" 1 
HETATM 20  O  "O5'" . LCC A 1 2  ? 10.626  8.210   -12.001 1.00 35.55  ?  2   LCC A "O5'" 1 
HETATM 21  C  "C5'" . LCC A 1 2  ? 10.068  8.007   -13.328 1.00 33.22  ?  2   LCC A "C5'" 1 
HETATM 22  C  "C4'" . LCC A 1 2  ? 10.437  6.574   -13.669 1.00 36.18  ?  2   LCC A "C4'" 1 
HETATM 23  O  "O4'" . LCC A 1 2  ? 11.817  6.193   -13.554 1.00 37.22  ?  2   LCC A "O4'" 1 
HETATM 24  C  "C1'" . LCC A 1 2  ? 11.785  4.811   -13.405 1.00 36.16  ?  2   LCC A "C1'" 1 
HETATM 25  N  N1    . LCC A 1 2  ? 12.446  4.477   -12.129 1.00 32.73  ?  2   LCC A N1    1 
HETATM 26  C  C6    . LCC A 1 2  ? 12.648  5.462   -11.163 1.00 32.28  ?  2   LCC A C6    1 
HETATM 27  C  C5    . LCC A 1 2  ? 13.289  5.096   -10.014 1.00 33.43  ?  2   LCC A C5    1 
HETATM 28  C  C5M   . LCC A 1 2  ? 13.490  6.048   -9.034  1.00 34.69  ?  2   LCC A C5M   1 
HETATM 29  C  C4    . LCC A 1 2  ? 13.683  3.753   -9.902  1.00 32.25  ?  2   LCC A C4    1 
HETATM 30  N  N4    . LCC A 1 2  ? 14.270  3.412   -8.831  1.00 29.48  ?  2   LCC A N4    1 
HETATM 31  N  N3    . LCC A 1 2  ? 13.479  2.837   -10.837 1.00 31.20  ?  2   LCC A N3    1 
HETATM 32  C  C2    . LCC A 1 2  ? 12.846  3.207   -11.951 1.00 33.69  ?  2   LCC A C2    1 
HETATM 33  O  O2    . LCC A 1 2  ? 12.620  2.362   -12.841 1.00 30.93  ?  2   LCC A O2    1 
HETATM 34  C  "C3'" . LCC A 1 2  ? 9.766   5.602   -12.772 1.00 37.64  ?  2   LCC A "C3'" 1 
HETATM 35  C  "C2'" . LCC A 1 2  ? 10.309  4.475   -13.453 1.00 37.35  ?  2   LCC A "C2'" 1 
HETATM 36  O  "O2'" . LCC A 1 2  ? 9.847   4.731   -14.831 1.00 37.75  ?  2   LCC A "O2'" 1 
HETATM 37  O  "O3'" . LCC A 1 2  ? 8.400   5.585   -13.132 1.00 41.22  ?  2   LCC A "O3'" 1 
HETATM 38  C  "C6'" . LCC A 1 2  ? 9.984   6.181   -15.053 1.00 34.67  ?  2   LCC A "C6'" 1 
HETATM 39  P  P     . LCC A 1 2  ? 10.788  9.702   -11.331 1.00 44.61  ?  2   LCC A P     1 
HETATM 40  O  O1P   . LCC A 1 2  ? 11.257  9.447   -9.755  1.00 38.23  -1 2   LCC A O1P   1 
HETATM 41  O  O2P   . LCC A 1 2  ? 9.558   10.449  -11.808 1.00 36.67  ?  2   LCC A O2P   1 
HETATM 42  O  "O5'" . LCC A 1 3  ? 7.557   3.565   -11.919 1.00 31.75  ?  3   LCC A "O5'" 1 
HETATM 43  C  "C5'" . LCC A 1 3  ? 6.922   2.877   -13.047 1.00 29.62  ?  3   LCC A "C5'" 1 
HETATM 44  C  "C4'" . LCC A 1 3  ? 7.516   1.475   -12.943 1.00 29.42  ?  3   LCC A "C4'" 1 
HETATM 45  O  "O4'" . LCC A 1 3  ? 8.960   1.364   -12.774 1.00 29.81  ?  3   LCC A "O4'" 1 
HETATM 46  C  "C1'" . LCC A 1 3  ? 9.153   0.099   -12.149 1.00 28.83  ?  3   LCC A "C1'" 1 
HETATM 47  N  N1    . LCC A 1 3  ? 9.810   0.361   -10.870 1.00 26.53  ?  3   LCC A N1    1 
HETATM 48  C  C6    . LCC A 1 3  ? 9.870   1.673   -10.319 1.00 27.59  ?  3   LCC A C6    1 
HETATM 49  C  C5    . LCC A 1 3  ? 10.563  1.838   -9.126  1.00 26.72  ?  3   LCC A C5    1 
HETATM 50  C  C5M   . LCC A 1 3  ? 10.604  3.125   -8.504  1.00 29.38  ?  3   LCC A C5M   1 
HETATM 51  C  C4    . LCC A 1 3  ? 11.212  0.720   -8.574  1.00 27.91  ?  3   LCC A C4    1 
HETATM 52  N  N4    . LCC A 1 3  ? 11.885  0.917   -7.489  1.00 27.87  ?  3   LCC A N4    1 
HETATM 53  N  N3    . LCC A 1 3  ? 11.167  -0.491  -9.125  1.00 26.99  ?  3   LCC A N3    1 
HETATM 54  C  C2    . LCC A 1 3  ? 10.457  -0.660  -10.261 1.00 28.78  ?  3   LCC A C2    1 
HETATM 55  O  O2    . LCC A 1 3  ? 10.407  -1.801  -10.774 1.00 29.60  ?  3   LCC A O2    1 
HETATM 56  C  "C3'" . LCC A 1 3  ? 7.054   0.693   -11.750 1.00 30.59  ?  3   LCC A "C3'" 1 
HETATM 57  C  "C2'" . LCC A 1 3  ? 7.773   -0.542  -12.118 1.00 28.81  ?  3   LCC A "C2'" 1 
HETATM 58  O  "O2'" . LCC A 1 3  ? 7.217   -0.794  -13.414 1.00 32.08  ?  3   LCC A "O2'" 1 
HETATM 59  O  "O3'" . LCC A 1 3  ? 5.643   0.471   -11.840 1.00 32.76  ?  3   LCC A "O3'" 1 
HETATM 60  C  "C6'" . LCC A 1 3  ? 6.970   0.551   -14.077 1.00 31.57  ?  3   LCC A "C6'" 1 
HETATM 61  P  P     . LCC A 1 3  ? 7.490   5.202   -11.771 1.00 36.50  ?  3   LCC A P     1 
HETATM 62  O  O1P   . LCC A 1 3  ? 8.096   5.279   -10.317 1.00 31.02  -1 3   LCC A O1P   1 
HETATM 63  O  O2P   . LCC A 1 3  ? 6.102   5.589   -11.987 1.00 33.50  ?  3   LCC A O2P   1 
HETATM 64  P  P     . LCG A 1 4  ? 4.773   0.306   -10.432 1.00 33.01  ?  4   LCG A P     1 
HETATM 65  O  OP1   . LCG A 1 4  ? 3.360   0.316   -10.866 1.00 34.38  ?  4   LCG A OP1   1 
HETATM 66  O  "O5'" . LCG A 1 4  ? 5.131   -1.220  -9.895  1.00 31.08  ?  4   LCG A "O5'" 1 
HETATM 67  C  "C5'" . LCG A 1 4  ? 4.824   -2.398  -10.680 1.00 34.51  ?  4   LCG A "C5'" 1 
HETATM 68  C  "C3'" . LCG A 1 4  ? 5.113   -3.697  -8.532  1.00 32.62  ?  4   LCG A "C3'" 1 
HETATM 69  C  "C6'" . LCG A 1 4  ? 5.509   -5.052  -10.413 1.00 50.17  ?  4   LCG A "C6'" 1 
HETATM 70  N  N9    . LCG A 1 4  ? 7.966   -3.059  -8.042  1.00 30.09  ?  4   LCG A N9    1 
HETATM 71  C  C8    . LCG A 1 4  ? 7.948   -1.717  -8.076  1.00 31.03  ?  4   LCG A C8    1 
HETATM 72  C  C4    . LCG A 1 4  ? 8.710   -3.487  -7.014  1.00 28.65  ?  4   LCG A C4    1 
HETATM 73  N  N7    . LCG A 1 4  ? 8.703   -1.288  -7.070  1.00 30.67  ?  4   LCG A N7    1 
HETATM 74  C  C5    . LCG A 1 4  ? 9.167   -2.352  -6.393  1.00 29.80  ?  4   LCG A C5    1 
HETATM 75  C  C6    . LCG A 1 4  ? 9.952   -2.434  -5.323  1.00 27.90  ?  4   LCG A C6    1 
HETATM 76  C  "C2'" . LCG A 1 4  ? 6.137   -4.753  -8.164  1.00 31.77  ?  4   LCG A "C2'" 1 
HETATM 77  O  O6    . LCG A 1 4  ? 10.450  -1.450  -4.717  1.00 30.40  ?  4   LCG A O6    1 
HETATM 78  C  "C4'" . LCG A 1 4  ? 5.574   -3.514  -9.966  1.00 34.47  ?  4   LCG A "C4'" 1 
HETATM 79  C  "C1'" . LCG A 1 4  ? 7.388   -4.075  -8.806  1.00 31.82  ?  4   LCG A "C1'" 1 
HETATM 80  C  C2    . LCG A 1 4  ? 9.736   -4.850  -5.484  1.00 28.96  ?  4   LCG A C2    1 
HETATM 81  N  N1    . LCG A 1 4  ? 10.222  -3.665  -4.866  1.00 28.50  ?  4   LCG A N1    1 
HETATM 82  O  "O4'" . LCG A 1 4  ? 6.940   -3.312  -9.979  1.00 34.95  ?  4   LCG A "O4'" 1 
HETATM 83  O  OP2   . LCG A 1 4  ? 5.343   1.298   -9.285  1.00 29.49  -1 4   LCG A OP2   1 
HETATM 84  N  N2    . LCG A 1 4  ? 10.079  -5.982  -4.910  1.00 29.86  ?  4   LCG A N2    1 
HETATM 85  N  N3    . LCG A 1 4  ? 8.957   -4.764  -6.580  1.00 27.50  ?  4   LCG A N3    1 
HETATM 86  O  "O2'" . LCG A 1 4  ? 5.902   -5.890  -8.955  1.00 27.45  ?  4   LCG A "O2'" 1 
HETATM 87  O  "O3'" . LCG A 1 4  ? 3.747   -4.286  -8.540  1.00 35.19  ?  4   LCG A "O3'" 1 
ATOM   88  P  P     . A   A 1 5  ? 2.763   -4.117  -7.340  1.00 33.78  ?  5   A   A P     1 
ATOM   89  O  OP1   . A   A 1 5  ? 1.482   -4.639  -7.834  1.00 38.52  ?  5   A   A OP1   1 
ATOM   90  O  OP2   . A   A 1 5  ? 2.826   -2.802  -6.804  1.00 27.67  -1 5   A   A OP2   1 
ATOM   91  O  "O5'" . A   A 1 5  ? 3.350   -5.101  -6.250  1.00 30.75  ?  5   A   A "O5'" 1 
ATOM   92  C  "C5'" . A   A 1 5  ? 3.261   -6.508  -6.382  1.00 33.87  ?  5   A   A "C5'" 1 
ATOM   93  C  "C4'" . A   A 1 5  ? 3.984   -7.169  -5.231  1.00 34.26  ?  5   A   A "C4'" 1 
ATOM   94  O  "O4'" . A   A 1 5  ? 5.420   -6.958  -5.318  1.00 33.71  ?  5   A   A "O4'" 1 
ATOM   95  C  "C3'" . A   A 1 5  ? 3.643   -6.685  -3.829  1.00 33.29  ?  5   A   A "C3'" 1 
ATOM   96  O  "O3'" . A   A 1 5  ? 2.431   -7.220  -3.340  1.00 32.64  ?  5   A   A "O3'" 1 
ATOM   97  C  "C2'" . A   A 1 5  ? 4.821   -7.227  -3.065  1.00 34.02  ?  5   A   A "C2'" 1 
ATOM   98  O  "O2'" . A   A 1 5  ? 4.734   -8.613  -2.949  1.00 34.21  ?  5   A   A "O2'" 1 
ATOM   99  C  "C1'" . A   A 1 5  ? 5.954   -6.843  -4.012  1.00 33.60  ?  5   A   A "C1'" 1 
ATOM   100 N  N9    . A   A 1 5  ? 6.368   -5.463  -3.804  1.00 28.56  ?  5   A   A N9    1 
ATOM   101 C  C8    . A   A 1 5  ? 5.957   -4.328  -4.458  1.00 29.35  ?  5   A   A C8    1 
ATOM   102 N  N7    . A   A 1 5  ? 6.561   -3.241  -4.055  1.00 29.19  ?  5   A   A N7    1 
ATOM   103 C  C5    . A   A 1 5  ? 7.380   -3.680  -3.025  1.00 29.52  ?  5   A   A C5    1 
ATOM   104 C  C6    . A   A 1 5  ? 8.232   -3.001  -2.156  1.00 31.97  ?  5   A   A C6    1 
ATOM   105 N  N6    . A   A 1 5  ? 8.424   -1.689  -2.207  1.00 33.71  ?  5   A   A N6    1 
ATOM   106 N  N1    . A   A 1 5  ? 8.932   -3.727  -1.261  1.00 29.76  ?  5   A   A N1    1 
ATOM   107 C  C2    . A   A 1 5  ? 8.732   -5.052  -1.216  1.00 32.16  ?  5   A   A C2    1 
ATOM   108 N  N3    . A   A 1 5  ? 7.950   -5.808  -1.982  1.00 31.95  ?  5   A   A N3    1 
ATOM   109 C  C4    . A   A 1 5  ? 7.272   -5.045  -2.858  1.00 29.11  ?  5   A   A C4    1 
ATOM   110 P  P     . C   A 1 6  ? 1.575   -6.430  -2.292  1.00 31.45  ?  6   C   A P     1 
ATOM   111 O  OP1   . C   A 1 6  ? 0.289   -7.138  -2.127  1.00 29.07  ?  6   C   A OP1   1 
ATOM   112 O  OP2   . C   A 1 6  ? 1.626   -5.006  -2.639  1.00 28.05  -1 6   C   A OP2   1 
ATOM   113 O  "O5'" . C   A 1 6  ? 2.368   -6.601  -0.925  1.00 32.45  ?  6   C   A "O5'" 1 
ATOM   114 C  "C5'" . C   A 1 6  ? 2.666   -7.899  -0.350  1.00 32.30  ?  6   C   A "C5'" 1 
ATOM   115 C  "C4'" . C   A 1 6  ? 3.746   -7.756  0.706   1.00 31.39  ?  6   C   A "C4'" 1 
ATOM   116 O  "O4'" . C   A 1 6  ? 4.939   -7.142  0.147   1.00 33.68  ?  6   C   A "O4'" 1 
ATOM   117 C  "C3'" . C   A 1 6  ? 3.397   -6.864  1.876   1.00 31.73  ?  6   C   A "C3'" 1 
ATOM   118 O  "O3'" . C   A 1 6  ? 2.697   -7.617  2.844   1.00 31.51  ?  6   C   A "O3'" 1 
ATOM   119 C  "C2'" . C   A 1 6  ? 4.777   -6.483  2.405   1.00 34.73  ?  6   C   A "C2'" 1 
ATOM   120 O  "O2'" . C   A 1 6  ? 5.407   -7.543  3.053   1.00 32.67  ?  6   C   A "O2'" 1 
ATOM   121 C  "C1'" . C   A 1 6  ? 5.543   -6.306  1.107   1.00 29.02  ?  6   C   A "C1'" 1 
ATOM   122 N  N1    . C   A 1 6  ? 5.511   -4.931  0.622   1.00 30.39  ?  6   C   A N1    1 
ATOM   123 C  C2    . C   A 1 6  ? 6.374   -4.015  1.225   1.00 32.50  ?  6   C   A C2    1 
ATOM   124 O  O2    . C   A 1 6  ? 7.135   -4.415  2.115   1.00 31.25  ?  6   C   A O2    1 
ATOM   125 N  N3    . C   A 1 6  ? 6.375   -2.731  0.805   1.00 28.52  ?  6   C   A N3    1 
ATOM   126 C  C4    . C   A 1 6  ? 5.565   -2.358  -0.192  1.00 33.15  ?  6   C   A C4    1 
ATOM   127 N  N4    . C   A 1 6  ? 5.601   -1.087  -0.587  1.00 31.27  ?  6   C   A N4    1 
ATOM   128 C  C5    . C   A 1 6  ? 4.631   -3.260  -0.783  1.00 30.38  ?  6   C   A C5    1 
ATOM   129 C  C6    . C   A 1 6  ? 4.628   -4.521  -0.337  1.00 30.49  ?  6   C   A C6    1 
ATOM   130 P  P     . U   A 1 7  ? 1.730   -6.870  3.886   1.00 34.04  ?  7   U   A P     1 
ATOM   131 O  OP1   . U   A 1 7  ? 0.992   -7.893  4.583   1.00 31.12  ?  7   U   A OP1   1 
ATOM   132 O  OP2   . U   A 1 7  ? 1.012   -5.785  3.238   1.00 29.74  -1 7   U   A OP2   1 
ATOM   133 O  "O5'" . U   A 1 7  ? 2.738   -6.099  4.844   1.00 34.53  ?  7   U   A "O5'" 1 
ATOM   134 C  "C5'" . U   A 1 7  ? 3.512   -6.784  5.825   1.00 37.48  ?  7   U   A "C5'" 1 
ATOM   135 C  "C4'" . U   A 1 7  ? 4.311   -5.774  6.607   1.00 40.08  ?  7   U   A "C4'" 1 
ATOM   136 O  "O4'" . U   A 1 7  ? 5.240   -5.100  5.717   1.00 41.16  ?  7   U   A "O4'" 1 
ATOM   137 C  "C3'" . U   A 1 7  ? 3.535   -4.626  7.241   1.00 43.92  ?  7   U   A "C3'" 1 
ATOM   138 O  "O3'" . U   A 1 7  ? 2.933   -5.056  8.449   1.00 42.28  ?  7   U   A "O3'" 1 
ATOM   139 C  "C2'" . U   A 1 7  ? 4.640   -3.609  7.463   1.00 44.63  ?  7   U   A "C2'" 1 
ATOM   140 O  "O2'" . U   A 1 7  ? 5.571   -3.960  8.469   1.00 45.59  ?  7   U   A "O2'" 1 
ATOM   141 C  "C1'" . U   A 1 7  ? 5.427   -3.773  6.171   1.00 38.53  ?  7   U   A "C1'" 1 
ATOM   142 N  N1    . U   A 1 7  ? 5.035   -2.843  5.116   1.00 37.21  ?  7   U   A N1    1 
ATOM   143 C  C2    . U   A 1 7  ? 5.561   -1.579  5.207   1.00 37.07  ?  7   U   A C2    1 
ATOM   144 O  O2    . U   A 1 7  ? 6.271   -1.227  6.128   1.00 44.80  ?  7   U   A O2    1 
ATOM   145 N  N3    . U   A 1 7  ? 5.234   -0.740  4.176   1.00 36.46  ?  7   U   A N3    1 
ATOM   146 C  C4    . U   A 1 7  ? 4.438   -1.027  3.094   1.00 36.17  ?  7   U   A C4    1 
ATOM   147 O  O4    . U   A 1 7  ? 4.251   -0.166  2.245   1.00 35.18  ?  7   U   A O4    1 
ATOM   148 C  C5    . U   A 1 7  ? 3.882   -2.348  3.094   1.00 32.78  ?  7   U   A C5    1 
ATOM   149 C  C6    . U   A 1 7  ? 4.195   -3.192  4.080   1.00 35.16  ?  7   U   A C6    1 
ATOM   150 P  P     . U   A 1 8  ? 1.555   -4.483  8.942   1.00 44.31  ?  8   U   A P     1 
ATOM   151 O  OP1   . U   A 1 8  ? 1.064   -5.424  10.008  1.00 42.07  ?  8   U   A OP1   1 
ATOM   152 O  OP2   . U   A 1 8  ? 0.667   -4.160  7.789   1.00 40.33  -1 8   U   A OP2   1 
ATOM   153 O  "O5'" . U   A 1 8  ? 1.952   -3.041  9.468   1.00 44.65  ?  8   U   A "O5'" 1 
ATOM   154 C  "C5'" . U   A 1 8  ? 2.871   -2.906  10.569  1.00 43.59  ?  8   U   A "C5'" 1 
ATOM   155 C  "C4'" . U   A 1 8  ? 3.273   -1.469  10.727  1.00 43.84  ?  8   U   A "C4'" 1 
ATOM   156 O  "O4'" . U   A 1 8  ? 4.114   -1.094  9.609   1.00 46.39  ?  8   U   A "O4'" 1 
ATOM   157 C  "C3'" . U   A 1 8  ? 2.155   -0.436  10.695  1.00 47.12  ?  8   U   A "C3'" 1 
ATOM   158 O  "O3'" . U   A 1 8  ? 1.427   -0.199  11.895  1.00 47.82  ?  8   U   A "O3'" 1 
ATOM   159 C  "C2'" . U   A 1 8  ? 2.922   0.819   10.328  1.00 49.55  ?  8   U   A "C2'" 1 
ATOM   160 O  "O2'" . U   A 1 8  ? 3.595   1.345   11.444  1.00 52.21  ?  8   U   A "O2'" 1 
ATOM   161 C  "C1'" . U   A 1 8  ? 3.895   0.273   9.285   1.00 47.77  ?  8   U   A "C1'" 1 
ATOM   162 N  N1    . U   A 1 8  ? 3.385   0.396   7.901   1.00 47.65  ?  8   U   A N1    1 
ATOM   163 C  C2    . U   A 1 8  ? 3.579   1.617   7.271   1.00 46.36  ?  8   U   A C2    1 
ATOM   164 O  O2    . U   A 1 8  ? 4.151   2.549   7.800   1.00 48.71  ?  8   U   A O2    1 
ATOM   165 N  N3    . U   A 1 8  ? 3.098   1.693   5.988   1.00 43.37  ?  8   U   A N3    1 
ATOM   166 C  C4    . U   A 1 8  ? 2.446   0.705   5.280   1.00 46.02  ?  8   U   A C4    1 
ATOM   167 O  O4    . U   A 1 8  ? 2.054   0.940   4.140   1.00 39.39  ?  8   U   A O4    1 
ATOM   168 C  C5    . U   A 1 8  ? 2.264   -0.523  6.000   1.00 46.61  ?  8   U   A C5    1 
ATOM   169 C  C6    . U   A 1 8  ? 2.719   -0.631  7.259   1.00 49.56  ?  8   U   A C6    1 
ATOM   170 P  P     . A   A 1 9  ? -0.130  0.045   11.847  1.00 53.71  ?  9   A   A P     1 
ATOM   171 O  OP1   . A   A 1 9  ? -0.639  -0.231  13.209  1.00 64.41  ?  9   A   A OP1   1 
ATOM   172 O  OP2   . A   A 1 9  ? -0.716  -0.708  10.734  1.00 47.74  -1 9   A   A OP2   1 
ATOM   173 O  "O5'" . A   A 1 9  ? -0.270  1.590   11.510  1.00 46.78  ?  9   A   A "O5'" 1 
ATOM   174 C  "C5'" . A   A 1 9  ? 0.243   2.553   12.441  1.00 48.77  ?  9   A   A "C5'" 1 
ATOM   175 C  "C4'" . A   A 1 9  ? 0.268   3.940   11.862  1.00 47.95  ?  9   A   A "C4'" 1 
ATOM   176 O  "O4'" . A   A 1 9  ? 1.168   3.983   10.739  1.00 48.92  ?  9   A   A "O4'" 1 
ATOM   177 C  "C3'" . A   A 1 9  ? -1.033  4.478   11.293  1.00 50.18  ?  9   A   A "C3'" 1 
ATOM   178 O  "O3'" . A   A 1 9  ? -1.912  4.946   12.292  1.00 53.77  ?  9   A   A "O3'" 1 
ATOM   179 C  "C2'" . A   A 1 9  ? -0.543  5.594   10.387  1.00 53.31  ?  9   A   A "C2'" 1 
ATOM   180 O  "O2'" . A   A 1 9  ? -0.399  6.846   11.040  1.00 57.20  ?  9   A   A "O2'" 1 
ATOM   181 C  "C1'" . A   A 1 9  ? 0.719   4.953   9.805   1.00 48.13  ?  9   A   A "C1'" 1 
ATOM   182 N  N9    . A   A 1 9  ? 0.454   4.253   8.546   1.00 48.20  ?  9   A   A N9    1 
ATOM   183 C  C8    . A   A 1 9  ? 0.267   2.903   8.369   1.00 48.13  ?  9   A   A C8    1 
ATOM   184 N  N7    . A   A 1 9  ? 0.070   2.557   7.123   1.00 47.00  ?  9   A   A N7    1 
ATOM   185 C  C5    . A   A 1 9  ? 0.107   3.761   6.435   1.00 43.67  ?  9   A   A C5    1 
ATOM   186 C  C6    . A   A 1 9  ? -0.022  4.072   5.077   1.00 42.68  ?  9   A   A C6    1 
ATOM   187 N  N6    . A   A 1 9  ? -0.266  3.159   4.142   1.00 35.56  ?  9   A   A N6    1 
ATOM   188 N  N1    . A   A 1 9  ? 0.114   5.368   4.706   1.00 43.79  ?  9   A   A N1    1 
ATOM   189 C  C2    . A   A 1 9  ? 0.365   6.279   5.653   1.00 44.63  ?  9   A   A C2    1 
ATOM   190 N  N3    . A   A 1 9  ? 0.496   6.109   6.967   1.00 44.23  ?  9   A   A N3    1 
ATOM   191 C  C4    . A   A 1 9  ? 0.361   4.812   7.296   1.00 47.78  ?  9   A   A C4    1 
ATOM   192 P  P     . A   A 1 10 ? -3.452  4.694   12.122  1.00 54.67  ?  10  A   A P     1 
ATOM   193 O  OP1   . A   A 1 10 ? -4.076  4.830   13.454  1.00 70.56  ?  10  A   A OP1   1 
ATOM   194 O  OP2   . A   A 1 10 ? -3.616  3.422   11.383  1.00 59.38  -1 10  A   A OP2   1 
ATOM   195 O  "O5'" . A   A 1 10 ? -3.953  5.934   11.259  1.00 53.73  ?  10  A   A "O5'" 1 
ATOM   196 C  "C5'" . A   A 1 10 ? -3.805  7.267   11.749  1.00 51.43  ?  10  A   A "C5'" 1 
ATOM   197 C  "C4'" . A   A 1 10 ? -3.803  8.221   10.599  1.00 50.77  ?  10  A   A "C4'" 1 
ATOM   198 O  "O4'" . A   A 1 10 ? -2.727  7.885   9.685   1.00 51.16  ?  10  A   A "O4'" 1 
ATOM   199 C  "C3'" . A   A 1 10 ? -5.042  8.163   9.723   1.00 53.17  ?  10  A   A "C3'" 1 
ATOM   200 O  "O3'" . A   A 1 10 ? -6.164  8.826   10.283  1.00 59.13  ?  10  A   A "O3'" 1 
ATOM   201 C  "C2'" . A   A 1 10 ? -4.534  8.785   8.433   1.00 53.33  ?  10  A   A "C2'" 1 
ATOM   202 O  "O2'" . A   A 1 10 ? -4.524  10.192  8.346   1.00 54.91  ?  10  A   A "O2'" 1 
ATOM   203 C  "C1'" . A   A 1 10 ? -3.132  8.181   8.351   1.00 49.91  ?  10  A   A "C1'" 1 
ATOM   204 N  N9    . A   A 1 10 ? -3.154  6.949   7.545   1.00 49.87  ?  10  A   A N9    1 
ATOM   205 C  C8    . A   A 1 10 ? -3.242  5.639   7.948   1.00 46.75  ?  10  A   A C8    1 
ATOM   206 N  N7    . A   A 1 10 ? -3.319  4.787   6.956   1.00 45.56  ?  10  A   A N7    1 
ATOM   207 C  C5    . A   A 1 10 ? -3.305  5.589   5.824   1.00 43.71  ?  10  A   A C5    1 
ATOM   208 C  C6    . A   A 1 10 ? -3.372  5.292   4.451   1.00 41.96  ?  10  A   A C6    1 
ATOM   209 N  N6    . A   A 1 10 ? -3.458  4.054   3.970   1.00 40.27  ?  10  A   A N6    1 
ATOM   210 N  N1    . A   A 1 10 ? -3.375  6.325   3.580   1.00 41.14  ?  10  A   A N1    1 
ATOM   211 C  C2    . A   A 1 10 ? -3.284  7.567   4.065   1.00 43.18  ?  10  A   A C2    1 
ATOM   212 N  N3    . A   A 1 10 ? -3.232  7.974   5.333   1.00 46.63  ?  10  A   A N3    1 
ATOM   213 C  C4    . A   A 1 10 ? -3.235  6.923   6.172   1.00 44.81  ?  10  A   A C4    1 
ATOM   214 P  P     . G   A 1 11 ? -7.619  8.180   10.130  1.00 62.10  ?  11  G   A P     1 
ATOM   215 O  OP1   . G   A 1 11 ? -8.547  8.926   11.009  1.00 70.59  ?  11  G   A OP1   1 
ATOM   216 O  OP2   . G   A 1 11 ? -7.473  6.717   10.320  1.00 62.27  -1 11  G   A OP2   1 
ATOM   217 O  "O5'" . G   A 1 11 ? -8.034  8.566   8.641   1.00 52.95  ?  11  G   A "O5'" 1 
ATOM   218 C  "C5'" . G   A 1 11 ? -8.089  9.937   8.230   1.00 50.17  ?  11  G   A "C5'" 1 
ATOM   219 C  "C4'" . G   A 1 11 ? -8.005  10.028  6.736   1.00 50.74  ?  11  G   A "C4'" 1 
ATOM   220 O  "O4'" . G   A 1 11 ? -6.830  9.327   6.257   1.00 51.86  ?  11  G   A "O4'" 1 
ATOM   221 C  "C3'" . G   A 1 11 ? -9.100  9.351   5.941   1.00 48.80  ?  11  G   A "C3'" 1 
ATOM   222 O  "O3'" . G   A 1 11 ? -10.348 10.016  6.027   1.00 57.51  ?  11  G   A "O3'" 1 
ATOM   223 C  "C2'" . G   A 1 11 ? -8.468  9.363   4.557   1.00 47.78  ?  11  G   A "C2'" 1 
ATOM   224 O  "O2'" . G   A 1 11 ? -8.543  10.580  3.838   1.00 41.53  ?  11  G   A "O2'" 1 
ATOM   225 C  "C1'" . G   A 1 11 ? -7.037  8.950   4.903   1.00 48.04  ?  11  G   A "C1'" 1 
ATOM   226 N  N9    . G   A 1 11 ? -6.853  7.507   4.793   1.00 44.88  ?  11  G   A N9    1 
ATOM   227 C  C8    . G   A 1 11 ? -6.696  6.600   5.810   1.00 37.74  ?  11  G   A C8    1 
ATOM   228 N  N7    . G   A 1 11 ? -6.559  5.372   5.384   1.00 38.70  ?  11  G   A N7    1 
ATOM   229 C  C5    . G   A 1 11 ? -6.663  5.474   4.005   1.00 36.26  ?  11  G   A C5    1 
ATOM   230 C  C6    . G   A 1 11 ? -6.573  4.474   3.002   1.00 39.19  ?  11  G   A C6    1 
ATOM   231 O  O6    . G   A 1 11 ? -6.404  3.261   3.144   1.00 33.42  ?  11  G   A O6    1 
ATOM   232 N  N1    . G   A 1 11 ? -6.727  5.009   1.732   1.00 36.19  ?  11  G   A N1    1 
ATOM   233 C  C2    . G   A 1 11 ? -6.878  6.347   1.452   1.00 42.06  ?  11  G   A C2    1 
ATOM   234 N  N2    . G   A 1 11 ? -6.984  6.676   0.161   1.00 38.41  ?  11  G   A N2    1 
ATOM   235 N  N3    . G   A 1 11 ? -6.932  7.293   2.377   1.00 40.54  ?  11  G   A N3    1 
ATOM   236 C  C4    . G   A 1 11 ? -6.814  6.787   3.621   1.00 40.88  ?  11  G   A C4    1 
ATOM   237 P  P     . U   A 1 12 ? -11.737 9.253   5.709   1.00 57.18  ?  12  U   A P     1 
ATOM   238 O  OP1   . U   A 1 12 ? -12.837 10.230  5.941   1.00 55.51  ?  12  U   A OP1   1 
ATOM   239 O  OP2   . U   A 1 12 ? -11.719 7.940   6.413   1.00 43.51  -1 12  U   A OP2   1 
ATOM   240 O  "O5'" . U   A 1 12 ? -11.713 9.076   4.131   1.00 50.88  ?  12  U   A "O5'" 1 
ATOM   241 C  "C5'" . U   A 1 12 ? -11.852 10.181  3.240   1.00 46.11  ?  12  U   A "C5'" 1 
ATOM   242 C  "C4'" . U   A 1 12 ? -11.852 9.684   1.822   1.00 46.41  ?  12  U   A "C4'" 1 
ATOM   243 O  "O4'" . U   A 1 12 ? -10.606 8.991   1.543   1.00 47.73  ?  12  U   A "O4'" 1 
ATOM   244 C  "C3'" . U   A 1 12 ? -12.909 8.646   1.491   1.00 44.52  ?  12  U   A "C3'" 1 
ATOM   245 O  "O3'" . U   A 1 12 ? -14.192 9.191   1.221   1.00 45.50  ?  12  U   A "O3'" 1 
ATOM   246 C  "C2'" . U   A 1 12 ? -12.309 8.015   0.254   1.00 41.91  ?  12  U   A "C2'" 1 
ATOM   247 O  "O2'" . U   A 1 12 ? -12.389 8.784   -0.929  1.00 42.86  ?  12  U   A "O2'" 1 
ATOM   248 C  "C1'" . U   A 1 12 ? -10.860 7.892   0.685   1.00 41.51  ?  12  U   A "C1'" 1 
ATOM   249 N  N1    . U   A 1 12 ? -10.535 6.642   1.395   1.00 42.44  ?  12  U   A N1    1 
ATOM   250 C  C2    . U   A 1 12 ? -10.278 5.521   0.616   1.00 38.27  ?  12  U   A C2    1 
ATOM   251 O  O2    . U   A 1 12 ? -10.405 5.513   -0.598  1.00 40.89  ?  12  U   A O2    1 
ATOM   252 N  N3    . U   A 1 12 ? -9.937  4.398   1.324   1.00 36.76  ?  12  U   A N3    1 
ATOM   253 C  C4    . U   A 1 12 ? -9.803  4.280   2.689   1.00 38.34  ?  12  U   A C4    1 
ATOM   254 O  O4    . U   A 1 12 ? -9.484  3.201   3.169   1.00 39.76  ?  12  U   A O4    1 
ATOM   255 C  C5    . U   A 1 12 ? -10.060 5.482   3.420   1.00 36.90  ?  12  U   A C5    1 
ATOM   256 C  C6    . U   A 1 12 ? -10.428 6.586   2.768   1.00 37.87  ?  12  U   A C6    1 
ATOM   257 P  P     . C   A 1 13 ? -15.517 8.342   1.498   1.00 45.74  ?  13  C   A P     1 
ATOM   258 O  OP1   . C   A 1 13 ? -16.675 9.218   1.254   1.00 44.87  ?  13  C   A OP1   1 
ATOM   259 O  OP2   . C   A 1 13 ? -15.360 7.572   2.742   1.00 41.32  -1 13  C   A OP2   1 
ATOM   260 O  "O5'" . C   A 1 13 ? -15.579 7.248   0.348   1.00 42.46  ?  13  C   A "O5'" 1 
ATOM   261 C  "C5'" . C   A 1 13 ? -15.637 7.581   -1.030  1.00 35.20  ?  13  C   A "C5'" 1 
ATOM   262 C  "C4'" . C   A 1 13 ? -15.341 6.330   -1.817  1.00 36.14  ?  13  C   A "C4'" 1 
ATOM   263 O  "O4'" . C   A 1 13 ? -13.995 5.855   -1.562  1.00 36.26  ?  13  C   A "O4'" 1 
ATOM   264 C  "C3'" . C   A 1 13 ? -16.171 5.111   -1.483  1.00 34.30  ?  13  C   A "C3'" 1 
ATOM   265 O  "O3'" . C   A 1 13 ? -17.442 5.261   -2.046  1.00 35.81  ?  13  C   A "O3'" 1 
ATOM   266 C  "C2'" . C   A 1 13 ? -15.351 4.020   -2.154  1.00 33.29  ?  13  C   A "C2'" 1 
ATOM   267 O  "O2'" . C   A 1 13 ? -15.417 4.160   -3.555  1.00 31.00  ?  13  C   A "O2'" 1 
ATOM   268 C  "C1'" . C   A 1 13 ? -13.954 4.438   -1.731  1.00 32.31  ?  13  C   A "C1'" 1 
ATOM   269 N  N1    . C   A 1 13 ? -13.557 3.812   -0.467  1.00 33.96  ?  13  C   A N1    1 
ATOM   270 C  C2    . C   A 1 13 ? -13.110 2.493   -0.503  1.00 32.31  ?  13  C   A C2    1 
ATOM   271 O  O2    . C   A 1 13 ? -13.031 1.921   -1.600  1.00 32.38  ?  13  C   A O2    1 
ATOM   272 N  N3    . C   A 1 13 ? -12.732 1.894   0.649   1.00 31.08  ?  13  C   A N3    1 
ATOM   273 C  C4    . C   A 1 13 ? -12.873 2.538   1.809   1.00 30.13  ?  13  C   A C4    1 
ATOM   274 N  N4    . C   A 1 13 ? -12.522 1.912   2.916   1.00 29.34  ?  13  C   A N4    1 
ATOM   275 C  C5    . C   A 1 13 ? -13.364 3.869   1.875   1.00 33.74  ?  13  C   A C5    1 
ATOM   276 C  C6    . C   A 1 13 ? -13.706 4.457   0.728   1.00 35.07  ?  13  C   A C6    1 
ATOM   277 P  P     . G   A 1 14 ? -18.657 4.477   -1.424  1.00 38.39  ?  14  G   A P     1 
ATOM   278 O  OP1   . G   A 1 14 ? -19.823 4.751   -2.241  1.00 38.65  ?  14  G   A OP1   1 
ATOM   279 O  OP2   . G   A 1 14 ? -18.626 4.706   0.042   1.00 35.61  -1 14  G   A OP2   1 
ATOM   280 O  "O5'" . G   A 1 14 ? -18.316 2.927   -1.593  1.00 35.90  ?  14  G   A "O5'" 1 
ATOM   281 C  "C5'" . G   A 1 14 ? -18.349 2.329   -2.877  1.00 31.91  ?  14  G   A "C5'" 1 
ATOM   282 C  "C4'" . G   A 1 14 ? -17.895 0.912   -2.769  1.00 29.32  ?  14  G   A "C4'" 1 
ATOM   283 O  "O4'" . G   A 1 14 ? -16.554 0.855   -2.223  1.00 27.58  ?  14  G   A "O4'" 1 
ATOM   284 C  "C3'" . G   A 1 14 ? -18.637 0.027   -1.785  1.00 28.07  ?  14  G   A "C3'" 1 
ATOM   285 O  "O3'" . G   A 1 14 ? -19.980 -0.223  -2.191  1.00 34.82  ?  14  G   A "O3'" 1 
ATOM   286 C  "C2'" . G   A 1 14 ? -17.696 -1.155  -1.744  1.00 29.89  ?  14  G   A "C2'" 1 
ATOM   287 O  "O2'" . G   A 1 14 ? -17.721 -1.991  -2.890  1.00 28.42  ?  14  G   A "O2'" 1 
ATOM   288 C  "C1'" . G   A 1 14 ? -16.361 -0.421  -1.643  1.00 27.38  ?  14  G   A "C1'" 1 
ATOM   289 N  N9    . G   A 1 14 ? -15.944 -0.253  -0.258  1.00 30.09  ?  14  G   A N9    1 
ATOM   290 C  C8    . G   A 1 14 ? -16.063 0.856   0.553   1.00 31.01  ?  14  G   A C8    1 
ATOM   291 N  N7    . G   A 1 14 ? -15.581 0.662   1.750   1.00 30.48  ?  14  G   A N7    1 
ATOM   292 C  C5    . G   A 1 14 ? -15.197 -0.672  1.749   1.00 30.50  ?  14  G   A C5    1 
ATOM   293 C  C6    . G   A 1 14 ? -14.622 -1.456  2.766   1.00 29.84  ?  14  G   A C6    1 
ATOM   294 O  O6    . G   A 1 14 ? -14.375 -1.140  3.930   1.00 29.03  ?  14  G   A O6    1 
ATOM   295 N  N1    . G   A 1 14 ? -14.371 -2.754  2.335   1.00 26.41  ?  14  G   A N1    1 
ATOM   296 C  C2    . G   A 1 14 ? -14.610 -3.226  1.075   1.00 26.81  ?  14  G   A C2    1 
ATOM   297 N  N2    . G   A 1 14 ? -14.297 -4.510  0.856   1.00 29.14  ?  14  G   A N2    1 
ATOM   298 N  N3    . G   A 1 14 ? -15.151 -2.508  0.113   1.00 30.00  ?  14  G   A N3    1 
ATOM   299 C  C4    . G   A 1 14 ? -15.389 -1.238  0.508   1.00 29.10  ?  14  G   A C4    1 
ATOM   300 P  P     . G   A 1 15 ? -21.152 -0.582  -1.113  1.00 42.28  ?  15  G   A P     1 
ATOM   301 O  OP1   . G   A 1 15 ? -22.406 -0.823  -1.897  1.00 40.99  ?  15  G   A OP1   1 
ATOM   302 O  OP2   . G   A 1 15 ? -21.165 0.459   -0.031  1.00 39.77  -1 15  G   A OP2   1 
ATOM   303 O  "O5'" . G   A 1 15 ? -20.618 -1.900  -0.376  1.00 40.91  ?  15  G   A "O5'" 1 
ATOM   304 C  "C5'" . G   A 1 15 ? -20.653 -3.106  -1.086  1.00 41.04  ?  15  G   A "C5'" 1 
ATOM   305 C  "C4'" . G   A 1 15 ? -19.928 -4.167  -0.307  1.00 37.34  ?  15  G   A "C4'" 1 
ATOM   306 O  "O4'" . G   A 1 15 ? -18.655 -3.703  0.189   1.00 31.75  ?  15  G   A "O4'" 1 
ATOM   307 C  "C3'" . G   A 1 15 ? -20.531 -4.738  0.960   1.00 35.59  ?  15  G   A "C3'" 1 
ATOM   308 O  "O3'" . G   A 1 15 ? -21.643 -5.595  0.753   1.00 37.74  ?  15  G   A "O3'" 1 
ATOM   309 C  "C2'" . G   A 1 15 ? -19.361 -5.596  1.415   1.00 33.33  ?  15  G   A "C2'" 1 
ATOM   310 O  "O2'" . G   A 1 15 ? -19.204 -6.679  0.529   1.00 30.35  ?  15  G   A "O2'" 1 
ATOM   311 C  "C1'" . G   A 1 15 ? -18.194 -4.637  1.157   1.00 33.01  ?  15  G   A "C1'" 1 
ATOM   312 N  N9    . G   A 1 15 ? -17.833 -3.897  2.349   1.00 29.02  ?  15  G   A N9    1 
ATOM   313 C  C8    . G   A 1 15 ? -18.125 -2.589  2.645   1.00 29.93  ?  15  G   A C8    1 
ATOM   314 N  N7    . G   A 1 15 ? -17.643 -2.208  3.793   1.00 28.41  ?  15  G   A N7    1 
ATOM   315 C  C5    . G   A 1 15 ? -17.070 -3.355  4.320   1.00 27.36  ?  15  G   A C5    1 
ATOM   316 C  C6    . G   A 1 15 ? -16.396 -3.558  5.539   1.00 28.58  ?  15  G   A C6    1 
ATOM   317 O  O6    . G   A 1 15 ? -16.198 -2.750  6.446   1.00 28.58  ?  15  G   A O6    1 
ATOM   318 N  N1    . G   A 1 15 ? -15.949 -4.871  5.669   1.00 31.14  ?  15  G   A N1    1 
ATOM   319 C  C2    . G   A 1 15 ? -16.118 -5.857  4.729   1.00 30.22  ?  15  G   A C2    1 
ATOM   320 N  N2    . G   A 1 15 ? -15.614 -7.057  5.026   1.00 28.60  ?  15  G   A N2    1 
ATOM   321 N  N3    . G   A 1 15 ? -16.736 -5.674  3.579   1.00 27.30  ?  15  G   A N3    1 
ATOM   322 C  C4    . G   A 1 15 ? -17.158 -4.399  3.431   1.00 30.66  ?  15  G   A C4    1 
HETATM 323 O  "O5'" . LCC B 1 1  ? -11.877 -5.486  17.623  1.00 45.58  ?  1   LCC B "O5'" 1 
HETATM 324 C  "C5'" . LCC B 1 1  ? -11.911 -6.955  17.628  1.00 39.34  ?  1   LCC B "C5'" 1 
HETATM 325 C  "C4'" . LCC B 1 1  ? -12.733 -7.347  16.372  1.00 39.82  ?  1   LCC B "C4'" 1 
HETATM 326 O  "O4'" . LCC B 1 1  ? -13.999 -6.707  16.220  1.00 40.13  ?  1   LCC B "O4'" 1 
HETATM 327 C  "C1'" . LCC B 1 1  ? -14.366 -6.907  14.828  1.00 38.09  ?  1   LCC B "C1'" 1 
HETATM 328 N  N1    . LCC B 1 1  ? -14.756 -5.598  14.207  1.00 33.74  ?  1   LCC B N1    1 
HETATM 329 C  C6    . LCC B 1 1  ? -14.400 -4.368  14.827  1.00 33.26  ?  1   LCC B C6    1 
HETATM 330 C  C5    . LCC B 1 1  ? -14.829 -3.194  14.262  1.00 40.94  ?  1   LCC B C5    1 
HETATM 331 C  C5M   . LCC B 1 1  ? -14.499 -1.961  14.846  1.00 44.28  ?  1   LCC B C5M   1 
HETATM 332 C  C4    . LCC B 1 1  ? -15.574 -3.286  13.070  1.00 39.68  ?  1   LCC B C4    1 
HETATM 333 N  N4    . LCC B 1 1  ? -15.988 -2.155  12.515  1.00 42.31  ?  1   LCC B N4    1 
HETATM 334 N  N3    . LCC B 1 1  ? -15.865 -4.499  12.516  1.00 38.81  ?  1   LCC B N3    1 
HETATM 335 C  C2    . LCC B 1 1  ? -15.480 -5.648  13.081  1.00 33.38  ?  1   LCC B C2    1 
HETATM 336 O  O2    . LCC B 1 1  ? -15.737 -6.749  12.548  1.00 32.25  ?  1   LCC B O2    1 
HETATM 337 C  "C3'" . LCC B 1 1  ? -12.100 -6.960  15.111  1.00 41.53  ?  1   LCC B "C3'" 1 
HETATM 338 C  "C2'" . LCC B 1 1  ? -13.142 -7.615  14.301  1.00 39.69  ?  1   LCC B "C2'" 1 
HETATM 339 O  "O2'" . LCC B 1 1  ? -13.147 -9.009  14.801  1.00 39.77  ?  1   LCC B "O2'" 1 
HETATM 340 O  "O3'" . LCC B 1 1  ? -10.880 -7.680  15.075  1.00 45.45  ?  1   LCC B "O3'" 1 
HETATM 341 C  "C6'" . LCC B 1 1  ? -12.923 -8.888  16.261  1.00 40.92  ?  1   LCC B "C6'" 1 
HETATM 342 O  "O5'" . LCC B 1 2  ? -10.532 -7.977  12.290  1.00 34.02  ?  2   LCC B "O5'" 1 
HETATM 343 C  "C5'" . LCC B 1 2  ? -10.653 -9.411  12.052  1.00 33.22  ?  2   LCC B "C5'" 1 
HETATM 344 C  "C4'" . LCC B 1 2  ? -11.544 -9.479  10.835  1.00 36.93  ?  2   LCC B "C4'" 1 
HETATM 345 O  "O4'" . LCC B 1 2  ? -12.843 -8.865  10.924  1.00 36.40  ?  2   LCC B "O4'" 1 
HETATM 346 C  "C1'" . LCC B 1 2  ? -13.227 -8.692  9.601   1.00 35.29  ?  2   LCC B "C1'" 1 
HETATM 347 N  N1    . LCC B 1 2  ? -13.485 -7.264  9.420   1.00 31.61  ?  2   LCC B N1    1 
HETATM 348 C  C6    . LCC B 1 2  ? -12.998 -6.309  10.338  1.00 30.48  ?  2   LCC B C6    1 
HETATM 349 C  C5    . LCC B 1 2  ? -13.295 -4.989  10.114  1.00 33.22  ?  2   LCC B C5    1 
HETATM 350 C  C5M   . LCC B 1 2  ? -12.798 -4.028  10.982  1.00 33.48  ?  2   LCC B C5M   1 
HETATM 351 C  C4    . LCC B 1 2  ? -14.089 -4.690  8.988   1.00 31.53  ?  2   LCC B C4    1 
HETATM 352 N  N4    . LCC B 1 2  ? -14.392 -3.454  8.774   1.00 29.79  ?  2   LCC B N4    1 
HETATM 353 N  N3    . LCC B 1 2  ? -14.547 -5.627  8.164   1.00 31.60  ?  2   LCC B N3    1 
HETATM 354 C  C2    . LCC B 1 2  ? -14.226 -6.904  8.369   1.00 32.60  ?  2   LCC B C2    1 
HETATM 355 O  O2    . LCC B 1 2  ? -14.632 -7.779  7.584   1.00 31.80  ?  2   LCC B O2    1 
HETATM 356 C  "C3'" . LCC B 1 2  ? -10.967 -8.809  9.645   1.00 37.33  ?  2   LCC B "C3'" 1 
HETATM 357 C  "C2'" . LCC B 1 2  ? -12.043 -9.231  8.815   1.00 35.73  ?  2   LCC B "C2'" 1 
HETATM 358 O  "O2'" . LCC B 1 2  ? -12.037 -10.663 9.041   1.00 36.86  ?  2   LCC B "O2'" 1 
HETATM 359 O  "O3'" . LCC B 1 2  ? -9.866  -9.592  9.240   1.00 41.32  ?  2   LCC B "O3'" 1 
HETATM 360 C  "C6'" . LCC B 1 2  ? -11.775 -10.915 10.427  1.00 33.52  ?  2   LCC B "C6'" 1 
HETATM 361 P  P     . LCC B 1 2  ? -10.006 -7.375  13.696  1.00 44.35  ?  2   LCC B P     1 
HETATM 362 O  O1P   . LCC B 1 2  ? -8.817  -8.166  14.067  1.00 37.63  ?  2   LCC B O1P   1 
HETATM 363 O  O2P   . LCC B 1 2  ? -9.976  -5.749  13.499  1.00 36.57  -1 2   LCC B O2P   1 
HETATM 364 O  "O5'" . LCC B 1 3  ? -9.457  -8.671  6.921   1.00 33.01  ?  3   LCC B "O5'" 1 
HETATM 365 C  "C5'" . LCC B 1 3  ? -9.581  -9.916  6.179   1.00 30.48  ?  3   LCC B "C5'" 1 
HETATM 366 C  "C4'" . LCC B 1 3  ? -10.502 -9.524  5.031   1.00 29.46  ?  3   LCC B "C4'" 1 
HETATM 367 O  "O4'" . LCC B 1 3  ? -11.746 -8.899  5.390   1.00 29.00  ?  3   LCC B "O4'" 1 
HETATM 368 C  "C1'" . LCC B 1 3  ? -12.139 -8.215  4.217   1.00 28.65  ?  3   LCC B "C1'" 1 
HETATM 369 N  N1    . LCC B 1 3  ? -12.180 -6.792  4.578   1.00 26.49  ?  3   LCC B N1    1 
HETATM 370 C  C6    . LCC B 1 3  ? -11.588 -6.298  5.774   1.00 28.57  ?  3   LCC B C6    1 
HETATM 371 C  C5    . LCC B 1 3  ? -11.729 -4.942  6.072   1.00 27.67  ?  3   LCC B C5    1 
HETATM 372 C  C5M   . LCC B 1 3  ? -11.105 -4.383  7.242   1.00 29.91  ?  3   LCC B C5M   1 
HETATM 373 C  C4    . LCC B 1 3  ? -12.505 -4.162  5.209   1.00 28.68  ?  3   LCC B C4    1 
HETATM 374 N  N4    . LCC B 1 3  ? -12.648 -2.921  5.545   1.00 28.30  ?  3   LCC B N4    1 
HETATM 375 N  N3    . LCC B 1 3  ? -13.071 -4.657  4.093   1.00 26.04  ?  3   LCC B N3    1 
HETATM 376 C  C2    . LCC B 1 3  ? -12.893 -5.959  3.789   1.00 27.86  ?  3   LCC B C2    1 
HETATM 377 O  O2    . LCC B 1 3  ? -13.396 -6.419  2.739   1.00 28.34  ?  3   LCC B O2    1 
HETATM 378 C  "C3'" . LCC B 1 3  ? -9.945  -8.534  4.026   1.00 29.01  ?  3   LCC B "C3'" 1 
HETATM 379 C  "C2'" . LCC B 1 3  ? -11.148 -8.635  3.156   1.00 28.16  ?  3   LCC B "C2'" 1 
HETATM 380 O  "O2'" . LCC B 1 3  ? -11.144 -10.038 2.866   1.00 31.86  ?  3   LCC B "O2'" 1 
HETATM 381 O  "O3'" . LCC B 1 3  ? -8.833  -9.125  3.336   1.00 32.54  ?  3   LCC B "O3'" 1 
HETATM 382 C  "C6'" . LCC B 1 3  ? -10.726 -10.746 4.115   1.00 31.56  ?  3   LCC B "C6'" 1 
HETATM 383 P  P     . LCC B 1 3  ? -8.839  -8.606  8.434   1.00 36.16  ?  3   LCC B P     1 
HETATM 384 O  O1P   . LCC B 1 3  ? -7.596  -9.388  8.331   1.00 35.31  ?  3   LCC B O1P   1 
HETATM 385 O  O2P   . LCC B 1 3  ? -8.768  -7.069  8.552   1.00 32.80  -1 3   LCC B O2P   1 
HETATM 386 P  P     . LCG B 1 4  ? -7.609  -8.074  2.771   1.00 32.69  ?  4   LCG B P     1 
HETATM 387 O  OP1   . LCG B 1 4  ? -6.554  -8.973  2.323   1.00 35.91  ?  4   LCG B OP1   1 
HETATM 388 O  "O5'" . LCG B 1 4  ? -8.368  -7.432  1.430   1.00 31.20  ?  4   LCG B "O5'" 1 
HETATM 389 C  "C5'" . LCG B 1 4  ? -8.723  -8.240  0.288   1.00 34.49  ?  4   LCG B "C5'" 1 
HETATM 390 C  "C3'" . LCG B 1 4  ? -8.678  -6.050  -1.005  1.00 31.86  ?  4   LCG B "C3'" 1 
HETATM 391 C  "C6'" . LCG B 1 4  ? -10.141 -7.642  -2.017  1.00 49.18  ?  4   LCG B "C6'" 1 
HETATM 392 N  N9    . LCG B 1 4  ? -10.789 -4.620  0.522   1.00 30.06  ?  4   LCG B N9    1 
HETATM 393 C  C8    . LCG B 1 4  ? -10.312 -4.731  1.780   1.00 30.29  ?  4   LCG B C8    1 
HETATM 394 C  C4    . LCG B 1 4  ? -11.233 -3.379  0.316   1.00 28.67  ?  4   LCG B C4    1 
HETATM 395 N  N7    . LCG B 1 4  ? -10.462 -3.545  2.367   1.00 30.22  ?  4   LCG B N7    1 
HETATM 396 C  C5    . LCG B 1 4  ? -11.033 -2.698  1.491   1.00 29.35  ?  4   LCG B C5    1 
HETATM 397 C  C6    . LCG B 1 4  ? -11.389 -1.404  1.583   1.00 29.40  ?  4   LCG B C6    1 
HETATM 398 C  "C2'" . LCG B 1 4  ? -9.827  -5.310  -1.667  1.00 30.28  ?  4   LCG B "C2'" 1 
HETATM 399 O  O6    . LCG B 1 4  ? -11.297 -0.687  2.600   1.00 30.04  ?  4   LCG B O6    1 
HETATM 400 C  "C4'" . LCG B 1 4  ? -9.505  -7.259  -0.571  1.00 33.30  ?  4   LCG B "C4'" 1 
HETATM 401 C  "C1'" . LCG B 1 4  ? -10.893 -5.493  -0.573  1.00 30.63  ?  4   LCG B "C1'" 1 
HETATM 402 C  C2    . LCG B 1 4  ? -12.088 -1.527  -0.715  1.00 29.71  ?  4   LCG B C2    1 
HETATM 403 N  N1    . LCG B 1 4  ? -11.887 -0.827  0.492   1.00 28.78  ?  4   LCG B N1    1 
HETATM 404 O  "O4'" . LCG B 1 4  ? -10.629 -6.793  0.084   1.00 34.51  ?  4   LCG B "O4'" 1 
HETATM 405 O  OP2   . LCG B 1 4  ? -7.342  -6.911  3.766   1.00 28.79  -1 4   LCG B OP2   1 
HETATM 406 N  N2    . LCG B 1 4  ? -12.589 -0.823  -1.715  1.00 29.02  ?  4   LCG B N2    1 
HETATM 407 N  N3    . LCG B 1 4  ? -11.741 -2.820  -0.816  1.00 27.68  ?  4   LCG B N3    1 
HETATM 408 O  "O2'" . LCG B 1 4  ? -10.280 -6.104  -2.787  1.00 25.66  ?  4   LCG B "O2'" 1 
HETATM 409 O  "O3'" . LCG B 1 4  ? -7.690  -6.514  -2.017  1.00 34.57  ?  4   LCG B "O3'" 1 
ATOM   410 P  P     . A   B 1 5  ? -6.348  -5.680  -2.283  1.00 32.85  ?  5   A   B P     1 
ATOM   411 O  OP1   . A   B 1 5  ? -5.541  -6.586  -3.133  1.00 36.31  ?  5   A   B OP1   1 
ATOM   412 O  OP2   . A   B 1 5  ? -5.819  -5.241  -1.050  1.00 28.15  -1 5   A   B OP2   1 
ATOM   413 O  "O5'" . A   B 1 5  ? -6.885  -4.434  -3.107  1.00 30.23  ?  5   A   B "O5'" 1 
ATOM   414 C  "C5'" . A   B 1 5  ? -7.243  -4.530  -4.468  1.00 34.62  ?  5   A   B "C5'" 1 
ATOM   415 C  "C4'" . A   B 1 5  ? -7.765  -3.197  -4.950  1.00 33.95  ?  5   A   B "C4'" 1 
ATOM   416 O  "O4'" . A   B 1 5  ? -8.968  -2.813  -4.233  1.00 33.00  ?  5   A   B "O4'" 1 
ATOM   417 C  "C3'" . A   B 1 5  ? -6.843  -2.005  -4.747  1.00 32.73  ?  5   A   B "C3'" 1 
ATOM   418 O  "O3'" . A   B 1 5  ? -5.794  -1.968  -5.688  1.00 32.31  ?  5   A   B "O3'" 1 
ATOM   419 C  "C2'" . A   B 1 5  ? -7.822  -0.873  -4.893  1.00 33.25  ?  5   A   B "C2'" 1 
ATOM   420 O  "O2'" . A   B 1 5  ? -8.211  -0.701  -6.215  1.00 34.62  ?  5   A   B "O2'" 1 
ATOM   421 C  "C1'" . A   B 1 5  ? -8.982  -1.410  -4.059  1.00 32.40  ?  5   A   B "C1'" 1 
ATOM   422 N  N9    . A   B 1 5  ? -8.796  -1.123  -2.644  1.00 29.56  ?  5   A   B N9    1 
ATOM   423 C  C8    . A   B 1 5  ? -8.249  -1.914  -1.665  1.00 29.24  ?  5   A   B C8    1 
ATOM   424 N  N7    . A   B 1 5  ? -8.284  -1.377  -0.474  1.00 28.74  ?  5   A   B N7    1 
ATOM   425 C  C5    . A   B 1 5  ? -8.793  -0.107  -0.701  1.00 29.20  ?  5   A   B C5    1 
ATOM   426 C  C6    . A   B 1 5  ? -9.023  0.973   0.153   1.00 30.12  ?  5   A   B C6    1 
ATOM   427 N  N6    . A   B 1 5  ? -8.757  0.938   1.453   1.00 34.22  ?  5   A   B N6    1 
ATOM   428 N  N1    . A   B 1 5  ? -9.594  2.079   -0.368  1.00 28.75  ?  5   A   B N1    1 
ATOM   429 C  C2    . A   B 1 5  ? -9.853  2.105   -1.681  1.00 31.57  ?  5   A   B C2    1 
ATOM   430 N  N3    . A   B 1 5  ? -9.687  1.146   -2.588  1.00 32.92  ?  5   A   B N3    1 
ATOM   431 C  C4    . A   B 1 5  ? -9.118  0.063   -2.029  1.00 28.99  ?  5   A   B C4    1 
ATOM   432 P  P     . C   B 1 6  ? -4.427  -1.295  -5.315  1.00 30.90  ?  6   C   B P     1 
ATOM   433 O  OP1   . C   B 1 6  ? -3.478  -1.575  -6.407  1.00 29.55  ?  6   C   B OP1   1 
ATOM   434 O  OP2   . C   B 1 6  ? -4.101  -1.662  -3.940  1.00 26.89  -1 6   C   B OP2   1 
ATOM   435 O  "O5'" . C   B 1 6  ? -4.733  0.262   -5.313  1.00 32.68  ?  6   C   B "O5'" 1 
ATOM   436 C  "C5'" . C   B 1 6  ? -5.250  0.955   -6.457  1.00 32.94  ?  6   C   B "C5'" 1 
ATOM   437 C  "C4'" . C   B 1 6  ? -5.779  2.302   -6.026  1.00 31.74  ?  6   C   B "C4'" 1 
ATOM   438 O  "O4'" . C   B 1 6  ? -6.788  2.145   -4.988  1.00 32.77  ?  6   C   B "O4'" 1 
ATOM   439 C  "C3'" . C   B 1 6  ? -4.765  3.228   -5.399  1.00 32.76  ?  6   C   B "C3'" 1 
ATOM   440 O  "O3'" . C   B 1 6  ? -4.076  3.910   -6.428  1.00 31.50  ?  6   C   B "O3'" 1 
ATOM   441 C  "C2'" . C   B 1 6  ? -5.666  4.181   -4.619  1.00 33.40  ?  6   C   B "C2'" 1 
ATOM   442 O  "O2'" . C   B 1 6  ? -6.346  5.062   -5.455  1.00 32.16  ?  6   C   B "O2'" 1 
ATOM   443 C  "C1'" . C   B 1 6  ? -6.702  3.215   -4.075  1.00 28.85  ?  6   C   B "C1'" 1 
ATOM   444 N  N1    . C   B 1 6  ? -6.351  2.689   -2.752  1.00 30.83  ?  6   C   B N1    1 
ATOM   445 C  C2    . C   B 1 6  ? -6.591  3.510   -1.650  1.00 32.81  ?  6   C   B C2    1 
ATOM   446 O  O2    . C   B 1 6  ? -7.096  4.618   -1.841  1.00 31.30  ?  6   C   B O2    1 
ATOM   447 N  N3    . C   B 1 6  ? -6.292  3.061   -0.412  1.00 29.13  ?  6   C   B N3    1 
ATOM   448 C  C4    . C   B 1 6  ? -5.788  1.833   -0.254  1.00 32.10  ?  6   C   B C4    1 
ATOM   449 N  N4    . C   B 1 6  ? -5.517  1.418   0.984   1.00 31.36  ?  6   C   B N4    1 
ATOM   450 C  C5    . C   B 1 6  ? -5.476  0.999   -1.366  1.00 31.02  ?  6   C   B C5    1 
ATOM   451 C  C6    . C   B 1 6  ? -5.774  1.461   -2.586  1.00 30.00  ?  6   C   B C6    1 
ATOM   452 P  P     . U   B 1 7  ? -2.608  4.533   -6.154  1.00 33.85  ?  7   U   B P     1 
ATOM   453 O  OP1   . U   B 1 7  ? -2.094  4.986   -7.437  1.00 31.37  ?  7   U   B OP1   1 
ATOM   454 O  OP2   . U   B 1 7  ? -1.818  3.651   -5.323  1.00 31.71  -1 7   U   B OP2   1 
ATOM   455 O  "O5'" . U   B 1 7  ? -2.902  5.758   -5.182  1.00 34.75  ?  7   U   B "O5'" 1 
ATOM   456 C  "C5'" . U   B 1 7  ? -3.464  6.987   -5.638  1.00 35.83  ?  7   U   B "C5'" 1 
ATOM   457 C  "C4'" . U   B 1 7  ? -3.559  7.949   -4.481  1.00 39.64  ?  7   U   B "C4'" 1 
ATOM   458 O  "O4'" . U   B 1 7  ? -4.454  7.418   -3.464  1.00 41.74  ?  7   U   B "O4'" 1 
ATOM   459 C  "C3'" . U   B 1 7  ? -2.269  8.228   -3.711  1.00 44.20  ?  7   U   B "C3'" 1 
ATOM   460 O  "O3'" . U   B 1 7  ? -1.477  9.163   -4.423  1.00 43.68  ?  7   U   B "O3'" 1 
ATOM   461 C  "C2'" . U   B 1 7  ? -2.817  8.778   -2.404  1.00 44.83  ?  7   U   B "C2'" 1 
ATOM   462 O  "O2'" . U   B 1 7  ? -3.389  10.069  -2.500  1.00 46.17  ?  7   U   B "O2'" 1 
ATOM   463 C  "C1'" . U   B 1 7  ? -4.001  7.844   -2.186  1.00 38.19  ?  7   U   B "C1'" 1 
ATOM   464 N  N1    . U   B 1 7  ? -3.688  6.678   -1.361  1.00 37.28  ?  7   U   B N1    1 
ATOM   465 C  C2    . U   B 1 7  ? -3.660  6.890   -0.003  1.00 37.10  ?  7   U   B C2    1 
ATOM   466 O  O2    . U   B 1 7  ? -3.843  7.983   0.494   1.00 44.19  ?  7   U   B O2    1 
ATOM   467 N  N3    . U   B 1 7  ? -3.437  5.770   0.753   1.00 36.05  ?  7   U   B N3    1 
ATOM   468 C  C4    . U   B 1 7  ? -3.208  4.493   0.298   1.00 37.81  ?  7   U   B C4    1 
ATOM   469 O  O4    . U   B 1 7  ? -3.034  3.588   1.107   1.00 35.40  ?  7   U   B O4    1 
ATOM   470 C  C5    . U   B 1 7  ? -3.191  4.361   -1.128  1.00 34.02  ?  7   U   B C5    1 
ATOM   471 C  C6    . U   B 1 7  ? -3.435  5.430   -1.891  1.00 37.62  ?  7   U   B C6    1 
ATOM   472 P  P     . U   B 1 8  ? 0.090   9.114   -4.403  1.00 45.01  ?  8   U   B P     1 
ATOM   473 O  OP1   . U   B 1 8  ? 0.542   9.976   -5.544  1.00 42.71  ?  8   U   B OP1   1 
ATOM   474 O  OP2   . U   B 1 8  ? 0.568   7.699   -4.311  1.00 40.22  -1 8   U   B OP2   1 
ATOM   475 O  "O5'" . U   B 1 8  ? 0.428   9.660   -2.951  1.00 43.98  ?  8   U   B "O5'" 1 
ATOM   476 C  "C5'" . U   B 1 8  ? 0.080   11.021  -2.608  1.00 45.31  ?  8   U   B "C5'" 1 
ATOM   477 C  "C4'" . U   B 1 8  ? 0.260   11.248  -1.140  1.00 43.98  ?  8   U   B "C4'" 1 
ATOM   478 O  "O4'" . U   B 1 8  ? -0.729  10.471  -0.421  1.00 45.33  ?  8   U   B "O4'" 1 
ATOM   479 C  "C3'" . U   B 1 8  ? 1.582   10.789  -0.547  1.00 48.57  ?  8   U   B "C3'" 1 
ATOM   480 O  "O3'" . U   B 1 8  ? 2.701   11.658  -0.662  1.00 46.15  ?  8   U   B "O3'" 1 
ATOM   481 C  "C2'" . U   B 1 8  ? 1.220   10.639  0.918   1.00 49.86  ?  8   U   B "C2'" 1 
ATOM   482 O  "O2'" . U   B 1 8  ? 1.246   11.871  1.591   1.00 52.12  ?  8   U   B "O2'" 1 
ATOM   483 C  "C1'" . U   B 1 8  ? -0.183  10.039  0.817   1.00 47.75  ?  8   U   B "C1'" 1 
ATOM   484 N  N1    . U   B 1 8  ? -0.169  8.562   0.883   1.00 46.84  ?  8   U   B N1    1 
ATOM   485 C  C2    . U   B 1 8  ? -0.141  7.989   2.145   1.00 46.33  ?  8   U   B C2    1 
ATOM   486 O  O2    . U   B 1 8  ? -0.155  8.646   3.169   1.00 46.90  ?  8   U   B O2    1 
ATOM   487 N  N3    . U   B 1 8  ? -0.138  6.616   2.162   1.00 42.83  ?  8   U   B N3    1 
ATOM   488 C  C4    . U   B 1 8  ? -0.131  5.768   1.074   1.00 44.82  ?  8   U   B C4    1 
ATOM   489 O  O4    . U   B 1 8  ? -0.095  4.553   1.257   1.00 38.96  ?  8   U   B O4    1 
ATOM   490 C  C5    . U   B 1 8  ? -0.134  6.431   -0.198  1.00 45.73  ?  8   U   B C5    1 
ATOM   491 C  C6    . U   B 1 8  ? -0.135  7.773   -0.250  1.00 48.70  ?  8   U   B C6    1 
ATOM   492 P  P     . A   B 1 9  ? 4.125   11.071  -0.969  1.00 52.99  ?  9   A   B P     1 
ATOM   493 O  OP1   . A   B 1 9  ? 4.925   12.174  -1.550  1.00 61.59  ?  9   A   B OP1   1 
ATOM   494 O  OP2   . A   B 1 9  ? 3.998   9.836   -1.747  1.00 48.14  -1 9   A   B OP2   1 
ATOM   495 O  "O5'" . A   B 1 9  ? 4.685   10.636  0.454   1.00 47.03  ?  9   A   B "O5'" 1 
ATOM   496 C  "C5'" . A   B 1 9  ? 4.825   11.629  1.480   1.00 47.82  ?  9   A   B "C5'" 1 
ATOM   497 C  "C4'" . A   B 1 9  ? 5.125   11.019  2.823   1.00 47.15  ?  9   A   B "C4'" 1 
ATOM   498 O  "O4'" . A   B 1 9  ? 3.979   10.289  3.292   1.00 47.58  ?  9   A   B "O4'" 1 
ATOM   499 C  "C3'" . A   B 1 9  ? 6.252   10.006  2.898   1.00 48.53  ?  9   A   B "C3'" 1 
ATOM   500 O  "O3'" . A   B 1 9  ? 7.524   10.611  2.960   1.00 51.76  ?  9   A   B "O3'" 1 
ATOM   501 C  "C2'" . A   B 1 9  ? 5.926   9.263   4.185   1.00 52.09  ?  9   A   B "C2'" 1 
ATOM   502 O  "O2'" . A   B 1 9  ? 6.469   9.838   5.356   1.00 54.81  ?  9   A   B "O2'" 1 
ATOM   503 C  "C1'" . A   B 1 9  ? 4.400   9.204   4.102   1.00 48.02  ?  9   A   B "C1'" 1 
ATOM   504 N  N9    . A   B 1 9  ? 3.951   7.977   3.453   1.00 49.11  ?  9   A   B N9    1 
ATOM   505 C  C8    . A   B 1 9  ? 3.606   7.805   2.135   1.00 49.04  ?  9   A   B C8    1 
ATOM   506 N  N7    . A   B 1 9  ? 3.235   6.586   1.842   1.00 48.41  ?  9   A   B N7    1 
ATOM   507 C  C5    . A   B 1 9  ? 3.360   5.904   3.043   1.00 44.42  ?  9   A   B C5    1 
ATOM   508 C  C6    . A   B 1 9  ? 3.104   4.575   3.400   1.00 43.70  ?  9   A   B C6    1 
ATOM   509 N  N6    . A   B 1 9  ? 2.688   3.654   2.534   1.00 37.24  ?  9   A   B N6    1 
ATOM   510 N  N1    . A   B 1 9  ? 3.305   4.216   4.692   1.00 43.99  ?  9   A   B N1    1 
ATOM   511 C  C2    . A   B 1 9  ? 3.723   5.148   5.555   1.00 45.08  ?  9   A   B C2    1 
ATOM   512 N  N3    . A   B 1 9  ? 3.999   6.432   5.335   1.00 42.68  ?  9   A   B N3    1 
ATOM   513 C  C4    . A   B 1 9  ? 3.795   6.749   4.045   1.00 48.24  ?  9   A   B C4    1 
ATOM   514 P  P     . A   B 1 10 ? 8.724   9.932   2.201   1.00 52.41  ?  10  A   B P     1 
ATOM   515 O  OP1   . A   B 1 10 ? 9.758   10.967  1.999   1.00 67.72  ?  10  A   B OP1   1 
ATOM   516 O  OP2   . A   B 1 10 ? 8.175   9.243   1.011   1.00 60.49  -1 10  A   B OP2   1 
ATOM   517 O  "O5'" . A   B 1 10 ? 9.311   8.901   3.263   1.00 50.62  ?  10  A   B "O5'" 1 
ATOM   518 C  "C5'" . A   B 1 10 ? 9.777   9.368   4.528   1.00 49.65  ?  10  A   B "C5'" 1 
ATOM   519 C  "C4'" . A   B 1 10 ? 9.720   8.256   5.521   1.00 50.01  ?  10  A   B "C4'" 1 
ATOM   520 O  "O4'" . A   B 1 10 ? 8.356   7.784   5.657   1.00 49.91  ?  10  A   B "O4'" 1 
ATOM   521 C  "C3'" . A   B 1 10 ? 10.486  7.010   5.119   1.00 53.12  ?  10  A   B "C3'" 1 
ATOM   522 O  "O3'" . A   B 1 10 ? 11.884  7.113   5.316   1.00 58.00  ?  10  A   B "O3'" 1 
ATOM   523 C  "C2'" . A   B 1 10 ? 9.833   5.958   5.995   1.00 54.59  ?  10  A   B "C2'" 1 
ATOM   524 O  "O2'" . A   B 1 10 ? 10.304  5.829   7.319   1.00 56.66  ?  10  A   B "O2'" 1 
ATOM   525 C  "C1'" . A   B 1 10 ? 8.368   6.386   5.921   1.00 50.98  ?  10  A   B "C1'" 1 
ATOM   526 N  N9    . A   B 1 10 ? 7.692   5.672   4.831   1.00 50.52  ?  10  A   B N9    1 
ATOM   527 C  C8    . A   B 1 10 ? 7.459   6.079   3.542   1.00 46.89  ?  10  A   B C8    1 
ATOM   528 N  N7    . A   B 1 10 ? 6.892   5.162   2.795   1.00 46.65  ?  10  A   B N7    1 
ATOM   529 C  C5    . A   B 1 10 ? 6.778   4.068   3.641   1.00 44.69  ?  10  A   B C5    1 
ATOM   530 C  C6    . A   B 1 10 ? 6.265   2.772   3.448   1.00 44.12  ?  10  A   B C6    1 
ATOM   531 N  N6    . A   B 1 10 ? 5.750   2.348   2.297   1.00 42.44  ?  10  A   B N6    1 
ATOM   532 N  N1    . A   B 1 10 ? 6.335   1.906   4.483   1.00 42.24  ?  10  A   B N1    1 
ATOM   533 C  C2    . A   B 1 10 ? 6.846   2.336   5.642   1.00 45.10  ?  10  A   B C2    1 
ATOM   534 N  N3    . A   B 1 10 ? 7.369   3.526   5.941   1.00 46.97  ?  10  A   B N3    1 
ATOM   535 C  C4    . A   B 1 10 ? 7.295   4.358   4.887   1.00 46.73  ?  10  A   B C4    1 
ATOM   536 P  P     . G   B 1 11 ? 12.882  6.464   4.255   1.00 59.61  ?  11  G   B P     1 
ATOM   537 O  OP1   . G   B 1 11 ? 14.256  6.902   4.589   1.00 69.34  ?  11  G   B OP1   1 
ATOM   538 O  OP2   . G   B 1 11 ? 12.337  6.737   2.906   1.00 64.56  -1 11  G   B OP2   1 
ATOM   539 O  "O5'" . G   B 1 11 ? 12.872  4.915   4.611   1.00 52.70  ?  11  G   B "O5'" 1 
ATOM   540 C  "C5'" . G   B 1 11 ? 13.271  4.461   5.901   1.00 49.40  ?  11  G   B "C5'" 1 
ATOM   541 C  "C4'" . G   B 1 11 ? 12.721  3.091   6.134   1.00 49.73  ?  11  G   B "C4'" 1 
ATOM   542 O  "O4'" . G   B 1 11 ? 11.286  3.085   5.908   1.00 52.50  ?  11  G   B "O4'" 1 
ATOM   543 C  "C3'" . G   B 1 11 ? 13.175  2.004   5.185   1.00 48.58  ?  11  G   B "C3'" 1 
ATOM   544 O  "O3'" . G   B 1 11 ? 14.519  1.605   5.396   1.00 56.19  ?  11  G   B "O3'" 1 
ATOM   545 C  "C2'" . G   B 1 11 ? 12.152  0.927   5.512   1.00 47.76  ?  11  G   B "C2'" 1 
ATOM   546 O  "O2'" . G   B 1 11 ? 12.397  0.203   6.700   1.00 43.17  ?  11  G   B "O2'" 1 
ATOM   547 C  "C1'" . G   B 1 11 ? 10.875  1.762   5.581   1.00 48.75  ?  11  G   B "C1'" 1 
ATOM   548 N  N9    . G   B 1 11 ? 10.183  1.791   4.294   1.00 45.22  ?  11  G   B N9    1 
ATOM   549 C  C8    . G   B 1 11 ? 10.099  2.836   3.410   1.00 39.28  ?  11  G   B C8    1 
ATOM   550 N  N7    . G   B 1 11 ? 9.416   2.542   2.336   1.00 38.67  ?  11  G   B N7    1 
ATOM   551 C  C5    . G   B 1 11 ? 9.053   1.215   2.510   1.00 34.88  ?  11  G   B C5    1 
ATOM   552 C  C6    . G   B 1 11 ? 8.290   0.353   1.677   1.00 38.40  ?  11  G   B C6    1 
ATOM   553 O  O6    . G   B 1 11 ? 7.779   0.598   0.582   1.00 32.62  ?  11  G   B O6    1 
ATOM   554 N  N1    . G   B 1 11 ? 8.153   -0.909  2.235   1.00 35.15  ?  11  G   B N1    1 
ATOM   555 C  C2    . G   B 1 11 ? 8.648   -1.286  3.460   1.00 40.10  ?  11  G   B C2    1 
ATOM   556 N  N2    . G   B 1 11 ? 8.398   -2.540  3.839   1.00 37.33  ?  11  G   B N2    1 
ATOM   557 N  N3    . G   B 1 11 ? 9.339   -0.485  4.256   1.00 39.64  ?  11  G   B N3    1 
ATOM   558 C  C4    . G   B 1 11 ? 9.496   0.743   3.724   1.00 40.32  ?  11  G   B C4    1 
ATOM   559 P  P     . U   B 1 12 ? 15.385  0.892   4.230   1.00 56.61  ?  12  U   B P     1 
ATOM   560 O  OP1   . U   B 1 12 ? 16.765  0.690   4.745   1.00 56.98  ?  12  U   B OP1   1 
ATOM   561 O  OP2   . U   B 1 12 ? 15.156  1.632   2.957   1.00 43.42  -1 12  U   B OP2   1 
ATOM   562 O  "O5'" . U   B 1 12 ? 14.811  -0.587  4.189   1.00 50.57  ?  12  U   B "O5'" 1 
ATOM   563 C  "C5'" . U   B 1 12 ? 14.996  -1.510  5.253   1.00 46.37  ?  12  U   B "C5'" 1 
ATOM   564 C  "C4'" . U   B 1 12 ? 14.332  -2.814  4.900   1.00 46.69  ?  12  U   B "C4'" 1 
ATOM   565 O  "O4'" . U   B 1 12 ? 12.909  -2.600  4.714   1.00 48.27  ?  12  U   B "O4'" 1 
ATOM   566 C  "C3'" . U   B 1 12 ? 14.765  -3.461  3.594   1.00 46.20  ?  12  U   B "C3'" 1 
ATOM   567 O  "O3'" . U   B 1 12 ? 15.976  -4.201  3.680   1.00 47.74  ?  12  U   B "O3'" 1 
ATOM   568 C  "C2'" . U   B 1 12 ? 13.588  -4.377  3.328   1.00 43.21  ?  12  U   B "C2'" 1 
ATOM   569 O  "O2'" . U   B 1 12 ? 13.528  -5.535  4.136   1.00 45.16  ?  12  U   B "O2'" 1 
ATOM   570 C  "C1'" . U   B 1 12 ? 12.433  -3.461  3.693   1.00 42.24  ?  12  U   B "C1'" 1 
ATOM   571 N  N1    . U   B 1 12 ? 11.949  -2.646  2.567   1.00 42.27  ?  12  U   B N1    1 
ATOM   572 C  C2    . U   B 1 12 ? 11.079  -3.255  1.675   1.00 38.74  ?  12  U   B C2    1 
ATOM   573 O  O2    . U   B 1 12 ? 10.763  -4.431  1.753   1.00 43.39  ?  12  U   B O2    1 
ATOM   574 N  N3    . U   B 1 12 ? 10.638  -2.445  0.663   1.00 36.45  ?  12  U   B N3    1 
ATOM   575 C  C4    . U   B 1 12 ? 10.953  -1.118  0.458   1.00 37.13  ?  12  U   B C4    1 
ATOM   576 O  O4    . U   B 1 12 ? 10.466  -0.529  -0.492  1.00 38.69  ?  12  U   B O4    1 
ATOM   577 C  C5    . U   B 1 12 ? 11.839  -0.557  1.428   1.00 36.78  ?  12  U   B C5    1 
ATOM   578 C  C6    . U   B 1 12 ? 12.310  -1.324  2.413   1.00 37.79  ?  12  U   B C6    1 
ATOM   579 P  P     . C   B 1 13 ? 16.950  -4.348  2.410   1.00 44.94  ?  13  C   B P     1 
ATOM   580 O  OP1   . C   B 1 13 ? 18.186  -5.012  2.865   1.00 44.25  ?  13  C   B OP1   1 
ATOM   581 O  OP2   . C   B 1 13 ? 16.976  -3.076  1.674   1.00 39.93  -1 13  C   B OP2   1 
ATOM   582 O  "O5'" . C   B 1 13 ? 16.225  -5.387  1.453   1.00 43.34  ?  13  C   B "O5'" 1 
ATOM   583 C  "C5'" . C   B 1 13 ? 15.909  -6.709  1.866   1.00 35.77  ?  13  C   B "C5'" 1 
ATOM   584 C  "C4'" . C   B 1 13 ? 14.959  -7.296  0.852   1.00 37.80  ?  13  C   B "C4'" 1 
ATOM   585 O  "O4'" . C   B 1 13 ? 13.703  -6.566  0.835   1.00 36.91  ?  13  C   B "O4'" 1 
ATOM   586 C  "C3'" . C   B 1 13 ? 15.386  -7.210  -0.597  1.00 35.59  ?  13  C   B "C3'" 1 
ATOM   587 O  "O3'" . C   B 1 13 ? 16.352  -8.189  -0.845  1.00 36.72  ?  13  C   B "O3'" 1 
ATOM   588 C  "C2'" . C   B 1 13 ? 14.068  -7.494  -1.298  1.00 33.23  ?  13  C   B "C2'" 1 
ATOM   589 O  "O2'" . C   B 1 13 ? 13.618  -8.804  -1.074  1.00 31.43  ?  13  C   B "O2'" 1 
ATOM   590 C  "C1'" . C   B 1 13 ? 13.133  -6.637  -0.467  1.00 33.71  ?  13  C   B "C1'" 1 
ATOM   591 N  N1    . C   B 1 13 ? 12.997  -5.285  -1.015  1.00 34.11  ?  13  C   B N1    1 
ATOM   592 C  C2    . C   B 1 13 ? 12.117  -5.103  -2.079  1.00 33.08  ?  13  C   B C2    1 
ATOM   593 O  O2    . C   B 1 13 ? 11.476  -6.081  -2.493  1.00 34.47  ?  13  C   B O2    1 
ATOM   594 N  N3    . C   B 1 13 ? 11.954  -3.865  -2.596  1.00 30.62  ?  13  C   B N3    1 
ATOM   595 C  C4    . C   B 1 13 ? 12.701  -2.855  -2.144  1.00 30.04  ?  13  C   B C4    1 
ATOM   596 N  N4    . C   B 1 13 ? 12.524  -1.658  -2.684  1.00 30.65  ?  13  C   B N4    1 
ATOM   597 C  C5    . C   B 1 13 ? 13.625  -3.021  -1.078  1.00 34.18  ?  13  C   B C5    1 
ATOM   598 C  C6    . C   B 1 13 ? 13.762  -4.246  -0.567  1.00 36.21  ?  13  C   B C6    1 
ATOM   599 P  P     . G   B 1 14 ? 17.362  -7.979  -2.036  1.00 39.23  ?  14  G   B P     1 
ATOM   600 O  OP1   . G   B 1 14 ? 18.204  -9.179  -2.096  1.00 38.60  ?  14  G   B OP1   1 
ATOM   601 O  OP2   . G   B 1 14 ? 17.916  -6.622  -1.883  1.00 35.46  -1 14  G   B OP2   1 
ATOM   602 O  "O5'" . G   B 1 14 ? 16.471  -7.936  -3.362  1.00 35.87  ?  14  G   B "O5'" 1 
ATOM   603 C  "C5'" . G   B 1 14 ? 15.824  -9.131  -3.786  1.00 32.64  ?  14  G   B "C5'" 1 
ATOM   604 C  "C4'" . G   B 1 14 ? 14.979  -8.854  -4.987  1.00 29.57  ?  14  G   B "C4'" 1 
ATOM   605 O  "O4'" . G   B 1 14 ? 13.953  -7.894  -4.647  1.00 27.38  ?  14  G   B "O4'" 1 
ATOM   606 C  "C3'" . G   B 1 14 ? 15.648  -8.162  -6.157  1.00 27.86  ?  14  G   B "C3'" 1 
ATOM   607 O  "O3'" . G   B 1 14 ? 16.598  -8.992  -6.827  1.00 34.06  ?  14  G   B "O3'" 1 
ATOM   608 C  "C2'" . G   B 1 14 ? 14.425  -7.767  -6.955  1.00 28.48  ?  14  G   B "C2'" 1 
ATOM   609 O  "O2'" . G   B 1 14 ? 13.752  -8.818  -7.636  1.00 27.87  ?  14  G   B "O2'" 1 
ATOM   610 C  "C1'" . G   B 1 14 ? 13.552  -7.227  -5.827  1.00 27.58  ?  14  G   B "C1'" 1 
ATOM   611 N  N9    . G   B 1 14 ? 13.730  -5.792  -5.639  1.00 28.83  ?  14  G   B N9    1 
ATOM   612 C  C8    . G   B 1 14 ? 14.481  -5.122  -4.696  1.00 31.06  ?  14  G   B C8    1 
ATOM   613 N  N7    . G   B 1 14 ? 14.407  -3.823  -4.816  1.00 28.06  ?  14  G   B N7    1 
ATOM   614 C  C5    . G   B 1 14 ? 13.599  -3.632  -5.931  1.00 29.23  ?  14  G   B C5    1 
ATOM   615 C  C6    . G   B 1 14 ? 13.168  -2.444  -6.554  1.00 28.89  ?  14  G   B C6    1 
ATOM   616 O  O6    . G   B 1 14 ? 13.445  -1.283  -6.259  1.00 28.80  ?  14  G   B O6    1 
ATOM   617 N  N1    . G   B 1 14 ? 12.345  -2.705  -7.646  1.00 26.23  ?  14  G   B N1    1 
ATOM   618 C  C2    . G   B 1 14 ? 11.972  -3.951  -8.074  1.00 26.47  ?  14  G   B C2    1 
ATOM   619 N  N2    . G   B 1 14 ? 11.177  -3.998  -9.156  1.00 29.58  ?  14  G   B N2    1 
ATOM   620 N  N3    . G   B 1 14 ? 12.365  -5.070  -7.502  1.00 28.15  ?  14  G   B N3    1 
ATOM   621 C  C4    . G   B 1 14 ? 13.155  -4.838  -6.429  1.00 29.03  ?  14  G   B C4    1 
ATOM   622 P  P     . G   B 1 15 ? 17.863  -8.352  -7.649  1.00 40.97  ?  15  G   B P     1 
ATOM   623 O  OP1   . G   B 1 15 ? 18.661  -9.488  -8.214  1.00 40.87  ?  15  G   B OP1   1 
ATOM   624 O  OP2   . G   B 1 15 ? 18.565  -7.369  -6.754  1.00 37.26  -1 15  G   B OP2   1 
ATOM   625 O  "O5'" . G   B 1 15 ? 17.182  -7.447  -8.780  1.00 40.01  ?  15  G   B "O5'" 1 
ATOM   626 C  "C5'" . G   B 1 15 ? 16.555  -8.076  -9.857  1.00 39.02  ?  15  G   B "C5'" 1 
ATOM   627 C  "C4'" . G   B 1 15 ? 15.814  -7.042  -10.653 1.00 36.20  ?  15  G   B "C4'" 1 
ATOM   628 O  "O4'" . G   B 1 15 ? 15.056  -6.150  -9.809  1.00 30.94  ?  15  G   B "O4'" 1 
ATOM   629 C  "C3'" . G   B 1 15 ? 16.562  -6.045  -11.514 1.00 35.75  ?  15  G   B "C3'" 1 
ATOM   630 O  "O3'" . G   B 1 15 ? 17.181  -6.608  -12.659 1.00 37.94  ?  15  G   B "O3'" 1 
ATOM   631 C  "C2'" . G   B 1 15 ? 15.386  -5.178  -11.944 1.00 33.11  ?  15  G   B "C2'" 1 
ATOM   632 O  "O2'" . G   B 1 15 ? 14.589  -5.945  -12.834 1.00 30.08  ?  15  G   B "O2'" 1 
ATOM   633 C  "C1'" . G   B 1 15 ? 14.646  -5.042  -10.602 1.00 32.11  ?  15  G   B "C1'" 1 
ATOM   634 N  N9    . G   B 1 15 ? 15.003  -3.828  -9.886  1.00 29.09  ?  15  G   B N9    1 
ATOM   635 C  C8    . G   B 1 15 ? 15.809  -3.698  -8.782  1.00 29.66  ?  15  G   B C8    1 
ATOM   636 N  N7    . G   B 1 15 ? 15.911  -2.467  -8.369  1.00 28.05  ?  15  G   B N7    1 
ATOM   637 C  C5    . G   B 1 15 ? 15.180  -1.735  -9.293  1.00 27.29  ?  15  G   B C5    1 
ATOM   638 C  C6    . G   B 1 15 ? 14.940  -0.349  -9.378  1.00 29.07  ?  15  G   B C6    1 
ATOM   639 O  O6    . G   B 1 15 ? 15.356  0.551   -8.640  1.00 28.55  ?  15  G   B O6    1 
ATOM   640 N  N1    . G   B 1 15 ? 14.134  -0.032  -10.467 1.00 29.84  ?  15  G   B N1    1 
ATOM   641 C  C2    . G   B 1 15 ? 13.623  -0.939  -11.359 1.00 30.91  ?  15  G   B C2    1 
ATOM   642 N  N2    . G   B 1 15 ? 12.870  -0.445  -12.345 1.00 29.28  ?  15  G   B N2    1 
ATOM   643 N  N3    . G   B 1 15 ? 13.844  -2.238  -11.293 1.00 27.68  ?  15  G   B N3    1 
ATOM   644 C  C4    . G   B 1 15 ? 14.614  -2.565  -10.234 1.00 31.02  ?  15  G   B C4    1 
HETATM 645 P  P1    . EQ4 C 2 .  ? 20.923  -3.433  -9.907  1.00 99.80  ?  101 EQ4 A P1    1 
HETATM 646 O  O1    . EQ4 C 2 .  ? 21.959  -4.486  -10.600 1.00 92.73  ?  101 EQ4 A O1    1 
HETATM 647 O  O2    . EQ4 C 2 .  ? 19.917  -4.025  -8.971  1.00 84.24  ?  101 EQ4 A O2    1 
HETATM 648 C  C1    . EQ4 C 2 .  ? 19.837  -3.872  -12.427 1.00 59.02  ?  101 EQ4 A C1    1 
HETATM 649 O  O3    . EQ4 C 2 .  ? 20.290  -3.021  -11.357 1.00 76.10  ?  101 EQ4 A O3    1 
HETATM 650 C  C2    . EQ4 C 2 .  ? 18.682  -3.124  -13.138 1.00 56.75  ?  101 EQ4 A C2    1 
HETATM 651 O  O4    . EQ4 C 2 .  ? 17.687  -2.574  -12.176 1.00 51.14  ?  101 EQ4 A O4    1 
HETATM 652 C  C3    . EQ4 C 2 .  ? 19.187  -1.835  -13.755 1.00 56.45  ?  101 EQ4 A C3    1 
HETATM 653 O  O5    . EQ4 C 2 .  ? 19.707  -2.071  -15.046 1.00 61.02  ?  101 EQ4 A O5    1 
HETATM 654 C  C4    . EQ4 C 2 .  ? 17.951  -0.997  -13.879 1.00 49.17  ?  101 EQ4 A C4    1 
HETATM 655 O  O6    . EQ4 C 2 .  ? 17.158  -1.531  -14.889 1.00 52.34  ?  101 EQ4 A O6    1 
HETATM 656 C  C5    . EQ4 C 2 .  ? 17.275  -1.229  -12.589 1.00 44.02  ?  101 EQ4 A C5    1 
HETATM 657 N  N1    . EQ4 C 2 .  ? 16.845  3.655   -11.183 1.00 35.30  ?  101 EQ4 A N1    1 
HETATM 658 C  C6    . EQ4 C 2 .  ? 16.395  3.063   -12.347 1.00 31.77  ?  101 EQ4 A C6    1 
HETATM 659 N  N2    . EQ4 C 2 .  ? 15.787  3.814   -13.253 1.00 33.48  ?  101 EQ4 A N2    1 
HETATM 660 N  N3    . EQ4 C 2 .  ? 16.604  1.764   -12.556 1.00 31.51  ?  101 EQ4 A N3    1 
HETATM 661 C  C7    . EQ4 C 2 .  ? 17.259  1.038   -11.585 1.00 35.58  ?  101 EQ4 A C7    1 
HETATM 662 C  C8    . EQ4 C 2 .  ? 17.711  1.574   -10.455 1.00 35.55  ?  101 EQ4 A C8    1 
HETATM 663 C  C9    . EQ4 C 2 .  ? 17.515  2.878   -10.229 1.00 37.58  ?  101 EQ4 A C9    1 
HETATM 664 O  O7    . EQ4 C 2 .  ? 17.888  3.408   -9.203  1.00 39.48  ?  101 EQ4 A O7    1 
HETATM 665 N  N4    . EQ4 C 2 .  ? 18.302  0.625   -9.720  1.00 35.71  ?  101 EQ4 A N4    1 
HETATM 666 C  C10   . EQ4 C 2 .  ? 18.231  -0.479  -10.398 1.00 31.98  ?  101 EQ4 A C10   1 
HETATM 667 N  N5    . EQ4 C 2 .  ? 17.613  -0.250  -11.540 1.00 35.25  ?  101 EQ4 A N5    1 
HETATM 668 N  N6    . EQ4 C 2 .  ? 21.767  -2.107  -9.327  1.00 111.16 ?  101 EQ4 A N6    1 
HETATM 669 C  C11   . EQ4 C 2 .  ? 21.662  -1.398  -8.182  1.00 111.72 ?  101 EQ4 A C11   1 
HETATM 670 C  C12   . EQ4 C 2 .  ? 22.582  -0.424  -8.240  1.00 115.08 ?  101 EQ4 A C12   1 
HETATM 671 N  N7    . EQ4 C 2 .  ? 23.247  -0.526  -9.411  1.00 117.91 ?  101 EQ4 A N7    1 
HETATM 672 C  C13   . EQ4 C 2 .  ? 22.730  -1.574  -10.078 1.00 116.78 ?  101 EQ4 A C13   1 
HETATM 673 N  N8    . EQ4 C 2 .  ? 23.081  -2.056  -11.299 1.00 93.16  ?  101 EQ4 A N8    1 
HETATM 674 MG MG    . MG  D 3 .  ? 0.227   0.465   -7.770  1.00 29.78  ?  102 MG  A MG    1 
HETATM 675 MG MG    . MG  E 3 .  ? -2.683  -7.225  1.183   1.00 30.71  ?  103 MG  A MG    1 
HETATM 676 MG MG    . MG  F 3 .  ? -21.074 -7.707  -0.458  0.33 33.02  ?  104 MG  A MG    1 
HETATM 677 P  P1    . EQ4 G 2 .  ? -22.765 -1.713  4.855   1.00 101.67 ?  101 EQ4 B P1    1 
HETATM 678 O  O1    . EQ4 G 2 .  ? -21.774 -1.254  3.833   1.00 85.55  ?  101 EQ4 B O1    1 
HETATM 679 O  O2    . EQ4 G 2 .  ? -24.286 -1.853  4.312   1.00 93.99  ?  101 EQ4 B O2    1 
HETATM 680 C  C1    . EQ4 G 2 .  ? -22.951 -4.452  4.267   1.00 57.12  ?  101 EQ4 B C1    1 
HETATM 681 O  O3    . EQ4 G 2 .  ? -22.696 -3.340  5.165   1.00 78.09  ?  101 EQ4 B O3    1 
HETATM 682 C  C2    . EQ4 G 2 .  ? -21.931 -5.592  4.583   1.00 56.25  ?  101 EQ4 B C2    1 
HETATM 683 O  O4    . EQ4 G 2 .  ? -20.540 -5.090  4.653   1.00 51.31  ?  101 EQ4 B O4    1 
HETATM 684 C  C3    . EQ4 G 2 .  ? -22.111 -6.111  5.994   1.00 54.42  ?  101 EQ4 B C3    1 
HETATM 685 O  O5    . EQ4 G 2 .  ? -23.021 -7.173  6.011   1.00 58.64  ?  101 EQ4 B O5    1 
HETATM 686 C  C4    . EQ4 G 2 .  ? -20.766 -6.668  6.366   1.00 49.61  ?  101 EQ4 B C4    1 
HETATM 687 O  O6    . EQ4 G 2 .  ? -20.588 -7.863  5.702   1.00 52.34  ?  101 EQ4 B O6    1 
HETATM 688 C  C5    . EQ4 G 2 .  ? -19.836 -5.684  5.793   1.00 42.73  ?  101 EQ4 B C5    1 
HETATM 689 N  N1    . EQ4 G 2 .  ? -17.304 -4.753  10.070  1.00 35.56  ?  101 EQ4 B N1    1 
HETATM 690 C  C6    . EQ4 G 2 .  ? -17.517 -5.973  9.457   1.00 30.49  ?  101 EQ4 B C6    1 
HETATM 691 N  N2    . EQ4 G 2 .  ? -17.033 -7.060  10.024  1.00 32.07  ?  101 EQ4 B N2    1 
HETATM 692 N  N3    . EQ4 G 2 .  ? -18.218 -6.035  8.322   1.00 30.99  ?  101 EQ4 B N3    1 
HETATM 693 C  C7    . EQ4 G 2 .  ? -18.704 -4.857  7.802   1.00 34.08  ?  101 EQ4 B C7    1 
HETATM 694 C  C8    . EQ4 G 2 .  ? -18.518 -3.666  8.370   1.00 34.40  ?  101 EQ4 B C8    1 
HETATM 695 C  C9    . EQ4 G 2 .  ? -17.821 -3.578  9.506   1.00 37.19  ?  101 EQ4 B C9    1 
HETATM 696 O  O7    . EQ4 G 2 .  ? -17.602 -2.499  10.045  1.00 38.44  ?  101 EQ4 B O7    1 
HETATM 697 N  N4    . EQ4 G 2 .  ? -19.100 -2.712  7.635   1.00 34.89  ?  101 EQ4 B N4    1 
HETATM 698 C  C10   . EQ4 G 2 .  ? -19.659 -3.322  6.627   1.00 31.95  ?  101 EQ4 B C10   1 
HETATM 699 N  N5    . EQ4 G 2 .  ? -19.446 -4.625  6.721   1.00 34.18  ?  101 EQ4 B N5    1 
HETATM 700 N  N6    . EQ4 G 2 .  ? -22.704 -0.854  6.337   1.00 114.89 ?  101 EQ4 B N6    1 
HETATM 701 C  C11   . EQ4 G 2 .  ? -21.903 0.184   6.682   1.00 114.38 ?  101 EQ4 B C11   1 
HETATM 702 C  C12   . EQ4 G 2 .  ? -22.207 0.519   7.947   1.00 117.72 ?  101 EQ4 B C12   1 
HETATM 703 N  N7    . EQ4 G 2 .  ? -23.183 -0.310  8.391   1.00 121.75 ?  101 EQ4 B N7    1 
HETATM 704 C  C13   . EQ4 G 2 .  ? -23.476 -1.156  7.385   1.00 122.51 ?  101 EQ4 B C13   1 
HETATM 705 N  N8    . EQ4 G 2 .  ? -24.394 -2.155  7.388   1.00 108.00 ?  101 EQ4 B N8    1 
HETATM 706 MG MG    . MG  H 3 .  ? 15.549  -7.433  -14.379 0.33 34.69  ?  102 MG  B MG    1 
HETATM 707 O  O     . HOH I 4 .  ? -1.252  0.626   6.176   1.00 41.96  ?  201 HOH A O     1 
HETATM 708 O  O     . HOH I 4 .  ? 1.977   -0.353  -6.923  1.00 36.81  ?  202 HOH A O     1 
HETATM 709 O  O     . HOH I 4 .  ? 2.633   -2.841  -4.159  1.00 33.51  ?  203 HOH A O     1 
HETATM 710 O  O     . HOH I 4 .  ? -0.336  -9.536  -1.021  1.00 29.86  ?  204 HOH A O     1 
HETATM 711 O  O     . HOH I 4 .  ? 0.066   -10.028 3.094   1.00 32.43  ?  205 HOH A O     1 
HETATM 712 O  O     . HOH I 4 .  ? 0.604   -3.656  5.049   1.00 35.59  ?  206 HOH A O     1 
HETATM 713 O  O     . HOH I 4 .  ? -15.858 2.509   3.849   1.00 36.65  ?  207 HOH A O     1 
HETATM 714 O  O     . HOH I 4 .  ? 3.711   -7.479  -9.788  0.33 27.38  ?  208 HOH A O     1 
HETATM 715 O  O     . HOH I 4 .  ? 8.308   1.492   -6.497  1.00 37.79  ?  209 HOH A O     1 
HETATM 716 O  O     . HOH I 4 .  ? 7.626   -8.532  -1.069  1.00 36.47  ?  210 HOH A O     1 
HETATM 717 O  O     . HOH I 4 .  ? 1.214   1.381   -9.245  1.00 30.66  ?  211 HOH A O     1 
HETATM 718 O  O     . HOH I 4 .  ? -1.826  -6.132  2.772   1.00 35.63  ?  212 HOH A O     1 
HETATM 719 O  O     . HOH I 4 .  ? -1.776  -6.189  -0.319  1.00 32.93  ?  213 HOH A O     1 
HETATM 720 O  O     . HOH I 4 .  ? 2.397   -10.369 -3.345  1.00 31.59  ?  214 HOH A O     1 
HETATM 721 O  O     . HOH I 4 .  ? 1.209   -7.522  -8.913  0.33 35.77  ?  215 HOH A O     1 
HETATM 722 O  O     . HOH I 4 .  ? -17.289 1.177   5.649   1.00 47.36  ?  216 HOH A O     1 
HETATM 723 O  O     . HOH I 4 .  ? -1.269  -8.433  1.245   1.00 30.89  ?  217 HOH A O     1 
HETATM 724 O  O     . HOH I 4 .  ? -5.651  1.112   6.627   1.00 47.95  ?  218 HOH A O     1 
HETATM 725 O  O     . HOH J 4 .  ? 3.361   5.294   -0.426  1.00 39.68  ?  201 HOH B O     1 
HETATM 726 O  O     . HOH J 4 .  ? -4.217  -5.765  1.004   1.00 37.14  ?  202 HOH B O     1 
HETATM 727 O  O     . HOH J 4 .  ? -4.715  -2.805  -1.370  1.00 34.12  ?  203 HOH B O     1 
HETATM 728 O  O     . HOH J 4 .  ? -0.090  5.130   -3.597  1.00 35.26  ?  204 HOH B O     1 
HETATM 729 O  O     . HOH J 4 .  ? -2.544  3.312   -9.592  1.00 32.83  ?  205 HOH B O     1 
HETATM 730 O  O     . HOH J 4 .  ? 15.958  -1.973  -3.401  1.00 36.48  ?  206 HOH B O     1 
HETATM 731 O  O     . HOH J 4 .  ? -0.745  -0.686  -6.412  1.00 32.87  ?  207 HOH B O     1 
HETATM 732 O  O     . HOH J 4 .  ? 0.333   2.205   -6.608  1.00 34.56  ?  208 HOH B O     1 
HETATM 733 O  O     . HOH J 4 .  ? -3.760  -8.225  2.455   1.00 29.96  ?  209 HOH B O     1 
HETATM 734 O  O     . HOH J 4 .  ? -10.025 1.991   -5.370  1.00 36.75  ?  210 HOH B O     1 
HETATM 735 O  O     . HOH J 4 .  ? -6.862  -1.824  -8.641  1.00 30.20  ?  211 HOH B O     1 
HETATM 736 O  O     . HOH J 4 .  ? -8.846  -7.510  -5.101  0.33 140.58 ?  212 HOH B O     1 
HETATM 737 O  O     . HOH J 4 .  ? -6.731  -7.584  -5.893  0.33 28.39  ?  213 HOH B O     1 
HETATM 738 O  O     . HOH J 4 .  ? 17.317  -0.896  -5.435  1.00 48.49  ?  214 HOH B O     1 
HETATM 739 O  O     . HOH J 4 .  ? -1.415  1.034   -8.484  1.00 32.12  ?  215 HOH B O     1 
HETATM 740 O  O     . HOH J 4 .  ? -0.007  -1.496  -4.019  1.00 40.26  ?  216 HOH B O     1 
HETATM 741 O  O     . HOH J 4 .  ? 7.511   4.309   -1.584  1.00 50.08  ?  217 HOH B O     1 
# 
loop_
_pdbx_poly_seq_scheme.asym_id 
_pdbx_poly_seq_scheme.entity_id 
_pdbx_poly_seq_scheme.seq_id 
_pdbx_poly_seq_scheme.mon_id 
_pdbx_poly_seq_scheme.ndb_seq_num 
_pdbx_poly_seq_scheme.pdb_seq_num 
_pdbx_poly_seq_scheme.auth_seq_num 
_pdbx_poly_seq_scheme.pdb_mon_id 
_pdbx_poly_seq_scheme.auth_mon_id 
_pdbx_poly_seq_scheme.pdb_strand_id 
_pdbx_poly_seq_scheme.pdb_ins_code 
_pdbx_poly_seq_scheme.hetero 
A 1 1  LCC 1  1  1  LCC LCC A . n 
A 1 2  LCC 2  2  2  LCC LCC A . n 
A 1 3  LCC 3  3  3  LCC LCC A . n 
A 1 4  LCG 4  4  4  LCG LCG A . n 
A 1 5  A   5  5  5  A   A   A . n 
A 1 6  C   6  6  6  C   C   A . n 
A 1 7  U   7  7  7  U   U   A . n 
A 1 8  U   8  8  8  U   U   A . n 
A 1 9  A   9  9  9  A   A   A . n 
A 1 10 A   10 10 10 A   A   A . n 
A 1 11 G   11 11 11 G   G   A . n 
A 1 12 U   12 12 12 U   U   A . n 
A 1 13 C   13 13 13 C   C   A . n 
A 1 14 G   14 14 14 G   G   A . n 
A 1 15 G   15 15 15 G   G   A . n 
B 1 1  LCC 1  1  1  LCC LCC B . n 
B 1 2  LCC 2  2  2  LCC LCC B . n 
B 1 3  LCC 3  3  3  LCC LCC B . n 
B 1 4  LCG 4  4  4  LCG LCG B . n 
B 1 5  A   5  5  5  A   A   B . n 
B 1 6  C   6  6  6  C   C   B . n 
B 1 7  U   7  7  7  U   U   B . n 
B 1 8  U   8  8  8  U   U   B . n 
B 1 9  A   9  9  9  A   A   B . n 
B 1 10 A   10 10 10 A   A   B . n 
B 1 11 G   11 11 11 G   G   B . n 
B 1 12 U   12 12 12 U   U   B . n 
B 1 13 C   13 13 13 C   C   B . n 
B 1 14 G   14 14 14 G   G   B . n 
B 1 15 G   15 15 15 G   G   B . n 
# 
loop_
_pdbx_nonpoly_scheme.asym_id 
_pdbx_nonpoly_scheme.entity_id 
_pdbx_nonpoly_scheme.mon_id 
_pdbx_nonpoly_scheme.ndb_seq_num 
_pdbx_nonpoly_scheme.pdb_seq_num 
_pdbx_nonpoly_scheme.auth_seq_num 
_pdbx_nonpoly_scheme.pdb_mon_id 
_pdbx_nonpoly_scheme.auth_mon_id 
_pdbx_nonpoly_scheme.pdb_strand_id 
_pdbx_nonpoly_scheme.pdb_ins_code 
C 2 EQ4 1  101 2  EQ4 NG  A . 
D 3 MG  1  102 1  MG  MG  A . 
E 3 MG  1  103 2  MG  MG  A . 
F 3 MG  1  104 3  MG  MG  A . 
G 2 EQ4 1  101 1  EQ4 NG  B . 
H 3 MG  1  102 4  MG  MG  B . 
I 4 HOH 1  201 26 HOH HOH A . 
I 4 HOH 2  202 4  HOH HOH A . 
I 4 HOH 3  203 8  HOH HOH A . 
I 4 HOH 4  204 7  HOH HOH A . 
I 4 HOH 5  205 18 HOH HOH A . 
I 4 HOH 6  206 25 HOH HOH A . 
I 4 HOH 7  207 28 HOH HOH A . 
I 4 HOH 8  208 10 HOH HOH A . 
I 4 HOH 9  209 22 HOH HOH A . 
I 4 HOH 10 210 23 HOH HOH A . 
I 4 HOH 11 211 2  HOH HOH A . 
I 4 HOH 12 212 14 HOH HOH A . 
I 4 HOH 13 213 13 HOH HOH A . 
I 4 HOH 14 214 1  HOH HOH A . 
I 4 HOH 15 215 9  HOH HOH A . 
I 4 HOH 16 216 20 HOH HOH A . 
I 4 HOH 17 217 15 HOH HOH A . 
I 4 HOH 18 218 27 HOH HOH A . 
J 4 HOH 1  201 33 HOH HOH B . 
J 4 HOH 2  202 16 HOH HOH B . 
J 4 HOH 3  203 17 HOH HOH B . 
J 4 HOH 4  204 32 HOH HOH B . 
J 4 HOH 5  205 19 HOH HOH B . 
J 4 HOH 6  206 35 HOH HOH B . 
J 4 HOH 7  207 3  HOH HOH B . 
J 4 HOH 8  208 5  HOH HOH B . 
J 4 HOH 9  209 12 HOH HOH B . 
J 4 HOH 10 210 29 HOH HOH B . 
J 4 HOH 11 211 11 HOH HOH B . 
J 4 HOH 12 212 31 HOH HOH B . 
J 4 HOH 13 213 30 HOH HOH B . 
J 4 HOH 14 214 21 HOH HOH B . 
J 4 HOH 15 215 6  HOH HOH B . 
J 4 HOH 16 216 24 HOH HOH B . 
J 4 HOH 17 217 34 HOH HOH B . 
# 
_pdbx_struct_assembly.id                   1 
_pdbx_struct_assembly.details              author_and_software_defined_assembly 
_pdbx_struct_assembly.method_details       PISA 
_pdbx_struct_assembly.oligomeric_details   dimeric 
_pdbx_struct_assembly.oligomeric_count     2 
# 
_pdbx_struct_assembly_gen.assembly_id       1 
_pdbx_struct_assembly_gen.oper_expression   1 
_pdbx_struct_assembly_gen.asym_id_list      A,B,C,D,E,F,G,H,I,J 
# 
loop_
_pdbx_struct_assembly_prop.biol_id 
_pdbx_struct_assembly_prop.type 
_pdbx_struct_assembly_prop.value 
_pdbx_struct_assembly_prop.details 
1 'ABSA (A^2)' 3010 ? 
1 MORE         -3   ? 
1 'SSA (A^2)'  5970 ? 
# 
_pdbx_struct_oper_list.id                   1 
_pdbx_struct_oper_list.type                 'identity operation' 
_pdbx_struct_oper_list.name                 1_555 
_pdbx_struct_oper_list.symmetry_operation   x,y,z 
_pdbx_struct_oper_list.matrix[1][1]         1.0000000000 
_pdbx_struct_oper_list.matrix[1][2]         0.0000000000 
_pdbx_struct_oper_list.matrix[1][3]         0.0000000000 
_pdbx_struct_oper_list.vector[1]            0.0000000000 
_pdbx_struct_oper_list.matrix[2][1]         0.0000000000 
_pdbx_struct_oper_list.matrix[2][2]         1.0000000000 
_pdbx_struct_oper_list.matrix[2][3]         0.0000000000 
_pdbx_struct_oper_list.vector[2]            0.0000000000 
_pdbx_struct_oper_list.matrix[3][1]         0.0000000000 
_pdbx_struct_oper_list.matrix[3][2]         0.0000000000 
_pdbx_struct_oper_list.matrix[3][3]         1.0000000000 
_pdbx_struct_oper_list.vector[3]            0.0000000000 
# 
loop_
_pdbx_struct_special_symmetry.id 
_pdbx_struct_special_symmetry.PDB_model_num 
_pdbx_struct_special_symmetry.auth_asym_id 
_pdbx_struct_special_symmetry.auth_comp_id 
_pdbx_struct_special_symmetry.auth_seq_id 
_pdbx_struct_special_symmetry.PDB_ins_code 
_pdbx_struct_special_symmetry.label_asym_id 
_pdbx_struct_special_symmetry.label_comp_id 
_pdbx_struct_special_symmetry.label_seq_id 
1 1 A MG  104 ? F MG  . 
2 1 B MG  102 ? H MG  . 
3 1 A HOH 208 ? I HOH . 
4 1 A HOH 215 ? I HOH . 
5 1 B HOH 212 ? J HOH . 
6 1 B HOH 213 ? J HOH . 
# 
loop_
_pdbx_struct_conn_angle.id 
_pdbx_struct_conn_angle.ptnr1_label_atom_id 
_pdbx_struct_conn_angle.ptnr1_label_alt_id 
_pdbx_struct_conn_angle.ptnr1_label_asym_id 
_pdbx_struct_conn_angle.ptnr1_label_comp_id 
_pdbx_struct_conn_angle.ptnr1_label_seq_id 
_pdbx_struct_conn_angle.ptnr1_auth_atom_id 
_pdbx_struct_conn_angle.ptnr1_auth_asym_id 
_pdbx_struct_conn_angle.ptnr1_auth_comp_id 
_pdbx_struct_conn_angle.ptnr1_auth_seq_id 
_pdbx_struct_conn_angle.ptnr1_PDB_ins_code 
_pdbx_struct_conn_angle.ptnr1_symmetry 
_pdbx_struct_conn_angle.ptnr2_label_atom_id 
_pdbx_struct_conn_angle.ptnr2_label_alt_id 
_pdbx_struct_conn_angle.ptnr2_label_asym_id 
_pdbx_struct_conn_angle.ptnr2_label_comp_id 
_pdbx_struct_conn_angle.ptnr2_label_seq_id 
_pdbx_struct_conn_angle.ptnr2_auth_atom_id 
_pdbx_struct_conn_angle.ptnr2_auth_asym_id 
_pdbx_struct_conn_angle.ptnr2_auth_comp_id 
_pdbx_struct_conn_angle.ptnr2_auth_seq_id 
_pdbx_struct_conn_angle.ptnr2_PDB_ins_code 
_pdbx_struct_conn_angle.ptnr2_symmetry 
_pdbx_struct_conn_angle.ptnr3_label_atom_id 
_pdbx_struct_conn_angle.ptnr3_label_alt_id 
_pdbx_struct_conn_angle.ptnr3_label_asym_id 
_pdbx_struct_conn_angle.ptnr3_label_comp_id 
_pdbx_struct_conn_angle.ptnr3_label_seq_id 
_pdbx_struct_conn_angle.ptnr3_auth_atom_id 
_pdbx_struct_conn_angle.ptnr3_auth_asym_id 
_pdbx_struct_conn_angle.ptnr3_auth_comp_id 
_pdbx_struct_conn_angle.ptnr3_auth_seq_id 
_pdbx_struct_conn_angle.ptnr3_PDB_ins_code 
_pdbx_struct_conn_angle.ptnr3_symmetry 
_pdbx_struct_conn_angle.value 
_pdbx_struct_conn_angle.value_esd 
1  "O3'" ? A G   15 ? A G   15  ? 1_555 MG ? F MG . ? A MG 104 ? 1_555 "O2'" ? A G   15 ? A G   15  ? 1_555 66.9  ? 
2  "O3'" ? A G   15 ? A G   15  ? 1_555 MG ? F MG . ? A MG 104 ? 1_555 "O3'" ? A G   15 ? A G   15  ? 1_555 0.0   ? 
3  "O2'" ? A G   15 ? A G   15  ? 1_555 MG ? F MG . ? A MG 104 ? 1_555 "O3'" ? A G   15 ? A G   15  ? 1_555 66.9  ? 
4  "O3'" ? A G   15 ? A G   15  ? 1_555 MG ? F MG . ? A MG 104 ? 1_555 "O2'" ? A G   15 ? A G   15  ? 1_555 66.9  ? 
5  "O2'" ? A G   15 ? A G   15  ? 1_555 MG ? F MG . ? A MG 104 ? 1_555 "O2'" ? A G   15 ? A G   15  ? 1_555 0.0   ? 
6  "O3'" ? A G   15 ? A G   15  ? 1_555 MG ? F MG . ? A MG 104 ? 1_555 "O2'" ? A G   15 ? A G   15  ? 1_555 66.9  ? 
7  O     ? I HOH .  ? A HOH 202 ? 1_555 MG ? D MG . ? A MG 102 ? 1_555 O     ? I HOH .  ? A HOH 211 ? 1_555 93.7  ? 
8  O     ? I HOH .  ? A HOH 202 ? 1_555 MG ? D MG . ? A MG 102 ? 1_555 O     ? I HOH .  ? A HOH 214 ? 3_665 84.6  ? 
9  O     ? I HOH .  ? A HOH 211 ? 1_555 MG ? D MG . ? A MG 102 ? 1_555 O     ? I HOH .  ? A HOH 214 ? 3_665 88.6  ? 
10 O     ? I HOH .  ? A HOH 202 ? 1_555 MG ? D MG . ? A MG 102 ? 1_555 O     ? J HOH .  ? B HOH 207 ? 1_555 84.8  ? 
11 O     ? I HOH .  ? A HOH 211 ? 1_555 MG ? D MG . ? A MG 102 ? 1_555 O     ? J HOH .  ? B HOH 207 ? 1_555 172.5 ? 
12 O     ? I HOH .  ? A HOH 214 ? 3_665 MG ? D MG . ? A MG 102 ? 1_555 O     ? J HOH .  ? B HOH 207 ? 1_555 84.0  ? 
13 O     ? I HOH .  ? A HOH 202 ? 1_555 MG ? D MG . ? A MG 102 ? 1_555 O     ? J HOH .  ? B HOH 208 ? 1_555 93.3  ? 
14 O     ? I HOH .  ? A HOH 211 ? 1_555 MG ? D MG . ? A MG 102 ? 1_555 O     ? J HOH .  ? B HOH 208 ? 1_555 90.2  ? 
15 O     ? I HOH .  ? A HOH 214 ? 3_665 MG ? D MG . ? A MG 102 ? 1_555 O     ? J HOH .  ? B HOH 208 ? 1_555 177.6 ? 
16 O     ? J HOH .  ? B HOH 207 ? 1_555 MG ? D MG . ? A MG 102 ? 1_555 O     ? J HOH .  ? B HOH 208 ? 1_555 97.1  ? 
17 O     ? I HOH .  ? A HOH 202 ? 1_555 MG ? D MG . ? A MG 102 ? 1_555 O     ? J HOH .  ? B HOH 215 ? 1_555 174.4 ? 
18 O     ? I HOH .  ? A HOH 211 ? 1_555 MG ? D MG . ? A MG 102 ? 1_555 O     ? J HOH .  ? B HOH 215 ? 1_555 90.7  ? 
19 O     ? I HOH .  ? A HOH 214 ? 3_665 MG ? D MG . ? A MG 102 ? 1_555 O     ? J HOH .  ? B HOH 215 ? 1_555 91.9  ? 
20 O     ? J HOH .  ? B HOH 207 ? 1_555 MG ? D MG . ? A MG 102 ? 1_555 O     ? J HOH .  ? B HOH 215 ? 1_555 90.4  ? 
21 O     ? J HOH .  ? B HOH 208 ? 1_555 MG ? D MG . ? A MG 102 ? 1_555 O     ? J HOH .  ? B HOH 215 ? 1_555 90.2  ? 
22 O     ? I HOH .  ? A HOH 212 ? 1_555 MG ? E MG . ? A MG 103 ? 1_555 O     ? I HOH .  ? A HOH 213 ? 1_555 96.4  ? 
23 O     ? I HOH .  ? A HOH 212 ? 1_555 MG ? E MG . ? A MG 103 ? 1_555 O     ? I HOH .  ? A HOH 217 ? 1_555 90.2  ? 
24 O     ? I HOH .  ? A HOH 213 ? 1_555 MG ? E MG . ? A MG 103 ? 1_555 O     ? I HOH .  ? A HOH 217 ? 1_555 91.0  ? 
25 O     ? I HOH .  ? A HOH 212 ? 1_555 MG ? E MG . ? A MG 103 ? 1_555 O     ? J HOH .  ? B HOH 202 ? 1_555 90.0  ? 
26 O     ? I HOH .  ? A HOH 213 ? 1_555 MG ? E MG . ? A MG 103 ? 1_555 O     ? J HOH .  ? B HOH 202 ? 1_555 84.8  ? 
27 O     ? I HOH .  ? A HOH 217 ? 1_555 MG ? E MG . ? A MG 103 ? 1_555 O     ? J HOH .  ? B HOH 202 ? 1_555 175.8 ? 
28 O     ? I HOH .  ? A HOH 212 ? 1_555 MG ? E MG . ? A MG 103 ? 1_555 O     ? J HOH .  ? B HOH 209 ? 1_555 89.9  ? 
29 O     ? I HOH .  ? A HOH 213 ? 1_555 MG ? E MG . ? A MG 103 ? 1_555 O     ? J HOH .  ? B HOH 209 ? 1_555 172.1 ? 
30 O     ? I HOH .  ? A HOH 217 ? 1_555 MG ? E MG . ? A MG 103 ? 1_555 O     ? J HOH .  ? B HOH 209 ? 1_555 93.8  ? 
31 O     ? J HOH .  ? B HOH 202 ? 1_555 MG ? E MG . ? A MG 103 ? 1_555 O     ? J HOH .  ? B HOH 209 ? 1_555 90.5  ? 
32 O     ? I HOH .  ? A HOH 212 ? 1_555 MG ? E MG . ? A MG 103 ? 1_555 O     ? J HOH .  ? B HOH 211 ? 2_655 175.3 ? 
33 O     ? I HOH .  ? A HOH 213 ? 1_555 MG ? E MG . ? A MG 103 ? 1_555 O     ? J HOH .  ? B HOH 211 ? 2_655 84.9  ? 
34 O     ? I HOH .  ? A HOH 217 ? 1_555 MG ? E MG . ? A MG 103 ? 1_555 O     ? J HOH .  ? B HOH 211 ? 2_655 94.3  ? 
35 O     ? J HOH .  ? B HOH 202 ? 1_555 MG ? E MG . ? A MG 103 ? 1_555 O     ? J HOH .  ? B HOH 211 ? 2_655 85.6  ? 
36 O     ? J HOH .  ? B HOH 209 ? 1_555 MG ? E MG . ? A MG 103 ? 1_555 O     ? J HOH .  ? B HOH 211 ? 2_655 88.5  ? 
37 "O3'" ? B G   15 ? B G   15  ? 1_555 MG ? H MG . ? B MG 102 ? 1_555 "O2'" ? B G   15 ? B G   15  ? 1_555 66.8  ? 
38 "O3'" ? B G   15 ? B G   15  ? 1_555 MG ? H MG . ? B MG 102 ? 1_555 "O3'" ? B G   15 ? B G   15  ? 1_555 0.0   ? 
39 "O2'" ? B G   15 ? B G   15  ? 1_555 MG ? H MG . ? B MG 102 ? 1_555 "O3'" ? B G   15 ? B G   15  ? 1_555 66.8  ? 
40 "O3'" ? B G   15 ? B G   15  ? 1_555 MG ? H MG . ? B MG 102 ? 1_555 "O2'" ? B G   15 ? B G   15  ? 1_555 66.8  ? 
41 "O2'" ? B G   15 ? B G   15  ? 1_555 MG ? H MG . ? B MG 102 ? 1_555 "O2'" ? B G   15 ? B G   15  ? 1_555 0.0   ? 
42 "O3'" ? B G   15 ? B G   15  ? 1_555 MG ? H MG . ? B MG 102 ? 1_555 "O2'" ? B G   15 ? B G   15  ? 1_555 66.8  ? 
# 
loop_
_pdbx_audit_revision_history.ordinal 
_pdbx_audit_revision_history.data_content_type 
_pdbx_audit_revision_history.major_revision 
_pdbx_audit_revision_history.minor_revision 
_pdbx_audit_revision_history.revision_date 
1 'Structure model' 1 0 2018-05-30 
2 'Structure model' 1 1 2018-10-31 
3 'Structure model' 1 2 2019-11-20 
4 'Structure model' 1 3 2023-10-04 
# 
_pdbx_audit_revision_details.ordinal             1 
_pdbx_audit_revision_details.revision_ordinal    1 
_pdbx_audit_revision_details.data_content_type   'Structure model' 
_pdbx_audit_revision_details.provider            repository 
_pdbx_audit_revision_details.type                'Initial release' 
_pdbx_audit_revision_details.description         ? 
_pdbx_audit_revision_details.details             ? 
# 
loop_
_pdbx_audit_revision_group.ordinal 
_pdbx_audit_revision_group.revision_ordinal 
_pdbx_audit_revision_group.data_content_type 
_pdbx_audit_revision_group.group 
1 2 'Structure model' 'Data collection'            
2 2 'Structure model' 'Database references'        
3 3 'Structure model' 'Author supporting evidence' 
4 4 'Structure model' 'Data collection'            
5 4 'Structure model' 'Database references'        
6 4 'Structure model' 'Derived calculations'       
7 4 'Structure model' 'Refinement description'     
# 
loop_
_pdbx_audit_revision_category.ordinal 
_pdbx_audit_revision_category.revision_ordinal 
_pdbx_audit_revision_category.data_content_type 
_pdbx_audit_revision_category.category 
1 2 'Structure model' citation                      
2 2 'Structure model' citation_author               
3 3 'Structure model' pdbx_audit_support            
4 4 'Structure model' chem_comp_atom                
5 4 'Structure model' chem_comp_bond                
6 4 'Structure model' database_2                    
7 4 'Structure model' pdbx_initial_refinement_model 
8 4 'Structure model' pdbx_struct_conn_angle        
9 4 'Structure model' struct_conn                   
# 
loop_
_pdbx_audit_revision_item.ordinal 
_pdbx_audit_revision_item.revision_ordinal 
_pdbx_audit_revision_item.data_content_type 
_pdbx_audit_revision_item.item 
1  2 'Structure model' '_citation.page_first'                        
2  2 'Structure model' '_citation.pdbx_database_id_PubMed'           
3  2 'Structure model' '_citation.title'                             
4  2 'Structure model' '_citation_author.identifier_ORCID'           
5  3 'Structure model' '_pdbx_audit_support.funding_organization'    
6  4 'Structure model' '_database_2.pdbx_DOI'                        
7  4 'Structure model' '_database_2.pdbx_database_accession'         
8  4 'Structure model' '_pdbx_struct_conn_angle.ptnr1_auth_asym_id'  
9  4 'Structure model' '_pdbx_struct_conn_angle.ptnr1_auth_comp_id'  
10 4 'Structure model' '_pdbx_struct_conn_angle.ptnr1_auth_seq_id'   
11 4 'Structure model' '_pdbx_struct_conn_angle.ptnr1_label_asym_id' 
12 4 'Structure model' '_pdbx_struct_conn_angle.ptnr1_label_atom_id' 
13 4 'Structure model' '_pdbx_struct_conn_angle.ptnr1_label_comp_id' 
14 4 'Structure model' '_pdbx_struct_conn_angle.ptnr1_label_seq_id'  
15 4 'Structure model' '_pdbx_struct_conn_angle.ptnr1_symmetry'      
16 4 'Structure model' '_pdbx_struct_conn_angle.ptnr2_auth_asym_id'  
17 4 'Structure model' '_pdbx_struct_conn_angle.ptnr2_auth_seq_id'   
18 4 'Structure model' '_pdbx_struct_conn_angle.ptnr2_label_asym_id' 
19 4 'Structure model' '_pdbx_struct_conn_angle.ptnr3_auth_asym_id'  
20 4 'Structure model' '_pdbx_struct_conn_angle.ptnr3_auth_comp_id'  
21 4 'Structure model' '_pdbx_struct_conn_angle.ptnr3_auth_seq_id'   
22 4 'Structure model' '_pdbx_struct_conn_angle.ptnr3_label_asym_id' 
23 4 'Structure model' '_pdbx_struct_conn_angle.ptnr3_label_atom_id' 
24 4 'Structure model' '_pdbx_struct_conn_angle.ptnr3_label_comp_id' 
25 4 'Structure model' '_pdbx_struct_conn_angle.ptnr3_label_seq_id'  
26 4 'Structure model' '_pdbx_struct_conn_angle.ptnr3_symmetry'      
27 4 'Structure model' '_pdbx_struct_conn_angle.value'               
28 4 'Structure model' '_struct_conn.conn_type_id'                   
29 4 'Structure model' '_struct_conn.id'                             
30 4 'Structure model' '_struct_conn.pdbx_dist_value'                
31 4 'Structure model' '_struct_conn.pdbx_leaving_atom_flag'         
32 4 'Structure model' '_struct_conn.ptnr1_auth_asym_id'             
33 4 'Structure model' '_struct_conn.ptnr1_auth_comp_id'             
34 4 'Structure model' '_struct_conn.ptnr1_auth_seq_id'              
35 4 'Structure model' '_struct_conn.ptnr1_label_asym_id'            
36 4 'Structure model' '_struct_conn.ptnr1_label_atom_id'            
37 4 'Structure model' '_struct_conn.ptnr1_label_comp_id'            
38 4 'Structure model' '_struct_conn.ptnr1_label_seq_id'             
39 4 'Structure model' '_struct_conn.ptnr2_auth_asym_id'             
40 4 'Structure model' '_struct_conn.ptnr2_auth_comp_id'             
41 4 'Structure model' '_struct_conn.ptnr2_auth_seq_id'              
42 4 'Structure model' '_struct_conn.ptnr2_label_asym_id'            
43 4 'Structure model' '_struct_conn.ptnr2_label_atom_id'            
44 4 'Structure model' '_struct_conn.ptnr2_label_comp_id'            
45 4 'Structure model' '_struct_conn.ptnr2_label_seq_id'             
46 4 'Structure model' '_struct_conn.ptnr2_symmetry'                 
# 
loop_
_software.citation_id 
_software.classification 
_software.compiler_name 
_software.compiler_version 
_software.contact_author 
_software.contact_author_email 
_software.date 
_software.description 
_software.dependencies 
_software.hardware 
_software.language 
_software.location 
_software.mods 
_software.name 
_software.os 
_software.os_version 
_software.type 
_software.version 
_software.pdbx_ordinal 
? refinement       ? ? ? ? ? ? ? ? ? ? ? REFMAC   ? ? ? 5.8.0158 1 
? 'data reduction' ? ? ? ? ? ? ? ? ? ? ? HKL-2000 ? ? ? .        2 
? 'data scaling'   ? ? ? ? ? ? ? ? ? ? ? HKL-2000 ? ? ? .        3 
? phasing          ? ? ? ? ? ? ? ? ? ? ? PHASER   ? ? ? .        4 
# 
loop_
_pdbx_validate_rmsd_bond.id 
_pdbx_validate_rmsd_bond.PDB_model_num 
_pdbx_validate_rmsd_bond.auth_atom_id_1 
_pdbx_validate_rmsd_bond.auth_asym_id_1 
_pdbx_validate_rmsd_bond.auth_comp_id_1 
_pdbx_validate_rmsd_bond.auth_seq_id_1 
_pdbx_validate_rmsd_bond.PDB_ins_code_1 
_pdbx_validate_rmsd_bond.label_alt_id_1 
_pdbx_validate_rmsd_bond.auth_atom_id_2 
_pdbx_validate_rmsd_bond.auth_asym_id_2 
_pdbx_validate_rmsd_bond.auth_comp_id_2 
_pdbx_validate_rmsd_bond.auth_seq_id_2 
_pdbx_validate_rmsd_bond.PDB_ins_code_2 
_pdbx_validate_rmsd_bond.label_alt_id_2 
_pdbx_validate_rmsd_bond.bond_value 
_pdbx_validate_rmsd_bond.bond_target_value 
_pdbx_validate_rmsd_bond.bond_deviation 
_pdbx_validate_rmsd_bond.bond_standard_deviation 
_pdbx_validate_rmsd_bond.linker_flag 
1 1 "O3'" A LCC 2 ? ? P A LCC 3 ? ? 1.681 1.607 0.074 0.012 Y 
2 1 "O3'" B LCC 3 ? ? P B LCG 4 ? ? 1.709 1.607 0.102 0.012 Y 
# 
loop_
_pdbx_validate_rmsd_angle.id 
_pdbx_validate_rmsd_angle.PDB_model_num 
_pdbx_validate_rmsd_angle.auth_atom_id_1 
_pdbx_validate_rmsd_angle.auth_asym_id_1 
_pdbx_validate_rmsd_angle.auth_comp_id_1 
_pdbx_validate_rmsd_angle.auth_seq_id_1 
_pdbx_validate_rmsd_angle.PDB_ins_code_1 
_pdbx_validate_rmsd_angle.label_alt_id_1 
_pdbx_validate_rmsd_angle.auth_atom_id_2 
_pdbx_validate_rmsd_angle.auth_asym_id_2 
_pdbx_validate_rmsd_angle.auth_comp_id_2 
_pdbx_validate_rmsd_angle.auth_seq_id_2 
_pdbx_validate_rmsd_angle.PDB_ins_code_2 
_pdbx_validate_rmsd_angle.label_alt_id_2 
_pdbx_validate_rmsd_angle.auth_atom_id_3 
_pdbx_validate_rmsd_angle.auth_asym_id_3 
_pdbx_validate_rmsd_angle.auth_comp_id_3 
_pdbx_validate_rmsd_angle.auth_seq_id_3 
_pdbx_validate_rmsd_angle.PDB_ins_code_3 
_pdbx_validate_rmsd_angle.label_alt_id_3 
_pdbx_validate_rmsd_angle.angle_value 
_pdbx_validate_rmsd_angle.angle_target_value 
_pdbx_validate_rmsd_angle.angle_deviation 
_pdbx_validate_rmsd_angle.angle_standard_deviation 
_pdbx_validate_rmsd_angle.linker_flag 
1 1 "C3'" A LCC 2 ? ? "O3'" A LCC 2 ? ? P     A LCC 3 ? ? 108.64 119.70 -11.06 1.20 Y 
2 1 "C3'" B LCC 1 ? ? "O3'" B LCC 1 ? ? P     B LCC 2 ? ? 112.42 119.70 -7.28  1.20 Y 
3 1 "O3'" B LCC 1 ? ? P     B LCC 2 ? ? "O5'" B LCC 2 ? ? 118.81 104.00 14.81  1.90 Y 
4 1 "C3'" B LCC 2 ? ? "O3'" B LCC 2 ? ? P     B LCC 3 ? ? 107.26 119.70 -12.44 1.20 Y 
# 
loop_
_chem_comp_atom.comp_id 
_chem_comp_atom.atom_id 
_chem_comp_atom.type_symbol 
_chem_comp_atom.pdbx_aromatic_flag 
_chem_comp_atom.pdbx_stereo_config 
_chem_comp_atom.pdbx_ordinal 
A   OP3    O  N N 1   
A   P      P  N N 2   
A   OP1    O  N N 3   
A   OP2    O  N N 4   
A   "O5'"  O  N N 5   
A   "C5'"  C  N N 6   
A   "C4'"  C  N R 7   
A   "O4'"  O  N N 8   
A   "C3'"  C  N S 9   
A   "O3'"  O  N N 10  
A   "C2'"  C  N R 11  
A   "O2'"  O  N N 12  
A   "C1'"  C  N R 13  
A   N9     N  Y N 14  
A   C8     C  Y N 15  
A   N7     N  Y N 16  
A   C5     C  Y N 17  
A   C6     C  Y N 18  
A   N6     N  N N 19  
A   N1     N  Y N 20  
A   C2     C  Y N 21  
A   N3     N  Y N 22  
A   C4     C  Y N 23  
A   HOP3   H  N N 24  
A   HOP2   H  N N 25  
A   "H5'"  H  N N 26  
A   "H5''" H  N N 27  
A   "H4'"  H  N N 28  
A   "H3'"  H  N N 29  
A   "HO3'" H  N N 30  
A   "H2'"  H  N N 31  
A   "HO2'" H  N N 32  
A   "H1'"  H  N N 33  
A   H8     H  N N 34  
A   H61    H  N N 35  
A   H62    H  N N 36  
A   H2     H  N N 37  
C   OP3    O  N N 38  
C   P      P  N N 39  
C   OP1    O  N N 40  
C   OP2    O  N N 41  
C   "O5'"  O  N N 42  
C   "C5'"  C  N N 43  
C   "C4'"  C  N R 44  
C   "O4'"  O  N N 45  
C   "C3'"  C  N S 46  
C   "O3'"  O  N N 47  
C   "C2'"  C  N R 48  
C   "O2'"  O  N N 49  
C   "C1'"  C  N R 50  
C   N1     N  N N 51  
C   C2     C  N N 52  
C   O2     O  N N 53  
C   N3     N  N N 54  
C   C4     C  N N 55  
C   N4     N  N N 56  
C   C5     C  N N 57  
C   C6     C  N N 58  
C   HOP3   H  N N 59  
C   HOP2   H  N N 60  
C   "H5'"  H  N N 61  
C   "H5''" H  N N 62  
C   "H4'"  H  N N 63  
C   "H3'"  H  N N 64  
C   "HO3'" H  N N 65  
C   "H2'"  H  N N 66  
C   "HO2'" H  N N 67  
C   "H1'"  H  N N 68  
C   H41    H  N N 69  
C   H42    H  N N 70  
C   H5     H  N N 71  
C   H6     H  N N 72  
EQ4 P1     P  N N 73  
EQ4 O1     O  N N 74  
EQ4 O2     O  N N 75  
EQ4 C1     C  N N 76  
EQ4 O3     O  N N 77  
EQ4 C2     C  N R 78  
EQ4 O4     O  N N 79  
EQ4 C3     C  N S 80  
EQ4 O5     O  N N 81  
EQ4 C4     C  N R 82  
EQ4 O6     O  N N 83  
EQ4 C5     C  N R 84  
EQ4 N1     N  N N 85  
EQ4 C6     C  N N 86  
EQ4 N2     N  N N 87  
EQ4 N3     N  N N 88  
EQ4 C7     C  Y N 89  
EQ4 C8     C  Y N 90  
EQ4 C9     C  N N 91  
EQ4 O7     O  N N 92  
EQ4 N4     N  Y N 93  
EQ4 C10    C  Y N 94  
EQ4 N5     N  Y N 95  
EQ4 N6     N  Y N 96  
EQ4 C11    C  Y N 97  
EQ4 C12    C  Y N 98  
EQ4 N7     N  Y N 99  
EQ4 C13    C  Y N 100 
EQ4 N8     N  N N 101 
EQ4 H1     H  N N 102 
EQ4 H2     H  N N 103 
EQ4 H3     H  N N 104 
EQ4 H4     H  N N 105 
EQ4 H5     H  N N 106 
EQ4 H6     H  N N 107 
EQ4 H7     H  N N 108 
EQ4 H8     H  N N 109 
EQ4 H9     H  N N 110 
EQ4 H10    H  N N 111 
EQ4 H11    H  N N 112 
EQ4 H12    H  N N 113 
EQ4 H13    H  N N 114 
EQ4 H14    H  N N 115 
EQ4 H15    H  N N 116 
EQ4 H16    H  N N 117 
EQ4 H17    H  N N 118 
G   OP3    O  N N 119 
G   P      P  N N 120 
G   OP1    O  N N 121 
G   OP2    O  N N 122 
G   "O5'"  O  N N 123 
G   "C5'"  C  N N 124 
G   "C4'"  C  N R 125 
G   "O4'"  O  N N 126 
G   "C3'"  C  N S 127 
G   "O3'"  O  N N 128 
G   "C2'"  C  N R 129 
G   "O2'"  O  N N 130 
G   "C1'"  C  N R 131 
G   N9     N  Y N 132 
G   C8     C  Y N 133 
G   N7     N  Y N 134 
G   C5     C  Y N 135 
G   C6     C  N N 136 
G   O6     O  N N 137 
G   N1     N  N N 138 
G   C2     C  N N 139 
G   N2     N  N N 140 
G   N3     N  N N 141 
G   C4     C  Y N 142 
G   HOP3   H  N N 143 
G   HOP2   H  N N 144 
G   "H5'"  H  N N 145 
G   "H5''" H  N N 146 
G   "H4'"  H  N N 147 
G   "H3'"  H  N N 148 
G   "HO3'" H  N N 149 
G   "H2'"  H  N N 150 
G   "HO2'" H  N N 151 
G   "H1'"  H  N N 152 
G   H8     H  N N 153 
G   H1     H  N N 154 
G   H21    H  N N 155 
G   H22    H  N N 156 
HOH O      O  N N 157 
HOH H1     H  N N 158 
HOH H2     H  N N 159 
LCC "O5'"  O  N N 160 
LCC "C5'"  C  N N 161 
LCC "C4'"  C  N R 162 
LCC "O4'"  O  N N 163 
LCC "C1'"  C  N R 164 
LCC N1     N  N N 165 
LCC C6     C  N N 166 
LCC C5     C  N N 167 
LCC C5M    C  N N 168 
LCC C4     C  N N 169 
LCC N4     N  N N 170 
LCC N3     N  N N 171 
LCC C2     C  N N 172 
LCC O2     O  N N 173 
LCC "C3'"  C  N S 174 
LCC "C2'"  C  N R 175 
LCC "O2'"  O  N N 176 
LCC "O3'"  O  N N 177 
LCC "C6'"  C  N N 178 
LCC P      P  N N 179 
LCC O1P    O  N N 180 
LCC O2P    O  N N 181 
LCC OXT    O  N N 182 
LCC "H5'1" H  N N 183 
LCC "H5'2" H  N N 184 
LCC "H1'"  H  N N 185 
LCC H6     H  N N 186 
LCC H5M1   H  N N 187 
LCC H5M2   H  N N 188 
LCC H5M3   H  N N 189 
LCC H41    H  N N 190 
LCC H42    H  N N 191 
LCC "H3'"  H  N N 192 
LCC "H2'1" H  N N 193 
LCC H3T    H  N N 194 
LCC "H6'1" H  N N 195 
LCC "H6'2" H  N N 196 
LCC H1P    H  N N 197 
LCC HXT    H  N N 198 
LCG P      P  N N 199 
LCG OP1    O  N N 200 
LCG "O5'"  O  N N 201 
LCG "C5'"  C  N N 202 
LCG "C3'"  C  N S 203 
LCG "C6'"  C  N N 204 
LCG N9     N  Y N 205 
LCG C8     C  Y N 206 
LCG C4     C  Y N 207 
LCG N7     N  Y N 208 
LCG C5     C  Y N 209 
LCG C6     C  N N 210 
LCG "C2'"  C  N R 211 
LCG O6     O  N N 212 
LCG "C4'"  C  N R 213 
LCG "C1'"  C  N R 214 
LCG C2     C  N N 215 
LCG N1     N  N N 216 
LCG "O4'"  O  N N 217 
LCG OP2    O  N N 218 
LCG N2     N  N N 219 
LCG N3     N  N N 220 
LCG "O2'"  O  N N 221 
LCG "O3'"  O  N N 222 
LCG OP3    O  N N 223 
LCG "H5'"  H  N N 224 
LCG "H5''" H  N N 225 
LCG "H3'"  H  N N 226 
LCG "H6'1" H  N N 227 
LCG "H6'2" H  N N 228 
LCG H8     H  N N 229 
LCG "H2'"  H  N N 230 
LCG "H1'"  H  N N 231 
LCG H1     H  N N 232 
LCG HOP2   H  N N 233 
LCG H21    H  N N 234 
LCG H22    H  N N 235 
LCG "HO3'" H  N N 236 
LCG HOP3   H  N N 237 
MG  MG     MG N N 238 
U   OP3    O  N N 239 
U   P      P  N N 240 
U   OP1    O  N N 241 
U   OP2    O  N N 242 
U   "O5'"  O  N N 243 
U   "C5'"  C  N N 244 
U   "C4'"  C  N R 245 
U   "O4'"  O  N N 246 
U   "C3'"  C  N S 247 
U   "O3'"  O  N N 248 
U   "C2'"  C  N R 249 
U   "O2'"  O  N N 250 
U   "C1'"  C  N R 251 
U   N1     N  N N 252 
U   C2     C  N N 253 
U   O2     O  N N 254 
U   N3     N  N N 255 
U   C4     C  N N 256 
U   O4     O  N N 257 
U   C5     C  N N 258 
U   C6     C  N N 259 
U   HOP3   H  N N 260 
U   HOP2   H  N N 261 
U   "H5'"  H  N N 262 
U   "H5''" H  N N 263 
U   "H4'"  H  N N 264 
U   "H3'"  H  N N 265 
U   "HO3'" H  N N 266 
U   "H2'"  H  N N 267 
U   "HO2'" H  N N 268 
U   "H1'"  H  N N 269 
U   H3     H  N N 270 
U   H5     H  N N 271 
U   H6     H  N N 272 
# 
loop_
_chem_comp_bond.comp_id 
_chem_comp_bond.atom_id_1 
_chem_comp_bond.atom_id_2 
_chem_comp_bond.value_order 
_chem_comp_bond.pdbx_aromatic_flag 
_chem_comp_bond.pdbx_stereo_config 
_chem_comp_bond.pdbx_ordinal 
A   OP3   P      sing N N 1   
A   OP3   HOP3   sing N N 2   
A   P     OP1    doub N N 3   
A   P     OP2    sing N N 4   
A   P     "O5'"  sing N N 5   
A   OP2   HOP2   sing N N 6   
A   "O5'" "C5'"  sing N N 7   
A   "C5'" "C4'"  sing N N 8   
A   "C5'" "H5'"  sing N N 9   
A   "C5'" "H5''" sing N N 10  
A   "C4'" "O4'"  sing N N 11  
A   "C4'" "C3'"  sing N N 12  
A   "C4'" "H4'"  sing N N 13  
A   "O4'" "C1'"  sing N N 14  
A   "C3'" "O3'"  sing N N 15  
A   "C3'" "C2'"  sing N N 16  
A   "C3'" "H3'"  sing N N 17  
A   "O3'" "HO3'" sing N N 18  
A   "C2'" "O2'"  sing N N 19  
A   "C2'" "C1'"  sing N N 20  
A   "C2'" "H2'"  sing N N 21  
A   "O2'" "HO2'" sing N N 22  
A   "C1'" N9     sing N N 23  
A   "C1'" "H1'"  sing N N 24  
A   N9    C8     sing Y N 25  
A   N9    C4     sing Y N 26  
A   C8    N7     doub Y N 27  
A   C8    H8     sing N N 28  
A   N7    C5     sing Y N 29  
A   C5    C6     sing Y N 30  
A   C5    C4     doub Y N 31  
A   C6    N6     sing N N 32  
A   C6    N1     doub Y N 33  
A   N6    H61    sing N N 34  
A   N6    H62    sing N N 35  
A   N1    C2     sing Y N 36  
A   C2    N3     doub Y N 37  
A   C2    H2     sing N N 38  
A   N3    C4     sing Y N 39  
C   OP3   P      sing N N 40  
C   OP3   HOP3   sing N N 41  
C   P     OP1    doub N N 42  
C   P     OP2    sing N N 43  
C   P     "O5'"  sing N N 44  
C   OP2   HOP2   sing N N 45  
C   "O5'" "C5'"  sing N N 46  
C   "C5'" "C4'"  sing N N 47  
C   "C5'" "H5'"  sing N N 48  
C   "C5'" "H5''" sing N N 49  
C   "C4'" "O4'"  sing N N 50  
C   "C4'" "C3'"  sing N N 51  
C   "C4'" "H4'"  sing N N 52  
C   "O4'" "C1'"  sing N N 53  
C   "C3'" "O3'"  sing N N 54  
C   "C3'" "C2'"  sing N N 55  
C   "C3'" "H3'"  sing N N 56  
C   "O3'" "HO3'" sing N N 57  
C   "C2'" "O2'"  sing N N 58  
C   "C2'" "C1'"  sing N N 59  
C   "C2'" "H2'"  sing N N 60  
C   "O2'" "HO2'" sing N N 61  
C   "C1'" N1     sing N N 62  
C   "C1'" "H1'"  sing N N 63  
C   N1    C2     sing N N 64  
C   N1    C6     sing N N 65  
C   C2    O2     doub N N 66  
C   C2    N3     sing N N 67  
C   N3    C4     doub N N 68  
C   C4    N4     sing N N 69  
C   C4    C5     sing N N 70  
C   N4    H41    sing N N 71  
C   N4    H42    sing N N 72  
C   C5    C6     doub N N 73  
C   C5    H5     sing N N 74  
C   C6    H6     sing N N 75  
EQ4 C12   N7     sing Y N 76  
EQ4 C12   C11    doub Y N 77  
EQ4 N7    C13    doub Y N 78  
EQ4 C11   N6     sing Y N 79  
EQ4 C13   N8     sing N N 80  
EQ4 C13   N6     sing Y N 81  
EQ4 N6    P1     sing N N 82  
EQ4 O2    P1     doub N N 83  
EQ4 O5    C3     sing N N 84  
EQ4 P1    O3     sing N N 85  
EQ4 P1    O1     sing N N 86  
EQ4 O3    C1     sing N N 87  
EQ4 C3    C2     sing N N 88  
EQ4 C3    C4     sing N N 89  
EQ4 O6    C4     sing N N 90  
EQ4 C2    C1     sing N N 91  
EQ4 C2    O4     sing N N 92  
EQ4 C4    C5     sing N N 93  
EQ4 O4    C5     sing N N 94  
EQ4 C5    N5     sing N N 95  
EQ4 C10   N5     sing Y N 96  
EQ4 C10   N4     doub Y N 97  
EQ4 N5    C7     sing Y N 98  
EQ4 N4    C8     sing Y N 99  
EQ4 C7    C8     doub Y N 100 
EQ4 C7    N3     sing N N 101 
EQ4 C8    C9     sing N N 102 
EQ4 N3    C6     doub N N 103 
EQ4 C9    O7     doub N N 104 
EQ4 C9    N1     sing N N 105 
EQ4 C6    N1     sing N N 106 
EQ4 C6    N2     sing N N 107 
EQ4 O1    H1     sing N N 108 
EQ4 C1    H2     sing N N 109 
EQ4 C1    H3     sing N N 110 
EQ4 C2    H4     sing N N 111 
EQ4 C3    H5     sing N N 112 
EQ4 O5    H6     sing N N 113 
EQ4 C4    H7     sing N N 114 
EQ4 O6    H8     sing N N 115 
EQ4 C5    H9     sing N N 116 
EQ4 N1    H10    sing N N 117 
EQ4 N2    H11    sing N N 118 
EQ4 N2    H12    sing N N 119 
EQ4 C10   H13    sing N N 120 
EQ4 C11   H14    sing N N 121 
EQ4 C12   H15    sing N N 122 
EQ4 N8    H16    sing N N 123 
EQ4 N8    H17    sing N N 124 
G   OP3   P      sing N N 125 
G   OP3   HOP3   sing N N 126 
G   P     OP1    doub N N 127 
G   P     OP2    sing N N 128 
G   P     "O5'"  sing N N 129 
G   OP2   HOP2   sing N N 130 
G   "O5'" "C5'"  sing N N 131 
G   "C5'" "C4'"  sing N N 132 
G   "C5'" "H5'"  sing N N 133 
G   "C5'" "H5''" sing N N 134 
G   "C4'" "O4'"  sing N N 135 
G   "C4'" "C3'"  sing N N 136 
G   "C4'" "H4'"  sing N N 137 
G   "O4'" "C1'"  sing N N 138 
G   "C3'" "O3'"  sing N N 139 
G   "C3'" "C2'"  sing N N 140 
G   "C3'" "H3'"  sing N N 141 
G   "O3'" "HO3'" sing N N 142 
G   "C2'" "O2'"  sing N N 143 
G   "C2'" "C1'"  sing N N 144 
G   "C2'" "H2'"  sing N N 145 
G   "O2'" "HO2'" sing N N 146 
G   "C1'" N9     sing N N 147 
G   "C1'" "H1'"  sing N N 148 
G   N9    C8     sing Y N 149 
G   N9    C4     sing Y N 150 
G   C8    N7     doub Y N 151 
G   C8    H8     sing N N 152 
G   N7    C5     sing Y N 153 
G   C5    C6     sing N N 154 
G   C5    C4     doub Y N 155 
G   C6    O6     doub N N 156 
G   C6    N1     sing N N 157 
G   N1    C2     sing N N 158 
G   N1    H1     sing N N 159 
G   C2    N2     sing N N 160 
G   C2    N3     doub N N 161 
G   N2    H21    sing N N 162 
G   N2    H22    sing N N 163 
G   N3    C4     sing N N 164 
HOH O     H1     sing N N 165 
HOH O     H2     sing N N 166 
LCC "O5'" "C5'"  sing N N 167 
LCC "O5'" P      sing N N 168 
LCC "C5'" "C4'"  sing N N 169 
LCC "C5'" "H5'1" sing N N 170 
LCC "C5'" "H5'2" sing N N 171 
LCC "C4'" "O4'"  sing N N 172 
LCC "C4'" "C3'"  sing N N 173 
LCC "C4'" "C6'"  sing N N 174 
LCC "O4'" "C1'"  sing N N 175 
LCC "C1'" N1     sing N N 176 
LCC "C1'" "C2'"  sing N N 177 
LCC "C1'" "H1'"  sing N N 178 
LCC N1    C6     sing N N 179 
LCC N1    C2     sing N N 180 
LCC C6    C5     doub N N 181 
LCC C6    H6     sing N N 182 
LCC C5    C5M    sing N N 183 
LCC C5    C4     sing N N 184 
LCC C5M   H5M1   sing N N 185 
LCC C5M   H5M2   sing N N 186 
LCC C5M   H5M3   sing N N 187 
LCC C4    N4     sing N N 188 
LCC C4    N3     doub N N 189 
LCC N4    H41    sing N N 190 
LCC N4    H42    sing N N 191 
LCC N3    C2     sing N N 192 
LCC C2    O2     doub N N 193 
LCC "C3'" "C2'"  sing N N 194 
LCC "C3'" "O3'"  sing N N 195 
LCC "C3'" "H3'"  sing N N 196 
LCC "C2'" "O2'"  sing N N 197 
LCC "C2'" "H2'1" sing N N 198 
LCC "O2'" "C6'"  sing N N 199 
LCC "O3'" H3T    sing N N 200 
LCC "C6'" "H6'1" sing N N 201 
LCC "C6'" "H6'2" sing N N 202 
LCC P     O1P    sing N N 203 
LCC P     O2P    doub N N 204 
LCC P     OXT    sing N N 205 
LCC O1P   H1P    sing N N 206 
LCC OXT   HXT    sing N N 207 
LCG P     OP1    doub N N 208 
LCG P     "O5'"  sing N N 209 
LCG P     OP2    sing N N 210 
LCG P     OP3    sing N N 211 
LCG "O5'" "C5'"  sing N N 212 
LCG "C5'" "C4'"  sing N N 213 
LCG "C5'" "H5'"  sing N N 214 
LCG "C5'" "H5''" sing N N 215 
LCG "C3'" "C2'"  sing N N 216 
LCG "C3'" "C4'"  sing N N 217 
LCG "C3'" "O3'"  sing N N 218 
LCG "C3'" "H3'"  sing N N 219 
LCG "C6'" "C4'"  sing N N 220 
LCG "C6'" "O2'"  sing N N 221 
LCG "C6'" "H6'1" sing N N 222 
LCG "C6'" "H6'2" sing N N 223 
LCG N9    C8     sing Y N 224 
LCG N9    C4     sing Y N 225 
LCG N9    "C1'"  sing N N 226 
LCG C8    N7     doub Y N 227 
LCG C8    H8     sing N N 228 
LCG C4    C5     doub Y N 229 
LCG C4    N3     sing N N 230 
LCG N7    C5     sing Y N 231 
LCG C5    C6     sing N N 232 
LCG C6    O6     doub N N 233 
LCG C6    N1     sing N N 234 
LCG "C2'" "C1'"  sing N N 235 
LCG "C2'" "O2'"  sing N N 236 
LCG "C2'" "H2'"  sing N N 237 
LCG "C4'" "O4'"  sing N N 238 
LCG "C1'" "O4'"  sing N N 239 
LCG "C1'" "H1'"  sing N N 240 
LCG C2    N1     sing N N 241 
LCG C2    N2     sing N N 242 
LCG C2    N3     doub N N 243 
LCG N1    H1     sing N N 244 
LCG OP2   HOP2   sing N N 245 
LCG N2    H21    sing N N 246 
LCG N2    H22    sing N N 247 
LCG "O3'" "HO3'" sing N N 248 
LCG OP3   HOP3   sing N N 249 
U   OP3   P      sing N N 250 
U   OP3   HOP3   sing N N 251 
U   P     OP1    doub N N 252 
U   P     OP2    sing N N 253 
U   P     "O5'"  sing N N 254 
U   OP2   HOP2   sing N N 255 
U   "O5'" "C5'"  sing N N 256 
U   "C5'" "C4'"  sing N N 257 
U   "C5'" "H5'"  sing N N 258 
U   "C5'" "H5''" sing N N 259 
U   "C4'" "O4'"  sing N N 260 
U   "C4'" "C3'"  sing N N 261 
U   "C4'" "H4'"  sing N N 262 
U   "O4'" "C1'"  sing N N 263 
U   "C3'" "O3'"  sing N N 264 
U   "C3'" "C2'"  sing N N 265 
U   "C3'" "H3'"  sing N N 266 
U   "O3'" "HO3'" sing N N 267 
U   "C2'" "O2'"  sing N N 268 
U   "C2'" "C1'"  sing N N 269 
U   "C2'" "H2'"  sing N N 270 
U   "O2'" "HO2'" sing N N 271 
U   "C1'" N1     sing N N 272 
U   "C1'" "H1'"  sing N N 273 
U   N1    C2     sing N N 274 
U   N1    C6     sing N N 275 
U   C2    O2     doub N N 276 
U   C2    N3     sing N N 277 
U   N3    C4     sing N N 278 
U   N3    H3     sing N N 279 
U   C4    O4     doub N N 280 
U   C4    C5     sing N N 281 
U   C5    C6     doub N N 282 
U   C5    H5     sing N N 283 
U   C6    H6     sing N N 284 
# 
_ndb_struct_conf_na.entry_id   6C8O 
_ndb_struct_conf_na.feature    'a-form double helix' 
# 
loop_
_ndb_struct_na_base_pair.model_number 
_ndb_struct_na_base_pair.i_label_asym_id 
_ndb_struct_na_base_pair.i_label_comp_id 
_ndb_struct_na_base_pair.i_label_seq_id 
_ndb_struct_na_base_pair.i_symmetry 
_ndb_struct_na_base_pair.j_label_asym_id 
_ndb_struct_na_base_pair.j_label_comp_id 
_ndb_struct_na_base_pair.j_label_seq_id 
_ndb_struct_na_base_pair.j_symmetry 
_ndb_struct_na_base_pair.shear 
_ndb_struct_na_base_pair.stretch 
_ndb_struct_na_base_pair.stagger 
_ndb_struct_na_base_pair.buckle 
_ndb_struct_na_base_pair.propeller 
_ndb_struct_na_base_pair.opening 
_ndb_struct_na_base_pair.pair_number 
_ndb_struct_na_base_pair.pair_name 
_ndb_struct_na_base_pair.i_auth_asym_id 
_ndb_struct_na_base_pair.i_auth_seq_id 
_ndb_struct_na_base_pair.i_PDB_ins_code 
_ndb_struct_na_base_pair.j_auth_asym_id 
_ndb_struct_na_base_pair.j_auth_seq_id 
_ndb_struct_na_base_pair.j_PDB_ins_code 
_ndb_struct_na_base_pair.hbond_type_28 
_ndb_struct_na_base_pair.hbond_type_12 
1 A LCG 4  1_555 B C   13 1_555 -0.320 -0.219 -0.015 -3.621 -12.391 -2.456 1  A_LCG4:C13_B A 4  ? B 13 ? 19 1 
1 A A   5  1_555 B U   12 1_555 -0.019 -0.111 -0.021 2.484  -9.790  -1.797 2  A_A5:U12_B   A 5  ? B 12 ? 20 1 
1 A C   6  1_555 B G   11 1_555 0.267  -0.108 0.091  7.083  -15.719 0.217  3  A_C6:G11_B   A 6  ? B 11 ? 19 1 
1 A U   7  1_555 B A   10 1_555 0.124  -0.105 0.059  1.715  -14.122 -1.442 4  A_U7:A10_B   A 7  ? B 10 ? 20 1 
1 A U   8  1_555 B A   9  1_555 -0.141 -0.025 -0.078 1.389  -10.383 7.086  5  A_U8:A9_B    A 8  ? B 9  ? 20 1 
1 A A   9  1_555 B U   8  1_555 0.136  -0.026 -0.100 -2.748 -10.494 6.809  6  A_A9:U8_B    A 9  ? B 8  ? 20 1 
1 A A   10 1_555 B U   7  1_555 -0.128 -0.107 0.083  -0.998 -14.029 -1.463 7  A_A10:U7_B   A 10 ? B 7  ? 20 1 
1 A G   11 1_555 B C   6  1_555 -0.351 -0.125 0.054  -7.359 -15.212 -0.250 8  A_G11:C6_B   A 11 ? B 6  ? 19 1 
1 A U   12 1_555 B A   5  1_555 0.131  -0.108 -0.065 -2.587 -8.787  -1.297 9  A_U12:A5_B   A 12 ? B 5  ? 20 1 
1 A C   13 1_555 B LCG 4  1_555 0.243  -0.202 0.045  2.445  -12.731 -1.994 10 A_C13:LCG4_B A 13 ? B 4  ? 19 1 
# 
loop_
_ndb_struct_na_base_pair_step.model_number 
_ndb_struct_na_base_pair_step.i_label_asym_id_1 
_ndb_struct_na_base_pair_step.i_label_comp_id_1 
_ndb_struct_na_base_pair_step.i_label_seq_id_1 
_ndb_struct_na_base_pair_step.i_symmetry_1 
_ndb_struct_na_base_pair_step.j_label_asym_id_1 
_ndb_struct_na_base_pair_step.j_label_comp_id_1 
_ndb_struct_na_base_pair_step.j_label_seq_id_1 
_ndb_struct_na_base_pair_step.j_symmetry_1 
_ndb_struct_na_base_pair_step.i_label_asym_id_2 
_ndb_struct_na_base_pair_step.i_label_comp_id_2 
_ndb_struct_na_base_pair_step.i_label_seq_id_2 
_ndb_struct_na_base_pair_step.i_symmetry_2 
_ndb_struct_na_base_pair_step.j_label_asym_id_2 
_ndb_struct_na_base_pair_step.j_label_comp_id_2 
_ndb_struct_na_base_pair_step.j_label_seq_id_2 
_ndb_struct_na_base_pair_step.j_symmetry_2 
_ndb_struct_na_base_pair_step.shift 
_ndb_struct_na_base_pair_step.slide 
_ndb_struct_na_base_pair_step.rise 
_ndb_struct_na_base_pair_step.tilt 
_ndb_struct_na_base_pair_step.roll 
_ndb_struct_na_base_pair_step.twist 
_ndb_struct_na_base_pair_step.x_displacement 
_ndb_struct_na_base_pair_step.y_displacement 
_ndb_struct_na_base_pair_step.helical_rise 
_ndb_struct_na_base_pair_step.inclination 
_ndb_struct_na_base_pair_step.tip 
_ndb_struct_na_base_pair_step.helical_twist 
_ndb_struct_na_base_pair_step.step_number 
_ndb_struct_na_base_pair_step.step_name 
_ndb_struct_na_base_pair_step.i_auth_asym_id_1 
_ndb_struct_na_base_pair_step.i_auth_seq_id_1 
_ndb_struct_na_base_pair_step.i_PDB_ins_code_1 
_ndb_struct_na_base_pair_step.j_auth_asym_id_1 
_ndb_struct_na_base_pair_step.j_auth_seq_id_1 
_ndb_struct_na_base_pair_step.j_PDB_ins_code_1 
_ndb_struct_na_base_pair_step.i_auth_asym_id_2 
_ndb_struct_na_base_pair_step.i_auth_seq_id_2 
_ndb_struct_na_base_pair_step.i_PDB_ins_code_2 
_ndb_struct_na_base_pair_step.j_auth_asym_id_2 
_ndb_struct_na_base_pair_step.j_auth_seq_id_2 
_ndb_struct_na_base_pair_step.j_PDB_ins_code_2 
1 A LCG 4  1_555 B C 13 1_555 A A 5  1_555 B U   12 1_555 -0.418 -1.485 3.138 -0.347 4.808  34.653 -3.144 0.647  2.916 8.023  
0.579  34.977 1 AA_LCG4A5:U12C13_BB A 4  ? B 13 ? A 5  ? B 12 ? 
1 A A   5  1_555 B U 12 1_555 A C 6  1_555 B G   11 1_555 0.525  -1.627 3.153 0.297  4.799  32.942 -3.584 -0.870 2.898 8.407  
-0.521 33.282 2 AA_A5C6:G11U12_BB   A 5  ? B 12 ? A 6  ? B 11 ? 
1 A C   6  1_555 B G 11 1_555 A U 7  1_555 B A   10 1_555 -0.613 -1.821 3.301 -1.305 10.528 30.050 -5.095 0.898  2.557 19.555 
2.424  31.827 3 AA_C6U7:A10G11_BB   A 6  ? B 11 ? A 7  ? B 10 ? 
1 A U   7  1_555 B A 10 1_555 A U 8  1_555 B A   9  1_555 0.300  -1.151 3.303 -0.290 8.133  29.132 -3.797 -0.633 2.881 15.784 
0.563  30.224 4 AA_U7U8:A9A10_BB    A 7  ? B 10 ? A 8  ? B 9  ? 
1 A U   8  1_555 B A 9  1_555 A A 9  1_555 B U   8  1_555 -0.013 -1.370 3.292 0.033  18.737 32.713 -4.340 0.024  2.214 30.363 
-0.053 37.571 5 AA_U8A9:U8A9_BB     A 8  ? B 9  ? A 9  ? B 8  ? 
1 A A   9  1_555 B U 8  1_555 A A 10 1_555 B U   7  1_555 -0.304 -1.156 3.243 -0.126 7.798  29.056 -3.743 0.561  2.845 15.199 
0.246  30.063 6 AA_A9A10:U7U8_BB    A 9  ? B 8  ? A 10 ? B 7  ? 
1 A A   10 1_555 B U 7  1_555 A G 11 1_555 B C   6  1_555 0.598  -1.819 3.328 1.294  10.829 30.064 -5.130 -0.870 2.559 20.064 
-2.398 31.938 7 AA_A10G11:C6U7_BB   A 10 ? B 7  ? A 11 ? B 6  ? 
1 A G   11 1_555 B C 6  1_555 A U 12 1_555 B A   5  1_555 -0.527 -1.630 3.147 -0.243 5.053  33.581 -3.542 0.867  2.882 8.685  
0.417  33.949 8 AA_G11U12:A5C6_BB   A 11 ? B 6  ? A 12 ? B 5  ? 
1 A U   12 1_555 B A 5  1_555 A C 13 1_555 B LCG 4  1_555 0.400  -1.459 3.167 -0.492 4.139  33.964 -3.095 -0.754 2.968 7.052  
0.839  34.212 9 AA_U12C13:LCG4A5_BB A 12 ? B 5  ? A 13 ? B 4  ? 
# 
_pdbx_audit_support.funding_organization   'Howard Hughes Medical Institute (HHMI)' 
_pdbx_audit_support.country                'United States' 
_pdbx_audit_support.grant_number           ? 
_pdbx_audit_support.ordinal                1 
# 
loop_
_pdbx_entity_nonpoly.entity_id 
_pdbx_entity_nonpoly.name 
_pdbx_entity_nonpoly.comp_id 
2 "5'-O-[(R)-(2-amino-1H-imidazol-1-yl)(hydroxy)phosphoryl]guanosine" EQ4 
3 'MAGNESIUM ION'                                                     MG  
4 water                                                               HOH 
# 
_pdbx_initial_refinement_model.id               1 
_pdbx_initial_refinement_model.entity_id_list   ? 
_pdbx_initial_refinement_model.type             'experimental model' 
_pdbx_initial_refinement_model.source_name      PDB 
_pdbx_initial_refinement_model.accession_code   5DHC 
_pdbx_initial_refinement_model.details          ? 
# 
_pdbx_struct_assembly_auth_evidence.id                     1 
_pdbx_struct_assembly_auth_evidence.assembly_id            1 
_pdbx_struct_assembly_auth_evidence.experimental_support   none 
_pdbx_struct_assembly_auth_evidence.details                ? 
# 
